data_9H1P
#
_entry.id   9H1P
#
loop_
_entity.id
_entity.type
_entity.pdbx_description
1 polymer 'Gag polyprotein'
2 polymer 'Gag polyprotein'
#
loop_
_entity_poly.entity_id
_entity_poly.type
_entity_poly.pdbx_seq_one_letter_code
_entity_poly.pdbx_strand_id
1 'polypeptide(L)'
;GARASVLSGGELDKWEKIRLRPGGKKQYKLKHIVWASRELERFAVNPGLLETSEGCRQILGQLQPSLQTGSEELRSLYNT
IAVLYCVHQRIDVKDTKEALDKIEEEQNKSKKKAQQAAADTGNNSQVSQNY
;
A,C,E,G,I,K,M,O,Q,S,U,W
2 'polypeptide(L)' FLGKIWPSHKGRPGNF B,D,F,H,J,L,N,P,R,T,V,X
#
# COMPACT_ATOMS: atom_id res chain seq x y z
N ALA A 4 1.69 4.06 -29.38
CA ALA A 4 0.66 3.61 -28.45
C ALA A 4 0.50 4.61 -27.30
N SER A 5 0.51 5.90 -27.62
CA SER A 5 0.33 6.92 -26.61
C SER A 5 -1.07 6.81 -26.00
N VAL A 6 -1.20 7.28 -24.76
CA VAL A 6 -2.51 7.28 -24.10
C VAL A 6 -3.46 8.25 -24.79
N LEU A 7 -2.98 9.43 -25.15
CA LEU A 7 -3.79 10.46 -25.79
C LEU A 7 -3.80 10.32 -27.31
N SER A 8 -4.87 10.81 -27.92
CA SER A 8 -4.90 11.08 -29.36
C SER A 8 -4.04 12.31 -29.65
N GLY A 9 -3.74 12.55 -30.93
CA GLY A 9 -3.03 13.76 -31.31
C GLY A 9 -3.76 15.05 -30.97
N GLY A 10 -5.10 15.05 -31.03
CA GLY A 10 -5.85 16.23 -30.63
C GLY A 10 -5.85 16.47 -29.13
N GLU A 11 -6.02 15.42 -28.34
CA GLU A 11 -5.97 15.60 -26.90
C GLU A 11 -4.55 15.87 -26.44
N LEU A 12 -3.54 15.33 -27.12
CA LEU A 12 -2.16 15.69 -26.85
C LEU A 12 -1.89 17.16 -27.16
N ASP A 13 -2.49 17.68 -28.25
CA ASP A 13 -2.38 19.10 -28.55
C ASP A 13 -3.12 19.98 -27.56
N LYS A 14 -4.10 19.44 -26.86
CA LYS A 14 -4.63 20.12 -25.67
C LYS A 14 -3.65 20.03 -24.51
N TRP A 15 -3.18 18.81 -24.22
CA TRP A 15 -2.32 18.52 -23.08
C TRP A 15 -1.07 19.39 -23.04
N GLU A 16 -0.33 19.45 -24.14
CA GLU A 16 0.90 20.24 -24.19
C GLU A 16 0.69 21.71 -23.87
N LYS A 17 -0.50 22.25 -24.12
CA LYS A 17 -0.77 23.64 -23.73
C LYS A 17 -0.86 23.84 -22.22
N ILE A 18 -1.32 22.83 -21.46
CA ILE A 18 -1.58 23.05 -20.04
C ILE A 18 -0.26 23.30 -19.31
N ARG A 19 -0.26 24.28 -18.40
CA ARG A 19 0.92 24.66 -17.64
C ARG A 19 0.92 24.06 -16.24
N LEU A 20 2.11 23.74 -15.76
CA LEU A 20 2.27 22.99 -14.50
C LEU A 20 1.76 23.78 -13.30
N ARG A 21 2.11 25.06 -13.21
CA ARG A 21 1.69 25.89 -12.10
C ARG A 21 0.84 27.06 -12.57
N PRO A 22 -0.11 27.52 -11.75
CA PRO A 22 -1.15 28.42 -12.26
C PRO A 22 -0.61 29.69 -12.88
N GLY A 23 0.49 30.23 -12.36
CA GLY A 23 1.13 31.39 -12.93
C GLY A 23 2.39 31.09 -13.72
N GLY A 24 2.72 29.82 -13.94
CA GLY A 24 4.04 29.45 -14.41
C GLY A 24 4.19 29.56 -15.93
N LYS A 25 5.45 29.46 -16.36
CA LYS A 25 5.80 29.39 -17.77
C LYS A 25 5.92 27.97 -18.30
N LYS A 26 6.14 26.99 -17.43
CA LYS A 26 6.41 25.62 -17.85
C LYS A 26 5.15 24.88 -18.26
N GLN A 27 5.17 24.32 -19.47
CA GLN A 27 4.08 23.50 -19.99
C GLN A 27 4.27 22.05 -19.58
N TYR A 28 3.16 21.30 -19.60
CA TYR A 28 3.19 19.84 -19.66
C TYR A 28 3.80 19.32 -20.96
N LYS A 29 4.34 18.10 -20.87
CA LYS A 29 4.94 17.41 -22.00
C LYS A 29 4.50 15.95 -22.01
N LEU A 30 4.71 15.29 -23.15
CA LEU A 30 4.38 13.87 -23.29
C LEU A 30 5.18 13.00 -22.31
N LYS A 31 6.44 13.36 -22.07
CA LYS A 31 7.27 12.57 -21.15
C LYS A 31 6.68 12.50 -19.75
N HIS A 32 5.86 13.49 -19.35
CA HIS A 32 5.21 13.39 -18.05
C HIS A 32 4.15 12.30 -18.02
N ILE A 33 3.47 12.06 -19.15
CA ILE A 33 2.56 10.93 -19.24
C ILE A 33 3.34 9.63 -19.24
N VAL A 34 4.47 9.61 -19.95
CA VAL A 34 5.30 8.40 -20.00
C VAL A 34 5.79 8.04 -18.60
N TRP A 35 6.33 9.03 -17.89
CA TRP A 35 6.76 8.84 -16.50
C TRP A 35 5.62 8.36 -15.61
N ALA A 36 4.43 8.97 -15.72
CA ALA A 36 3.31 8.51 -14.90
C ALA A 36 2.96 7.06 -15.17
N SER A 37 2.94 6.66 -16.45
CA SER A 37 2.66 5.27 -16.79
C SER A 37 3.74 4.33 -16.30
N ARG A 38 4.99 4.80 -16.25
CA ARG A 38 6.09 4.01 -15.72
C ARG A 38 6.13 3.97 -14.20
N GLU A 39 5.54 4.96 -13.54
CA GLU A 39 5.47 5.01 -12.08
C GLU A 39 4.32 4.19 -11.51
N LEU A 40 3.19 4.13 -12.22
CA LEU A 40 2.06 3.34 -11.70
C LEU A 40 2.40 1.88 -11.46
N GLU A 41 3.32 1.30 -12.23
CA GLU A 41 3.71 -0.08 -12.01
C GLU A 41 4.57 -0.29 -10.76
N ARG A 42 5.10 0.78 -10.16
CA ARG A 42 5.71 0.65 -8.83
C ARG A 42 4.66 0.38 -7.76
N PHE A 43 3.54 1.10 -7.81
CA PHE A 43 2.42 0.88 -6.90
C PHE A 43 1.62 -0.37 -7.23
N ALA A 44 2.00 -1.10 -8.28
CA ALA A 44 1.24 -2.25 -8.78
C ALA A 44 -0.21 -1.89 -9.11
N VAL A 45 -0.40 -0.69 -9.66
CA VAL A 45 -1.68 -0.28 -10.24
C VAL A 45 -1.64 -0.63 -11.72
N ASN A 46 -2.79 -0.99 -12.27
CA ASN A 46 -2.89 -1.38 -13.67
C ASN A 46 -2.74 -0.16 -14.57
N PRO A 47 -1.66 -0.04 -15.34
CA PRO A 47 -1.46 1.18 -16.15
C PRO A 47 -2.45 1.33 -17.30
N GLY A 48 -3.22 0.29 -17.64
CA GLY A 48 -4.18 0.41 -18.71
C GLY A 48 -5.38 1.26 -18.37
N LEU A 49 -5.60 1.52 -17.08
CA LEU A 49 -6.69 2.39 -16.65
C LEU A 49 -6.47 3.85 -17.04
N LEU A 50 -5.22 4.24 -17.35
CA LEU A 50 -4.95 5.60 -17.82
C LEU A 50 -5.64 5.93 -19.13
N GLU A 51 -6.20 4.95 -19.82
CA GLU A 51 -6.74 5.16 -21.17
C GLU A 51 -8.19 5.63 -21.16
N THR A 52 -8.86 5.61 -20.01
CA THR A 52 -10.26 6.00 -19.92
C THR A 52 -10.44 6.96 -18.74
N SER A 53 -11.45 7.81 -18.86
CA SER A 53 -11.77 8.74 -17.78
C SER A 53 -12.22 8.01 -16.52
N GLU A 54 -12.93 6.89 -16.69
CA GLU A 54 -13.30 6.07 -15.54
C GLU A 54 -12.07 5.44 -14.89
N GLY A 55 -11.12 4.97 -15.70
CA GLY A 55 -9.90 4.42 -15.13
C GLY A 55 -9.09 5.47 -14.38
N CYS A 56 -9.02 6.68 -14.92
CA CYS A 56 -8.32 7.76 -14.23
C CYS A 56 -9.00 8.09 -12.91
N ARG A 57 -10.34 8.13 -12.91
CA ARG A 57 -11.07 8.36 -11.67
C ARG A 57 -10.82 7.26 -10.65
N GLN A 58 -10.64 6.01 -11.11
CA GLN A 58 -10.39 4.91 -10.19
C GLN A 58 -8.99 4.97 -9.62
N ILE A 59 -7.99 5.28 -10.45
CA ILE A 59 -6.63 5.43 -9.95
C ILE A 59 -6.57 6.57 -8.93
N LEU A 60 -7.21 7.70 -9.23
CA LEU A 60 -7.26 8.80 -8.28
C LEU A 60 -7.91 8.38 -6.96
N GLY A 61 -9.03 7.67 -7.03
CA GLY A 61 -9.68 7.19 -5.81
C GLY A 61 -8.83 6.22 -5.01
N GLN A 62 -7.92 5.51 -5.65
CA GLN A 62 -7.02 4.63 -4.93
C GLN A 62 -5.78 5.33 -4.36
N LEU A 63 -5.23 6.30 -5.10
CA LEU A 63 -4.10 7.10 -4.61
C LEU A 63 -4.48 8.10 -3.53
N GLN A 64 -5.71 8.63 -3.53
CA GLN A 64 -6.08 9.75 -2.66
C GLN A 64 -5.76 9.57 -1.18
N PRO A 65 -6.08 8.45 -0.51
CA PRO A 65 -5.77 8.37 0.93
C PRO A 65 -4.29 8.40 1.27
N SER A 66 -3.39 8.17 0.32
CA SER A 66 -1.95 8.24 0.57
C SER A 66 -1.37 9.65 0.41
N LEU A 67 -2.18 10.64 0.03
CA LEU A 67 -1.66 11.98 -0.25
C LEU A 67 -1.20 12.69 1.01
N GLN A 68 -1.95 12.53 2.10
CA GLN A 68 -1.71 13.31 3.32
C GLN A 68 -0.26 13.19 3.77
N THR A 69 0.32 11.99 3.65
CA THR A 69 1.72 11.76 3.99
C THR A 69 2.56 11.47 2.76
N GLY A 70 2.02 11.69 1.57
CA GLY A 70 2.65 11.22 0.36
C GLY A 70 3.90 12.00 -0.03
N SER A 71 4.85 11.26 -0.60
CA SER A 71 6.09 11.82 -1.12
C SER A 71 5.86 12.69 -2.35
N GLU A 72 6.91 13.43 -2.73
CA GLU A 72 6.88 14.25 -3.93
C GLU A 72 6.46 13.46 -5.17
N GLU A 73 6.90 12.21 -5.27
CA GLU A 73 6.56 11.39 -6.43
C GLU A 73 5.08 11.03 -6.45
N LEU A 74 4.51 10.73 -5.30
CA LEU A 74 3.09 10.41 -5.24
C LEU A 74 2.24 11.65 -5.51
N ARG A 75 2.62 12.81 -4.96
CA ARG A 75 1.87 14.04 -5.27
C ARG A 75 1.97 14.41 -6.75
N SER A 76 3.15 14.25 -7.35
CA SER A 76 3.31 14.53 -8.78
C SER A 76 2.47 13.58 -9.63
N LEU A 77 2.44 12.30 -9.27
CA LEU A 77 1.64 11.34 -10.00
C LEU A 77 0.14 11.62 -9.85
N TYR A 78 -0.30 11.95 -8.64
CA TYR A 78 -1.70 12.28 -8.44
C TYR A 78 -2.12 13.50 -9.26
N ASN A 79 -1.29 14.55 -9.25
CA ASN A 79 -1.65 15.75 -10.02
C ASN A 79 -1.63 15.50 -11.52
N THR A 80 -0.67 14.70 -12.01
CA THR A 80 -0.62 14.35 -13.42
C THR A 80 -1.86 13.56 -13.85
N ILE A 81 -2.27 12.59 -13.04
CA ILE A 81 -3.45 11.80 -13.38
C ILE A 81 -4.73 12.63 -13.23
N ALA A 82 -4.76 13.60 -12.33
CA ALA A 82 -5.89 14.53 -12.28
C ALA A 82 -6.00 15.33 -13.58
N VAL A 83 -4.89 15.85 -14.07
CA VAL A 83 -4.92 16.61 -15.32
C VAL A 83 -5.31 15.71 -16.49
N LEU A 84 -4.80 14.48 -16.52
CA LEU A 84 -5.15 13.55 -17.59
C LEU A 84 -6.63 13.16 -17.55
N TYR A 85 -7.19 13.03 -16.34
CA TYR A 85 -8.65 12.87 -16.21
C TYR A 85 -9.40 14.05 -16.80
N CYS A 86 -8.95 15.27 -16.51
CA CYS A 86 -9.62 16.45 -17.07
C CYS A 86 -9.51 16.50 -18.59
N VAL A 87 -8.35 16.13 -19.14
CA VAL A 87 -8.20 16.03 -20.59
C VAL A 87 -9.13 14.98 -21.20
N HIS A 88 -9.27 13.83 -20.55
CA HIS A 88 -10.22 12.83 -21.05
C HIS A 88 -11.67 13.26 -20.90
N GLN A 89 -12.01 14.00 -19.85
CA GLN A 89 -13.31 14.64 -19.82
C GLN A 89 -13.41 15.80 -20.80
N ARG A 90 -12.30 16.17 -21.44
CA ARG A 90 -12.22 17.32 -22.35
C ARG A 90 -12.70 18.61 -21.69
N ILE A 91 -12.43 18.75 -20.40
CA ILE A 91 -12.64 20.01 -19.70
C ILE A 91 -11.48 20.92 -20.03
N ASP A 92 -11.78 22.17 -20.39
CA ASP A 92 -10.76 23.10 -20.86
C ASP A 92 -10.04 23.77 -19.69
N VAL A 93 -9.49 22.94 -18.80
CA VAL A 93 -8.69 23.42 -17.69
C VAL A 93 -7.37 23.98 -18.22
N LYS A 94 -6.87 25.02 -17.55
CA LYS A 94 -5.63 25.66 -17.95
C LYS A 94 -4.43 25.32 -17.06
N ASP A 95 -4.66 24.81 -15.86
CA ASP A 95 -3.56 24.49 -14.94
C ASP A 95 -3.96 23.38 -13.99
N THR A 96 -2.96 22.87 -13.25
CA THR A 96 -3.22 21.80 -12.30
C THR A 96 -4.19 22.21 -11.20
N LYS A 97 -4.20 23.47 -10.80
CA LYS A 97 -5.10 23.86 -9.73
C LYS A 97 -6.54 23.92 -10.24
N GLU A 98 -6.73 24.36 -11.48
CA GLU A 98 -8.03 24.24 -12.12
C GLU A 98 -8.47 22.78 -12.22
N ALA A 99 -7.57 21.89 -12.66
CA ALA A 99 -7.90 20.47 -12.73
C ALA A 99 -8.32 19.91 -11.38
N LEU A 100 -7.58 20.25 -10.32
CA LEU A 100 -7.92 19.76 -8.99
C LEU A 100 -9.24 20.34 -8.49
N ASP A 101 -9.51 21.62 -8.76
CA ASP A 101 -10.81 22.19 -8.37
C ASP A 101 -11.96 21.52 -9.13
N LYS A 102 -11.76 21.29 -10.43
CA LYS A 102 -12.77 20.60 -11.24
C LYS A 102 -13.08 19.22 -10.66
N ILE A 103 -12.06 18.49 -10.21
CA ILE A 103 -12.31 17.17 -9.64
C ILE A 103 -12.93 17.28 -8.26
N GLU A 104 -12.49 18.25 -7.46
CA GLU A 104 -13.05 18.42 -6.11
C GLU A 104 -14.52 18.78 -6.16
N GLU A 105 -14.94 19.54 -7.19
CA GLU A 105 -16.34 19.91 -7.32
C GLU A 105 -17.24 18.68 -7.45
N GLU A 106 -16.72 17.58 -8.00
CA GLU A 106 -17.51 16.36 -8.12
C GLU A 106 -17.80 15.72 -6.77
N GLN A 107 -16.96 15.96 -5.76
CA GLN A 107 -17.14 15.32 -4.46
C GLN A 107 -18.35 15.89 -3.73
N LYS B 10 15.31 12.59 -14.13
CA LYS B 10 14.35 11.57 -13.71
C LYS B 10 13.11 11.60 -14.61
N GLY B 11 12.34 12.69 -14.53
CA GLY B 11 11.23 12.86 -15.42
C GLY B 11 9.95 13.38 -14.78
N ARG B 12 9.89 13.40 -13.45
CA ARG B 12 8.66 13.82 -12.78
C ARG B 12 8.45 15.32 -12.96
N PRO B 13 7.20 15.74 -13.17
CA PRO B 13 6.89 17.18 -13.25
C PRO B 13 6.87 17.89 -11.91
N GLY B 14 7.13 19.19 -11.97
CA GLY B 14 6.98 20.08 -10.84
C GLY B 14 5.54 20.47 -10.56
N ASN B 15 4.65 19.49 -10.46
CA ASN B 15 3.22 19.77 -10.41
C ASN B 15 2.82 20.50 -9.14
N PHE B 16 3.48 20.23 -8.03
CA PHE B 16 2.90 20.52 -6.72
C PHE B 16 3.65 21.70 -6.08
N ALA C 4 22.35 16.91 9.72
CA ALA C 4 20.91 17.09 9.55
C ALA C 4 20.14 15.95 10.22
N SER C 5 20.57 15.57 11.41
CA SER C 5 19.88 14.52 12.15
C SER C 5 18.48 14.97 12.52
N VAL C 6 17.58 14.00 12.70
CA VAL C 6 16.21 14.30 13.10
C VAL C 6 16.17 14.87 14.50
N LEU C 7 16.95 14.29 15.42
CA LEU C 7 16.99 14.72 16.82
C LEU C 7 18.03 15.80 17.05
N SER C 8 17.79 16.62 18.08
CA SER C 8 18.82 17.46 18.66
C SER C 8 19.81 16.60 19.44
N GLY C 9 20.95 17.19 19.81
CA GLY C 9 21.89 16.46 20.66
C GLY C 9 21.35 16.06 22.02
N GLY C 10 20.46 16.86 22.59
CA GLY C 10 19.83 16.49 23.86
C GLY C 10 18.82 15.37 23.72
N GLU C 11 17.99 15.43 22.69
CA GLU C 11 17.04 14.34 22.49
C GLU C 11 17.75 13.09 22.01
N LEU C 12 18.85 13.22 21.27
CA LEU C 12 19.67 12.06 20.94
C LEU C 12 20.30 11.44 22.18
N ASP C 13 20.72 12.27 23.14
CA ASP C 13 21.23 11.77 24.41
C ASP C 13 20.15 11.11 25.26
N LYS C 14 18.89 11.47 25.04
CA LYS C 14 17.79 10.66 25.59
C LYS C 14 17.64 9.35 24.81
N TRP C 15 17.58 9.45 23.49
CA TRP C 15 17.34 8.31 22.59
C TRP C 15 18.31 7.16 22.81
N GLU C 16 19.61 7.45 22.82
CA GLU C 16 20.62 6.41 22.98
C GLU C 16 20.47 5.64 24.29
N LYS C 17 19.90 6.24 25.33
CA LYS C 17 19.65 5.48 26.56
C LYS C 17 18.55 4.44 26.42
N ILE C 18 17.55 4.66 25.57
CA ILE C 18 16.40 3.75 25.53
C ILE C 18 16.84 2.38 25.01
N ARG C 19 16.35 1.33 25.66
CA ARG C 19 16.70 -0.05 25.32
C ARG C 19 15.62 -0.72 24.47
N LEU C 20 16.05 -1.57 23.55
CA LEU C 20 15.18 -2.17 22.55
C LEU C 20 14.09 -3.05 23.17
N ARG C 21 14.47 -3.89 24.12
CA ARG C 21 13.53 -4.79 24.77
C ARG C 21 13.45 -4.52 26.28
N PRO C 22 12.27 -4.72 26.87
CA PRO C 22 12.04 -4.21 28.23
C PRO C 22 13.06 -4.69 29.25
N GLY C 23 13.54 -5.92 29.13
CA GLY C 23 14.56 -6.44 30.01
C GLY C 23 15.94 -6.50 29.39
N GLY C 24 16.13 -5.96 28.18
CA GLY C 24 17.32 -6.24 27.42
C GLY C 24 18.50 -5.36 27.80
N LYS C 25 19.67 -5.74 27.28
CA LYS C 25 20.90 -4.97 27.40
C LYS C 25 21.14 -4.02 26.23
N LYS C 26 20.54 -4.28 25.07
CA LYS C 26 20.80 -3.53 23.85
C LYS C 26 20.11 -2.18 23.85
N GLN C 27 20.88 -1.12 23.63
CA GLN C 27 20.37 0.24 23.50
C GLN C 27 19.98 0.52 22.04
N TYR C 28 19.12 1.52 21.87
CA TYR C 28 18.96 2.21 20.60
C TYR C 28 20.22 2.98 20.19
N LYS C 29 20.34 3.18 18.88
CA LYS C 29 21.46 3.91 18.28
C LYS C 29 20.93 4.84 17.19
N LEU C 30 21.77 5.79 16.79
CA LEU C 30 21.43 6.72 15.72
C LEU C 30 21.16 6.01 14.39
N LYS C 31 21.93 4.95 14.11
CA LYS C 31 21.73 4.22 12.86
C LYS C 31 20.32 3.65 12.72
N HIS C 32 19.64 3.41 13.84
CA HIS C 32 18.25 2.95 13.73
C HIS C 32 17.33 4.05 13.22
N ILE C 33 17.61 5.31 13.57
CA ILE C 33 16.87 6.41 12.98
C ILE C 33 17.22 6.57 11.52
N VAL C 34 18.50 6.40 11.19
CA VAL C 34 18.92 6.52 9.78
C VAL C 34 18.22 5.46 8.93
N TRP C 35 18.25 4.21 9.40
CA TRP C 35 17.55 3.12 8.73
C TRP C 35 16.05 3.39 8.59
N ALA C 36 15.40 3.87 9.65
CA ALA C 36 13.97 4.18 9.55
C ALA C 36 13.70 5.25 8.49
N SER C 37 14.53 6.29 8.44
CA SER C 37 14.35 7.33 7.44
C SER C 37 14.62 6.80 6.04
N ARG C 38 15.52 5.83 5.90
CA ARG C 38 15.80 5.20 4.62
C ARG C 38 14.75 4.17 4.21
N GLU C 39 14.02 3.63 5.17
CA GLU C 39 12.96 2.66 4.90
C GLU C 39 11.64 3.32 4.55
N LEU C 40 11.34 4.48 5.14
CA LEU C 40 10.07 5.14 4.82
C LEU C 40 9.91 5.47 3.34
N GLU C 41 11.01 5.71 2.63
CA GLU C 41 10.91 5.98 1.19
C GLU C 41 10.60 4.74 0.35
N ARG C 42 10.71 3.53 0.92
CA ARG C 42 10.18 2.35 0.24
C ARG C 42 8.66 2.36 0.20
N PHE C 43 8.02 2.71 1.32
CA PHE C 43 6.58 2.85 1.39
C PHE C 43 6.06 4.11 0.72
N ALA C 44 6.95 4.94 0.16
CA ALA C 44 6.60 6.25 -0.40
C ALA C 44 5.88 7.14 0.61
N VAL C 45 6.31 7.06 1.87
CA VAL C 45 5.89 7.99 2.90
C VAL C 45 6.90 9.14 2.92
N ASN C 46 6.44 10.34 3.23
CA ASN C 46 7.30 11.51 3.26
C ASN C 46 8.22 11.47 4.47
N PRO C 47 9.53 11.30 4.30
CA PRO C 47 10.43 11.18 5.46
C PRO C 47 10.57 12.44 6.28
N GLY C 48 10.12 13.60 5.78
CA GLY C 48 10.22 14.83 6.55
C GLY C 48 9.27 14.89 7.72
N LEU C 49 8.25 14.04 7.74
CA LEU C 49 7.33 13.97 8.87
C LEU C 49 7.98 13.43 10.15
N LEU C 50 9.12 12.75 10.03
CA LEU C 50 9.84 12.28 11.21
C LEU C 50 10.33 13.40 12.11
N GLU C 51 10.28 14.65 11.64
CA GLU C 51 10.89 15.76 12.37
C GLU C 51 9.95 16.38 13.39
N THR C 52 8.67 16.00 13.40
CA THR C 52 7.69 16.56 14.31
C THR C 52 6.89 15.45 14.95
N SER C 53 6.38 15.71 16.15
CA SER C 53 5.55 14.74 16.85
C SER C 53 4.25 14.50 16.11
N GLU C 54 3.70 15.54 15.48
CA GLU C 54 2.52 15.35 14.65
C GLU C 54 2.82 14.50 13.43
N GLY C 55 3.98 14.71 12.79
CA GLY C 55 4.34 13.87 11.67
C GLY C 55 4.54 12.41 12.06
N CYS C 56 5.15 12.18 13.22
CA CYS C 56 5.31 10.82 13.70
C CYS C 56 3.95 10.17 13.97
N ARG C 57 3.03 10.92 14.57
CA ARG C 57 1.68 10.41 14.80
C ARG C 57 0.98 10.08 13.49
N GLN C 58 1.24 10.87 12.44
CA GLN C 58 0.59 10.62 11.16
C GLN C 58 1.18 9.38 10.47
N ILE C 59 2.50 9.23 10.51
CA ILE C 59 3.12 8.03 9.94
C ILE C 59 2.62 6.79 10.67
N LEU C 60 2.56 6.84 12.00
CA LEU C 60 2.03 5.71 12.76
C LEU C 60 0.58 5.40 12.38
N GLY C 61 -0.26 6.43 12.25
CA GLY C 61 -1.64 6.20 11.82
C GLY C 61 -1.77 5.61 10.43
N GLN C 62 -0.77 5.86 9.57
CA GLN C 62 -0.81 5.25 8.24
C GLN C 62 -0.24 3.84 8.20
N LEU C 63 0.81 3.56 8.97
CA LEU C 63 1.37 2.21 9.07
C LEU C 63 0.51 1.24 9.86
N GLN C 64 -0.26 1.71 10.85
CA GLN C 64 -0.97 0.82 11.78
C GLN C 64 -1.81 -0.28 11.15
N PRO C 65 -2.66 -0.03 10.15
CA PRO C 65 -3.48 -1.13 9.61
C PRO C 65 -2.69 -2.24 8.91
N SER C 66 -1.43 -2.01 8.56
CA SER C 66 -0.60 -3.05 7.96
C SER C 66 0.14 -3.92 8.97
N LEU C 67 -0.01 -3.65 10.27
CA LEU C 67 0.76 -4.38 11.28
C LEU C 67 0.29 -5.82 11.42
N GLN C 68 -1.02 -6.06 11.34
CA GLN C 68 -1.58 -7.37 11.64
C GLN C 68 -0.93 -8.47 10.81
N THR C 69 -0.62 -8.17 9.55
CA THR C 69 0.08 -9.10 8.65
C THR C 69 1.49 -8.62 8.33
N GLY C 70 1.98 -7.60 9.03
CA GLY C 70 3.21 -6.94 8.64
C GLY C 70 4.46 -7.76 8.87
N SER C 71 5.42 -7.59 7.97
CA SER C 71 6.72 -8.23 8.04
C SER C 71 7.56 -7.65 9.19
N GLU C 72 8.67 -8.34 9.47
CA GLU C 72 9.62 -7.89 10.49
C GLU C 72 10.08 -6.47 10.26
N GLU C 73 10.26 -6.07 9.00
CA GLU C 73 10.72 -4.72 8.71
C GLU C 73 9.66 -3.68 9.02
N LEU C 74 8.39 -3.99 8.73
CA LEU C 74 7.32 -3.07 9.05
C LEU C 74 7.11 -2.96 10.56
N ARG C 75 7.16 -4.08 11.29
CA ARG C 75 7.04 -4.01 12.74
C ARG C 75 8.22 -3.25 13.37
N SER C 76 9.43 -3.45 12.87
CA SER C 76 10.59 -2.71 13.38
C SER C 76 10.46 -1.22 13.11
N LEU C 77 9.98 -0.85 11.92
CA LEU C 77 9.80 0.56 11.59
C LEU C 77 8.70 1.18 12.44
N TYR C 78 7.59 0.48 12.62
CA TYR C 78 6.51 1.00 13.47
C TYR C 78 7.00 1.23 14.90
N ASN C 79 7.73 0.26 15.47
CA ASN C 79 8.20 0.43 16.84
C ASN C 79 9.24 1.55 16.97
N THR C 80 10.12 1.68 15.98
CA THR C 80 11.09 2.78 15.99
C THR C 80 10.41 4.13 15.92
N ILE C 81 9.42 4.28 15.05
CA ILE C 81 8.71 5.55 14.95
C ILE C 81 7.84 5.81 16.19
N ALA C 82 7.33 4.78 16.84
CA ALA C 82 6.65 4.98 18.12
C ALA C 82 7.61 5.54 19.17
N VAL C 83 8.82 4.98 19.26
CA VAL C 83 9.78 5.49 20.23
C VAL C 83 10.20 6.91 19.89
N LEU C 84 10.39 7.20 18.60
CA LEU C 84 10.76 8.57 18.19
C LEU C 84 9.63 9.57 18.47
N TYR C 85 8.38 9.15 18.32
CA TYR C 85 7.26 9.97 18.76
C TYR C 85 7.32 10.26 20.26
N CYS C 86 7.60 9.24 21.06
CA CYS C 86 7.72 9.47 22.50
C CYS C 86 8.87 10.40 22.86
N VAL C 87 10.01 10.26 22.17
CA VAL C 87 11.13 11.19 22.36
C VAL C 87 10.74 12.63 21.98
N HIS C 88 10.02 12.82 20.88
CA HIS C 88 9.55 14.16 20.53
C HIS C 88 8.50 14.69 21.48
N GLN C 89 7.64 13.84 22.03
CA GLN C 89 6.81 14.28 23.14
C GLN C 89 7.61 14.47 24.43
N ARG C 90 8.88 14.07 24.42
CA ARG C 90 9.75 14.11 25.61
C ARG C 90 9.15 13.35 26.79
N ILE C 91 8.46 12.26 26.48
CA ILE C 91 8.01 11.33 27.52
C ILE C 91 9.19 10.45 27.90
N ASP C 92 9.43 10.29 29.21
CA ASP C 92 10.61 9.59 29.69
C ASP C 92 10.38 8.08 29.70
N VAL C 93 10.02 7.56 28.53
CA VAL C 93 9.87 6.12 28.34
C VAL C 93 11.24 5.46 28.39
N LYS C 94 11.27 4.23 28.93
CA LYS C 94 12.52 3.48 29.05
C LYS C 94 12.67 2.35 28.04
N ASP C 95 11.58 1.90 27.41
CA ASP C 95 11.67 0.81 26.46
C ASP C 95 10.54 0.92 25.43
N THR C 96 10.64 0.08 24.39
CA THR C 96 9.64 0.08 23.34
C THR C 96 8.25 -0.29 23.84
N LYS C 97 8.16 -1.14 24.87
CA LYS C 97 6.83 -1.51 25.35
C LYS C 97 6.19 -0.37 26.12
N GLU C 98 7.00 0.38 26.87
CA GLU C 98 6.54 1.62 27.48
C GLU C 98 6.06 2.61 26.42
N ALA C 99 6.87 2.80 25.36
CA ALA C 99 6.48 3.69 24.27
C ALA C 99 5.15 3.29 23.65
N LEU C 100 4.97 1.99 23.39
CA LEU C 100 3.72 1.51 22.80
C LEU C 100 2.54 1.67 23.74
N ASP C 101 2.74 1.43 25.04
CA ASP C 101 1.65 1.65 26.00
C ASP C 101 1.29 3.13 26.08
N LYS C 102 2.30 4.00 26.10
CA LYS C 102 2.06 5.44 26.12
C LYS C 102 1.23 5.87 24.91
N ILE C 103 1.52 5.32 23.74
CA ILE C 103 0.75 5.69 22.55
C ILE C 103 -0.64 5.07 22.59
N GLU C 104 -0.76 3.82 23.06
CA GLU C 104 -2.06 3.18 23.14
C GLU C 104 -3.00 3.89 24.11
N GLU C 105 -2.44 4.46 25.17
CA GLU C 105 -3.27 5.20 26.13
C GLU C 105 -3.99 6.37 25.47
N GLU C 106 -3.41 6.95 24.42
CA GLU C 106 -4.07 8.04 23.71
C GLU C 106 -5.31 7.61 22.96
N GLN C 107 -5.40 6.33 22.59
CA GLN C 107 -6.53 5.85 21.79
C GLN C 107 -7.80 5.81 22.64
N LYS D 10 22.40 -5.16 7.80
CA LYS D 10 21.27 -4.42 7.23
C LYS D 10 21.05 -3.11 7.99
N GLY D 11 20.62 -3.23 9.25
CA GLY D 11 20.50 -2.05 10.09
C GLY D 11 19.24 -1.99 10.94
N ARG D 12 18.27 -2.85 10.67
CA ARG D 12 17.01 -2.78 11.41
C ARG D 12 17.21 -3.24 12.85
N PRO D 13 16.56 -2.58 13.80
CA PRO D 13 16.63 -2.99 15.20
C PRO D 13 15.78 -4.21 15.52
N GLY D 14 16.20 -4.92 16.56
CA GLY D 14 15.43 -6.02 17.14
C GLY D 14 14.29 -5.55 18.03
N ASN D 15 13.45 -4.64 17.52
CA ASN D 15 12.47 -3.98 18.36
C ASN D 15 11.41 -4.94 18.89
N PHE D 16 11.04 -5.94 18.10
CA PHE D 16 9.77 -6.63 18.31
C PHE D 16 10.02 -8.02 18.87
N ALA E 4 11.33 -27.29 2.96
CA ALA E 4 10.46 -26.43 3.76
C ALA E 4 9.30 -25.91 2.93
N SER E 5 8.70 -26.79 2.14
CA SER E 5 7.54 -26.40 1.35
C SER E 5 6.38 -26.03 2.26
N VAL E 6 5.49 -25.19 1.74
CA VAL E 6 4.30 -24.80 2.50
C VAL E 6 3.36 -25.99 2.69
N LEU E 7 3.17 -26.78 1.63
CA LEU E 7 2.28 -27.93 1.66
C LEU E 7 3.01 -29.21 2.12
N SER E 8 2.24 -30.12 2.69
CA SER E 8 2.67 -31.51 2.86
C SER E 8 2.68 -32.21 1.50
N GLY E 9 3.30 -33.39 1.43
CA GLY E 9 3.25 -34.17 0.20
C GLY E 9 1.85 -34.59 -0.23
N GLY E 10 0.95 -34.83 0.72
CA GLY E 10 -0.43 -35.14 0.36
C GLY E 10 -1.21 -33.94 -0.15
N GLU E 11 -1.04 -32.79 0.50
CA GLU E 11 -1.73 -31.61 0.00
C GLU E 11 -1.09 -31.12 -1.29
N LEU E 12 0.21 -31.32 -1.46
CA LEU E 12 0.84 -31.04 -2.76
C LEU E 12 0.31 -31.95 -3.86
N ASP E 13 0.06 -33.23 -3.53
CA ASP E 13 -0.56 -34.13 -4.49
C ASP E 13 -2.00 -33.79 -4.80
N LYS E 14 -2.67 -33.07 -3.90
CA LYS E 14 -3.94 -32.42 -4.26
C LYS E 14 -3.70 -31.21 -5.16
N TRP E 15 -2.79 -30.34 -4.75
CA TRP E 15 -2.51 -29.07 -5.42
C TRP E 15 -2.15 -29.25 -6.90
N GLU E 16 -1.21 -30.14 -7.20
CA GLU E 16 -0.79 -30.35 -8.58
C GLU E 16 -1.93 -30.78 -9.50
N LYS E 17 -2.96 -31.43 -8.97
CA LYS E 17 -4.11 -31.77 -9.81
C LYS E 17 -4.94 -30.55 -10.23
N ILE E 18 -5.00 -29.50 -9.40
CA ILE E 18 -5.90 -28.39 -9.71
C ILE E 18 -5.43 -27.67 -10.97
N ARG E 19 -6.39 -27.33 -11.83
CA ARG E 19 -6.13 -26.67 -13.10
C ARG E 19 -6.38 -25.17 -13.02
N LEU E 20 -5.56 -24.41 -13.76
CA LEU E 20 -5.56 -22.95 -13.66
C LEU E 20 -6.87 -22.34 -14.11
N ARG E 21 -7.41 -22.80 -15.24
CA ARG E 21 -8.66 -22.28 -15.77
C ARG E 21 -9.72 -23.36 -15.85
N PRO E 22 -11.00 -22.99 -15.67
CA PRO E 22 -12.04 -24.01 -15.43
C PRO E 22 -12.12 -25.06 -16.52
N GLY E 23 -11.90 -24.68 -17.77
CA GLY E 23 -11.86 -25.63 -18.87
C GLY E 23 -10.49 -25.99 -19.37
N GLY E 24 -9.43 -25.54 -18.69
CA GLY E 24 -8.11 -25.59 -19.27
C GLY E 24 -7.42 -26.94 -19.09
N LYS E 25 -6.30 -27.09 -19.80
CA LYS E 25 -5.41 -28.23 -19.68
C LYS E 25 -4.28 -28.03 -18.68
N LYS E 26 -3.92 -26.78 -18.38
CA LYS E 26 -2.76 -26.46 -17.56
C LYS E 26 -3.04 -26.67 -16.08
N GLN E 27 -2.19 -27.47 -15.43
CA GLN E 27 -2.24 -27.72 -13.99
C GLN E 27 -1.46 -26.65 -13.24
N TYR E 28 -1.79 -26.48 -11.95
CA TYR E 28 -0.90 -25.85 -10.99
C TYR E 28 0.38 -26.66 -10.75
N LYS E 29 1.43 -25.94 -10.32
CA LYS E 29 2.72 -26.52 -10.02
C LYS E 29 3.27 -25.92 -8.74
N LEU E 30 4.28 -26.59 -8.17
CA LEU E 30 4.93 -26.10 -6.95
C LEU E 30 5.57 -24.72 -7.16
N LYS E 31 6.14 -24.48 -8.34
CA LYS E 31 6.78 -23.20 -8.61
C LYS E 31 5.81 -22.03 -8.47
N HIS E 32 4.51 -22.26 -8.65
CA HIS E 32 3.55 -21.17 -8.44
C HIS E 32 3.44 -20.80 -6.97
N ILE E 33 3.59 -21.78 -6.07
CA ILE E 33 3.64 -21.47 -4.64
C ILE E 33 4.94 -20.75 -4.32
N VAL E 34 6.04 -21.20 -4.93
CA VAL E 34 7.33 -20.56 -4.69
C VAL E 34 7.29 -19.09 -5.12
N TRP E 35 6.78 -18.84 -6.33
CA TRP E 35 6.61 -17.48 -6.83
C TRP E 35 5.71 -16.65 -5.92
N ALA E 36 4.58 -17.21 -5.46
CA ALA E 36 3.71 -16.46 -4.56
C ALA E 36 4.42 -16.07 -3.27
N SER E 37 5.19 -17.01 -2.70
CA SER E 37 5.94 -16.71 -1.48
C SER E 37 7.03 -15.68 -1.73
N ARG E 38 7.60 -15.66 -2.93
CA ARG E 38 8.61 -14.67 -3.30
C ARG E 38 8.01 -13.32 -3.67
N GLU E 39 6.73 -13.29 -4.05
CA GLU E 39 6.04 -12.04 -4.38
C GLU E 39 5.47 -11.35 -3.16
N LEU E 40 5.02 -12.09 -2.16
CA LEU E 40 4.47 -11.46 -0.95
C LEU E 40 5.45 -10.52 -0.27
N GLU E 41 6.75 -10.79 -0.35
CA GLU E 41 7.73 -9.89 0.26
C GLU E 41 7.91 -8.58 -0.51
N ARG E 42 7.41 -8.46 -1.74
CA ARG E 42 7.35 -7.16 -2.38
C ARG E 42 6.32 -6.25 -1.72
N PHE E 43 5.15 -6.79 -1.41
CA PHE E 43 4.11 -6.06 -0.68
C PHE E 43 4.41 -5.90 0.80
N ALA E 44 5.54 -6.42 1.27
CA ALA E 44 5.90 -6.45 2.69
C ALA E 44 4.82 -7.12 3.54
N VAL E 45 4.22 -8.17 3.00
CA VAL E 45 3.34 -9.07 3.76
C VAL E 45 4.20 -10.19 4.32
N ASN E 46 3.84 -10.68 5.50
CA ASN E 46 4.60 -11.74 6.15
C ASN E 46 4.37 -13.07 5.44
N PRO E 47 5.39 -13.64 4.77
CA PRO E 47 5.17 -14.88 4.02
C PRO E 47 4.88 -16.09 4.87
N GLY E 48 5.10 -16.03 6.18
CA GLY E 48 4.81 -17.17 7.04
C GLY E 48 3.34 -17.44 7.23
N LEU E 49 2.49 -16.46 6.91
CA LEU E 49 1.04 -16.66 6.98
C LEU E 49 0.53 -17.64 5.94
N LEU E 50 1.29 -17.91 4.88
CA LEU E 50 0.89 -18.90 3.89
C LEU E 50 0.78 -20.31 4.46
N GLU E 51 1.25 -20.54 5.67
CA GLU E 51 1.33 -21.89 6.21
C GLU E 51 0.05 -22.33 6.91
N THR E 52 -0.90 -21.42 7.13
CA THR E 52 -2.13 -21.73 7.82
C THR E 52 -3.31 -21.16 7.04
N SER E 53 -4.47 -21.81 7.21
CA SER E 53 -5.68 -21.35 6.55
C SER E 53 -6.10 -19.98 7.06
N GLU E 54 -5.88 -19.71 8.35
CA GLU E 54 -6.16 -18.39 8.89
C GLU E 54 -5.21 -17.35 8.31
N GLY E 55 -3.93 -17.69 8.13
CA GLY E 55 -3.02 -16.76 7.51
C GLY E 55 -3.37 -16.46 6.06
N CYS E 56 -3.80 -17.49 5.33
CA CYS E 56 -4.23 -17.27 3.95
C CYS E 56 -5.46 -16.37 3.90
N ARG E 57 -6.41 -16.59 4.81
CA ARG E 57 -7.59 -15.72 4.89
C ARG E 57 -7.20 -14.28 5.20
N GLN E 58 -6.16 -14.09 6.03
CA GLN E 58 -5.74 -12.74 6.38
C GLN E 58 -5.05 -12.06 5.22
N ILE E 59 -4.18 -12.78 4.51
CA ILE E 59 -3.54 -12.20 3.33
C ILE E 59 -4.57 -11.83 2.29
N LEU E 60 -5.54 -12.71 2.04
CA LEU E 60 -6.62 -12.38 1.11
C LEU E 60 -7.39 -11.14 1.54
N GLY E 61 -7.74 -11.04 2.83
CA GLY E 61 -8.42 -9.86 3.31
C GLY E 61 -7.63 -8.58 3.19
N GLN E 62 -6.30 -8.68 3.17
CA GLN E 62 -5.47 -7.50 2.97
C GLN E 62 -5.27 -7.15 1.49
N LEU E 63 -5.12 -8.15 0.63
CA LEU E 63 -5.00 -7.92 -0.81
C LEU E 63 -6.32 -7.50 -1.48
N GLN E 64 -7.46 -7.93 -0.97
CA GLN E 64 -8.74 -7.75 -1.66
C GLN E 64 -9.05 -6.32 -2.12
N PRO E 65 -8.92 -5.27 -1.30
CA PRO E 65 -9.25 -3.92 -1.80
C PRO E 65 -8.39 -3.41 -2.93
N SER E 66 -7.23 -4.00 -3.19
CA SER E 66 -6.39 -3.61 -4.31
C SER E 66 -6.71 -4.31 -5.62
N LEU E 67 -7.70 -5.22 -5.63
CA LEU E 67 -7.98 -6.00 -6.83
C LEU E 67 -8.62 -5.16 -7.93
N GLN E 68 -9.51 -4.24 -7.55
CA GLN E 68 -10.31 -3.50 -8.53
C GLN E 68 -9.43 -2.82 -9.57
N THR E 69 -8.29 -2.30 -9.15
CA THR E 69 -7.31 -1.67 -10.05
C THR E 69 -6.03 -2.49 -10.16
N GLY E 70 -6.04 -3.72 -9.64
CA GLY E 70 -4.81 -4.47 -9.49
C GLY E 70 -4.23 -4.98 -10.80
N SER E 71 -2.90 -5.00 -10.85
CA SER E 71 -2.14 -5.51 -11.97
C SER E 71 -2.27 -7.04 -12.10
N GLU E 72 -1.81 -7.55 -13.24
CA GLU E 72 -1.80 -8.98 -13.49
C GLU E 72 -1.10 -9.76 -12.38
N GLU E 73 -0.03 -9.20 -11.82
CA GLU E 73 0.70 -9.90 -10.76
C GLU E 73 -0.11 -9.97 -9.48
N LEU E 74 -0.82 -8.89 -9.14
CA LEU E 74 -1.66 -8.92 -7.95
C LEU E 74 -2.85 -9.85 -8.12
N ARG E 75 -3.49 -9.86 -9.29
CA ARG E 75 -4.59 -10.79 -9.52
C ARG E 75 -4.11 -12.25 -9.50
N SER E 76 -2.93 -12.52 -10.07
CA SER E 76 -2.38 -13.87 -10.03
C SER E 76 -2.05 -14.31 -8.62
N LEU E 77 -1.48 -13.41 -7.82
CA LEU E 77 -1.17 -13.72 -6.43
C LEU E 77 -2.44 -13.96 -5.61
N TYR E 78 -3.45 -13.11 -5.81
CA TYR E 78 -4.70 -13.29 -5.09
C TYR E 78 -5.35 -14.64 -5.43
N ASN E 79 -5.38 -15.00 -6.71
CA ASN E 79 -6.00 -16.28 -7.09
C ASN E 79 -5.20 -17.47 -6.58
N THR E 80 -3.86 -17.38 -6.60
CA THR E 80 -3.03 -18.46 -6.08
C THR E 80 -3.24 -18.64 -4.58
N ILE E 81 -3.32 -17.55 -3.82
CA ILE E 81 -3.55 -17.66 -2.39
C ILE E 81 -4.97 -18.10 -2.07
N ALA E 82 -5.95 -17.77 -2.92
CA ALA E 82 -7.28 -18.33 -2.75
C ALA E 82 -7.27 -19.85 -2.91
N VAL E 83 -6.59 -20.35 -3.94
CA VAL E 83 -6.52 -21.80 -4.13
C VAL E 83 -5.77 -22.46 -2.97
N LEU E 84 -4.69 -21.85 -2.50
CA LEU E 84 -3.95 -22.41 -1.38
C LEU E 84 -4.77 -22.41 -0.08
N TYR E 85 -5.60 -21.39 0.12
CA TYR E 85 -6.57 -21.42 1.21
C TYR E 85 -7.53 -22.58 1.08
N CYS E 86 -8.05 -22.83 -0.11
CA CYS E 86 -8.95 -23.96 -0.31
C CYS E 86 -8.26 -25.30 -0.07
N VAL E 87 -7.00 -25.44 -0.51
CA VAL E 87 -6.22 -26.64 -0.21
C VAL E 87 -6.00 -26.82 1.30
N HIS E 88 -5.70 -25.74 2.03
CA HIS E 88 -5.58 -25.87 3.48
C HIS E 88 -6.90 -26.16 4.17
N GLN E 89 -8.01 -25.62 3.66
CA GLN E 89 -9.30 -26.08 4.15
C GLN E 89 -9.62 -27.50 3.67
N ARG E 90 -8.79 -28.06 2.78
CA ARG E 90 -9.02 -29.37 2.17
C ARG E 90 -10.38 -29.46 1.48
N ILE E 91 -10.82 -28.36 0.89
CA ILE E 91 -11.99 -28.36 0.04
C ILE E 91 -11.58 -28.90 -1.32
N ASP E 92 -12.35 -29.83 -1.87
CA ASP E 92 -11.98 -30.52 -3.10
C ASP E 92 -12.37 -29.70 -4.33
N VAL E 93 -11.88 -28.46 -4.36
CA VAL E 93 -12.07 -27.59 -5.51
C VAL E 93 -11.25 -28.11 -6.68
N LYS E 94 -11.79 -27.93 -7.89
CA LYS E 94 -11.12 -28.39 -9.10
C LYS E 94 -10.48 -27.28 -9.91
N ASP E 95 -10.86 -26.01 -9.70
CA ASP E 95 -10.29 -24.92 -10.47
C ASP E 95 -10.33 -23.63 -9.66
N THR E 96 -9.66 -22.59 -10.20
CA THR E 96 -9.63 -21.30 -9.52
C THR E 96 -11.00 -20.67 -9.37
N LYS E 97 -11.91 -20.92 -10.31
CA LYS E 97 -13.22 -20.29 -10.19
C LYS E 97 -14.04 -20.97 -9.10
N GLU E 98 -13.90 -22.29 -8.96
CA GLU E 98 -14.46 -23.00 -7.82
C GLU E 98 -13.88 -22.47 -6.51
N ALA E 99 -12.56 -22.32 -6.44
CA ALA E 99 -11.92 -21.77 -5.23
C ALA E 99 -12.47 -20.39 -4.87
N LEU E 100 -12.60 -19.51 -5.87
CA LEU E 100 -13.13 -18.17 -5.63
C LEU E 100 -14.59 -18.20 -5.20
N ASP E 101 -15.40 -19.07 -5.80
CA ASP E 101 -16.80 -19.19 -5.37
C ASP E 101 -16.89 -19.72 -3.94
N LYS E 102 -16.06 -20.72 -3.61
CA LYS E 102 -16.02 -21.25 -2.26
C LYS E 102 -15.69 -20.16 -1.25
N ILE E 103 -14.75 -19.29 -1.57
CA ILE E 103 -14.40 -18.22 -0.65
C ILE E 103 -15.48 -17.15 -0.60
N GLU E 104 -16.08 -16.83 -1.75
CA GLU E 104 -17.14 -15.81 -1.79
C GLU E 104 -18.35 -16.25 -0.99
N GLU E 105 -18.64 -17.56 -0.97
CA GLU E 105 -19.78 -18.06 -0.20
C GLU E 105 -19.64 -17.73 1.29
N GLU E 106 -18.41 -17.64 1.79
CA GLU E 106 -18.21 -17.30 3.20
C GLU E 106 -18.60 -15.86 3.51
N GLN E 107 -18.59 -14.96 2.52
CA GLN E 107 -18.89 -13.56 2.78
C GLN E 107 -20.38 -13.36 3.08
N LYS F 10 9.39 -15.85 -15.90
CA LYS F 10 9.11 -15.16 -14.66
C LYS F 10 8.62 -16.14 -13.60
N GLY F 11 7.42 -16.69 -13.81
CA GLY F 11 6.92 -17.73 -12.92
C GLY F 11 5.47 -17.59 -12.53
N ARG F 12 4.85 -16.45 -12.80
CA ARG F 12 3.47 -16.24 -12.38
C ARG F 12 2.52 -17.12 -13.20
N PRO F 13 1.49 -17.69 -12.56
CA PRO F 13 0.50 -18.48 -13.28
C PRO F 13 -0.51 -17.63 -14.07
N GLY F 14 -1.05 -18.24 -15.11
CA GLY F 14 -2.15 -17.68 -15.87
C GLY F 14 -3.50 -17.84 -15.18
N ASN F 15 -3.59 -17.43 -13.92
CA ASN F 15 -4.77 -17.74 -13.12
C ASN F 15 -6.01 -17.03 -13.62
N PHE F 16 -5.87 -15.82 -14.16
CA PHE F 16 -7.00 -14.91 -14.27
C PHE F 16 -7.43 -14.79 -15.73
N ALA G 4 12.14 74.98 -23.46
CA ALA G 4 10.82 74.40 -23.21
C ALA G 4 10.64 74.06 -21.74
N SER G 5 11.08 74.96 -20.87
CA SER G 5 10.91 74.74 -19.44
C SER G 5 9.43 74.73 -19.08
N VAL G 6 9.12 74.04 -17.99
CA VAL G 6 7.73 74.00 -17.51
C VAL G 6 7.28 75.37 -17.03
N LEU G 7 8.14 76.07 -16.30
CA LEU G 7 7.83 77.38 -15.74
C LEU G 7 8.19 78.51 -16.72
N SER G 8 7.48 79.63 -16.58
CA SER G 8 7.90 80.90 -17.16
C SER G 8 9.09 81.44 -16.38
N GLY G 9 9.77 82.44 -16.94
CA GLY G 9 10.85 83.09 -16.21
C GLY G 9 10.44 83.75 -14.90
N GLY G 10 9.22 84.27 -14.82
CA GLY G 10 8.73 84.83 -13.58
C GLY G 10 8.40 83.78 -12.52
N GLU G 11 7.76 82.69 -12.94
CA GLU G 11 7.48 81.64 -11.98
C GLU G 11 8.75 80.89 -11.61
N LEU G 12 9.71 80.80 -12.52
CA LEU G 12 11.02 80.25 -12.17
C LEU G 12 11.75 81.14 -11.16
N ASP G 13 11.61 82.47 -11.29
CA ASP G 13 12.17 83.38 -10.31
C ASP G 13 11.46 83.32 -8.97
N LYS G 14 10.21 82.85 -8.94
CA LYS G 14 9.61 82.46 -7.68
C LYS G 14 10.18 81.14 -7.17
N TRP G 15 10.23 80.14 -8.04
CA TRP G 15 10.65 78.78 -7.70
C TRP G 15 12.03 78.73 -7.07
N GLU G 16 13.02 79.36 -7.70
CA GLU G 16 14.38 79.34 -7.18
C GLU G 16 14.50 79.91 -5.77
N LYS G 17 13.61 80.81 -5.37
CA LYS G 17 13.63 81.30 -3.99
C LYS G 17 13.19 80.25 -2.96
N ILE G 18 12.31 79.32 -3.33
CA ILE G 18 11.76 78.40 -2.33
C ILE G 18 12.86 77.47 -1.82
N ARG G 19 12.88 77.26 -0.51
CA ARG G 19 13.88 76.43 0.15
C ARG G 19 13.35 75.03 0.45
N LEU G 20 14.25 74.04 0.36
CA LEU G 20 13.86 72.64 0.44
C LEU G 20 13.29 72.27 1.81
N ARG G 21 13.93 72.72 2.89
CA ARG G 21 13.47 72.42 4.23
C ARG G 21 13.13 73.69 5.00
N PRO G 22 12.14 73.63 5.90
CA PRO G 22 11.55 74.85 6.45
C PRO G 22 12.57 75.79 7.09
N GLY G 23 13.59 75.25 7.74
CA GLY G 23 14.64 76.04 8.32
C GLY G 23 15.94 76.05 7.53
N GLY G 24 15.96 75.45 6.34
CA GLY G 24 17.21 75.18 5.67
C GLY G 24 17.77 76.35 4.89
N LYS G 25 19.02 76.19 4.48
CA LYS G 25 19.70 77.13 3.59
C LYS G 25 19.57 76.79 2.10
N LYS G 26 19.29 75.53 1.78
CA LYS G 26 19.28 75.06 0.39
C LYS G 26 18.02 75.48 -0.35
N GLN G 27 18.20 76.13 -1.49
CA GLN G 27 17.12 76.53 -2.38
C GLN G 27 16.78 75.40 -3.35
N TYR G 28 15.56 75.45 -3.89
CA TYR G 28 15.22 74.75 -5.13
C TYR G 28 15.98 75.28 -6.34
N LYS G 29 16.12 74.41 -7.34
CA LYS G 29 16.80 74.73 -8.58
C LYS G 29 16.00 74.16 -9.75
N LEU G 30 16.32 74.65 -10.96
CA LEU G 30 15.67 74.15 -12.17
C LEU G 30 15.92 72.66 -12.39
N LYS G 31 17.13 72.19 -12.08
CA LYS G 31 17.45 70.78 -12.26
C LYS G 31 16.51 69.87 -11.49
N HIS G 32 15.92 70.34 -10.39
CA HIS G 32 14.95 69.51 -9.67
C HIS G 32 13.66 69.33 -10.48
N ILE G 33 13.27 70.34 -11.26
CA ILE G 33 12.15 70.17 -12.16
C ILE G 33 12.53 69.23 -13.30
N VAL G 34 13.75 69.37 -13.80
CA VAL G 34 14.20 68.50 -14.88
C VAL G 34 14.20 67.04 -14.43
N TRP G 35 14.78 66.78 -13.26
CA TRP G 35 14.76 65.45 -12.66
C TRP G 35 13.34 64.92 -12.45
N ALA G 36 12.44 65.75 -11.93
CA ALA G 36 11.06 65.29 -11.75
C ALA G 36 10.41 64.90 -13.09
N SER G 37 10.64 65.70 -14.12
CA SER G 37 10.08 65.38 -15.43
C SER G 37 10.71 64.11 -16.02
N ARG G 38 11.97 63.86 -15.70
CA ARG G 38 12.65 62.64 -16.14
C ARG G 38 12.29 61.42 -15.31
N GLU G 39 11.82 61.62 -14.08
CA GLU G 39 11.39 60.53 -13.21
C GLU G 39 9.96 60.09 -13.48
N LEU G 40 9.06 61.02 -13.84
CA LEU G 40 7.68 60.64 -14.10
C LEU G 40 7.54 59.58 -15.20
N GLU G 41 8.44 59.57 -16.18
CA GLU G 41 8.38 58.54 -17.21
C GLU G 41 8.81 57.16 -16.75
N ARG G 42 9.42 57.02 -15.57
CA ARG G 42 9.60 55.70 -14.99
C ARG G 42 8.27 55.11 -14.51
N PHE G 43 7.45 55.91 -13.86
CA PHE G 43 6.11 55.50 -13.45
C PHE G 43 5.12 55.42 -14.60
N ALA G 44 5.54 55.74 -15.82
CA ALA G 44 4.67 55.84 -16.99
C ALA G 44 3.50 56.80 -16.77
N VAL G 45 3.79 57.90 -16.07
CA VAL G 45 2.87 59.03 -15.97
C VAL G 45 3.18 60.00 -17.09
N ASN G 46 2.17 60.67 -17.60
CA ASN G 46 2.34 61.61 -18.70
C ASN G 46 3.04 62.87 -18.22
N PRO G 47 4.28 63.15 -18.64
CA PRO G 47 4.99 64.32 -18.12
C PRO G 47 4.42 65.66 -18.57
N GLY G 48 3.52 65.68 -19.55
CA GLY G 48 2.94 66.93 -19.99
C GLY G 48 1.95 67.52 -18.99
N LEU G 49 1.49 66.73 -18.03
CA LEU G 49 0.60 67.23 -16.99
C LEU G 49 1.30 68.19 -16.04
N LEU G 50 2.64 68.17 -15.98
CA LEU G 50 3.38 69.12 -15.15
C LEU G 50 3.17 70.58 -15.57
N GLU G 51 2.57 70.83 -16.72
CA GLU G 51 2.47 72.18 -17.26
C GLU G 51 1.26 72.94 -16.76
N THR G 52 0.33 72.28 -16.07
CA THR G 52 -0.89 72.90 -15.59
C THR G 52 -1.12 72.53 -14.13
N SER G 53 -1.80 73.42 -13.41
CA SER G 53 -2.12 73.16 -12.01
C SER G 53 -3.06 71.98 -11.88
N GLU G 54 -3.97 71.80 -12.83
CA GLU G 54 -4.83 70.62 -12.82
C GLU G 54 -4.03 69.35 -13.08
N GLY G 55 -3.06 69.40 -13.99
CA GLY G 55 -2.23 68.23 -14.21
C GLY G 55 -1.39 67.87 -13.00
N CYS G 56 -0.86 68.89 -12.30
CA CYS G 56 -0.10 68.62 -11.09
C CYS G 56 -0.99 68.01 -10.01
N ARG G 57 -2.22 68.52 -9.87
CA ARG G 57 -3.17 67.93 -8.93
C ARG G 57 -3.49 66.48 -9.29
N GLN G 58 -3.53 66.16 -10.58
CA GLN G 58 -3.84 64.79 -10.99
C GLN G 58 -2.67 63.85 -10.72
N ILE G 59 -1.46 64.30 -11.02
CA ILE G 59 -0.29 63.49 -10.72
C ILE G 59 -0.18 63.24 -9.22
N LEU G 60 -0.39 64.28 -8.41
CA LEU G 60 -0.39 64.10 -6.96
C LEU G 60 -1.45 63.10 -6.51
N GLY G 61 -2.67 63.20 -7.04
CA GLY G 61 -3.71 62.25 -6.70
C GLY G 61 -3.39 60.82 -7.10
N GLN G 62 -2.56 60.64 -8.13
CA GLN G 62 -2.16 59.29 -8.52
C GLN G 62 -0.98 58.76 -7.71
N LEU G 63 -0.01 59.61 -7.38
CA LEU G 63 1.13 59.22 -6.53
C LEU G 63 0.76 59.01 -5.07
N GLN G 64 -0.24 59.73 -4.54
CA GLN G 64 -0.51 59.75 -3.11
C GLN G 64 -0.65 58.38 -2.43
N PRO G 65 -1.42 57.41 -2.95
CA PRO G 65 -1.53 56.13 -2.24
C PRO G 65 -0.23 55.33 -2.14
N SER G 66 0.78 55.63 -2.93
CA SER G 66 2.07 54.96 -2.84
C SER G 66 3.03 55.58 -1.82
N LEU G 67 2.65 56.66 -1.15
CA LEU G 67 3.56 57.36 -0.26
C LEU G 67 3.84 56.57 1.01
N GLN G 68 2.82 55.90 1.55
CA GLN G 68 2.94 55.26 2.86
C GLN G 68 4.13 54.30 2.90
N THR G 69 4.38 53.60 1.81
CA THR G 69 5.52 52.69 1.69
C THR G 69 6.55 53.21 0.69
N GLY G 70 6.42 54.45 0.25
CA GLY G 70 7.19 54.94 -0.88
C GLY G 70 8.66 55.17 -0.55
N SER G 71 9.51 54.91 -1.55
CA SER G 71 10.93 55.13 -1.47
C SER G 71 11.26 56.63 -1.44
N GLU G 72 12.54 56.91 -1.13
CA GLU G 72 13.05 58.28 -1.13
C GLU G 72 12.77 59.01 -2.45
N GLU G 73 12.86 58.29 -3.57
CA GLU G 73 12.63 58.92 -4.87
C GLU G 73 11.17 59.29 -5.07
N LEU G 74 10.26 58.43 -4.62
CA LEU G 74 8.84 58.75 -4.72
C LEU G 74 8.46 59.90 -3.79
N ARG G 75 8.97 59.91 -2.56
CA ARG G 75 8.69 61.04 -1.68
C ARG G 75 9.27 62.35 -2.20
N SER G 76 10.48 62.31 -2.77
CA SER G 76 11.07 63.51 -3.35
C SER G 76 10.27 64.01 -4.55
N LEU G 77 9.79 63.09 -5.40
CA LEU G 77 8.98 63.47 -6.54
C LEU G 77 7.64 64.05 -6.10
N TYR G 78 7.00 63.43 -5.11
CA TYR G 78 5.73 63.94 -4.62
C TYR G 78 5.89 65.34 -4.05
N ASN G 79 6.94 65.58 -3.25
CA ASN G 79 7.13 66.91 -2.67
C ASN G 79 7.47 67.96 -3.72
N THR G 80 8.27 67.58 -4.72
CA THR G 80 8.58 68.51 -5.81
C THR G 80 7.34 68.89 -6.62
N ILE G 81 6.49 67.91 -6.92
CA ILE G 81 5.27 68.21 -7.66
C ILE G 81 4.26 68.98 -6.81
N ALA G 82 4.27 68.77 -5.49
CA ALA G 82 3.46 69.63 -4.62
C ALA G 82 3.90 71.08 -4.69
N VAL G 83 5.20 71.32 -4.62
CA VAL G 83 5.69 72.69 -4.69
C VAL G 83 5.40 73.30 -6.06
N LEU G 84 5.57 72.52 -7.13
CA LEU G 84 5.26 73.02 -8.47
C LEU G 84 3.77 73.33 -8.65
N TYR G 85 2.89 72.52 -8.05
CA TYR G 85 1.47 72.87 -7.98
C TYR G 85 1.25 74.20 -7.28
N CYS G 86 1.91 74.42 -6.15
CA CYS G 86 1.75 75.70 -5.46
C CYS G 86 2.27 76.88 -6.27
N VAL G 87 3.39 76.70 -6.97
CA VAL G 87 3.88 77.73 -7.89
C VAL G 87 2.89 78.02 -9.02
N HIS G 88 2.29 76.98 -9.60
CA HIS G 88 1.26 77.22 -10.63
C HIS G 88 -0.01 77.84 -10.07
N GLN G 89 -0.39 77.52 -8.83
CA GLN G 89 -1.44 78.29 -8.19
C GLN G 89 -0.97 79.67 -7.80
N ARG G 90 0.33 79.96 -7.93
CA ARG G 90 0.94 81.22 -7.51
C ARG G 90 0.67 81.52 -6.03
N ILE G 91 0.64 80.48 -5.21
CA ILE G 91 0.59 80.65 -3.76
C ILE G 91 2.00 80.95 -3.29
N ASP G 92 2.14 81.96 -2.45
CA ASP G 92 3.47 82.43 -2.03
C ASP G 92 4.00 81.58 -0.87
N VAL G 93 4.06 80.27 -1.11
CA VAL G 93 4.64 79.36 -0.14
C VAL G 93 6.15 79.57 -0.09
N LYS G 94 6.72 79.38 1.11
CA LYS G 94 8.15 79.56 1.32
C LYS G 94 8.93 78.26 1.44
N ASP G 95 8.27 77.14 1.72
CA ASP G 95 8.98 75.87 1.89
C ASP G 95 8.06 74.71 1.54
N THR G 96 8.65 73.51 1.47
CA THR G 96 7.88 72.31 1.14
C THR G 96 6.81 72.00 2.17
N LYS G 97 7.03 72.34 3.45
CA LYS G 97 6.02 72.03 4.44
C LYS G 97 4.83 72.97 4.31
N GLU G 98 5.09 74.23 3.98
CA GLU G 98 4.02 75.16 3.61
C GLU G 98 3.24 74.66 2.40
N ALA G 99 3.95 74.24 1.35
CA ALA G 99 3.29 73.70 0.16
C ALA G 99 2.40 72.49 0.51
N LEU G 100 2.90 71.57 1.32
CA LEU G 100 2.11 70.41 1.71
C LEU G 100 0.91 70.80 2.57
N ASP G 101 1.06 71.74 3.49
CA ASP G 101 -0.08 72.20 4.27
C ASP G 101 -1.12 72.88 3.39
N LYS G 102 -0.67 73.71 2.44
CA LYS G 102 -1.58 74.36 1.50
C LYS G 102 -2.39 73.34 0.72
N ILE G 103 -1.76 72.25 0.29
CA ILE G 103 -2.48 71.23 -0.45
C ILE G 103 -3.39 70.42 0.47
N GLU G 104 -2.94 70.12 1.68
CA GLU G 104 -3.76 69.36 2.62
C GLU G 104 -5.01 70.12 3.01
N GLU G 105 -4.92 71.46 3.09
CA GLU G 105 -6.10 72.26 3.42
C GLU G 105 -7.23 72.07 2.42
N GLU G 106 -6.89 71.75 1.16
CA GLU G 106 -7.92 71.53 0.16
C GLU G 106 -8.72 70.24 0.41
N GLN G 107 -8.14 69.27 1.11
CA GLN G 107 -8.81 68.00 1.33
C GLN G 107 -9.97 68.16 2.30
N LYS H 10 23.09 62.34 -8.92
CA LYS H 10 21.80 61.86 -9.43
C LYS H 10 20.90 63.02 -9.81
N GLY H 11 20.46 63.79 -8.82
CA GLY H 11 19.70 64.99 -9.10
C GLY H 11 18.49 65.21 -8.21
N ARG H 12 18.09 64.20 -7.44
CA ARG H 12 16.90 64.34 -6.62
C ARG H 12 17.13 65.32 -5.47
N PRO H 13 16.15 66.14 -5.14
CA PRO H 13 16.27 67.05 -4.00
C PRO H 13 16.09 66.36 -2.65
N GLY H 14 16.70 66.96 -1.63
CA GLY H 14 16.50 66.58 -0.24
C GLY H 14 15.20 67.08 0.35
N ASN H 15 14.08 66.84 -0.34
CA ASN H 15 12.81 67.46 0.03
C ASN H 15 12.31 66.98 1.38
N PHE H 16 12.55 65.73 1.73
CA PHE H 16 11.77 65.07 2.76
C PHE H 16 12.61 64.88 4.02
N ALA I 4 24.55 43.27 7.55
CA ALA I 4 23.30 44.01 7.71
C ALA I 4 22.12 43.21 7.21
N SER I 5 22.10 41.91 7.53
CA SER I 5 20.98 41.06 7.14
C SER I 5 19.71 41.52 7.83
N VAL I 6 18.57 41.22 7.20
CA VAL I 6 17.28 41.55 7.78
C VAL I 6 17.04 40.75 9.06
N LEU I 7 17.35 39.46 9.02
CA LEU I 7 17.14 38.56 10.16
C LEU I 7 18.34 38.55 11.10
N SER I 8 18.06 38.24 12.37
CA SER I 8 19.09 37.83 13.32
C SER I 8 19.58 36.42 12.97
N GLY I 9 20.69 36.01 13.57
CA GLY I 9 21.15 34.64 13.38
C GLY I 9 20.19 33.56 13.86
N GLY I 10 19.43 33.85 14.92
CA GLY I 10 18.42 32.90 15.37
C GLY I 10 17.21 32.81 14.46
N GLU I 11 16.73 33.96 13.98
CA GLU I 11 15.62 33.91 13.06
C GLU I 11 16.05 33.40 11.70
N LEU I 12 17.30 33.64 11.31
CA LEU I 12 17.84 33.02 10.11
C LEU I 12 17.93 31.50 10.24
N ASP I 13 18.30 31.02 11.43
CA ASP I 13 18.30 29.58 11.68
C ASP I 13 16.90 28.98 11.73
N LYS I 14 15.89 29.80 11.99
CA LYS I 14 14.52 29.37 11.71
C LYS I 14 14.22 29.36 10.22
N TRP I 15 14.55 30.47 9.55
CA TRP I 15 14.24 30.69 8.14
C TRP I 15 14.78 29.58 7.23
N GLU I 16 16.07 29.25 7.38
CA GLU I 16 16.68 28.23 6.53
C GLU I 16 16.00 26.87 6.63
N LYS I 17 15.35 26.57 7.76
CA LYS I 17 14.60 25.32 7.87
C LYS I 17 13.34 25.30 7.02
N ILE I 18 12.69 26.44 6.79
CA ILE I 18 11.39 26.43 6.11
C ILE I 18 11.57 26.00 4.66
N ARG I 19 10.67 25.13 4.19
CA ARG I 19 10.71 24.58 2.84
C ARG I 19 9.75 25.30 1.91
N LEU I 20 10.16 25.43 0.65
CA LEU I 20 9.45 26.25 -0.34
C LEU I 20 8.05 25.71 -0.63
N ARG I 21 7.93 24.40 -0.81
CA ARG I 21 6.64 23.79 -1.11
C ARG I 21 6.25 22.77 -0.04
N PRO I 22 4.94 22.62 0.22
CA PRO I 22 4.51 21.91 1.44
C PRO I 22 5.06 20.50 1.54
N GLY I 23 5.20 19.80 0.42
CA GLY I 23 5.79 18.48 0.41
C GLY I 23 7.21 18.42 -0.11
N GLY I 24 7.86 19.57 -0.35
CA GLY I 24 9.08 19.59 -1.10
C GLY I 24 10.31 19.30 -0.26
N LYS I 25 11.42 19.09 -0.96
CA LYS I 25 12.74 18.95 -0.35
C LYS I 25 13.53 20.26 -0.25
N LYS I 26 13.20 21.24 -1.08
CA LYS I 26 13.97 22.48 -1.16
C LYS I 26 13.68 23.42 0.00
N GLN I 27 14.74 23.83 0.68
CA GLN I 27 14.67 24.81 1.77
C GLN I 27 14.76 26.23 1.22
N TYR I 28 14.26 27.19 2.01
CA TYR I 28 14.64 28.59 1.87
C TYR I 28 16.11 28.84 2.17
N LYS I 29 16.62 29.93 1.58
CA LYS I 29 18.02 30.35 1.76
C LYS I 29 18.05 31.86 1.95
N LEU I 30 19.20 32.34 2.44
CA LEU I 30 19.41 33.78 2.62
C LEU I 30 19.31 34.56 1.31
N LYS I 31 19.81 33.97 0.23
CA LYS I 31 19.77 34.64 -1.06
C LYS I 31 18.35 34.99 -1.49
N HIS I 32 17.34 34.24 -1.02
CA HIS I 32 15.96 34.60 -1.35
C HIS I 32 15.54 35.88 -0.66
N ILE I 33 16.05 36.15 0.55
CA ILE I 33 15.81 37.44 1.19
C ILE I 33 16.56 38.54 0.46
N VAL I 34 17.79 38.24 0.04
CA VAL I 34 18.58 39.24 -0.69
C VAL I 34 17.86 39.63 -1.99
N TRP I 35 17.43 38.63 -2.76
CA TRP I 35 16.67 38.86 -3.97
C TRP I 35 15.39 39.65 -3.71
N ALA I 36 14.63 39.30 -2.66
CA ALA I 36 13.42 40.06 -2.35
C ALA I 36 13.72 41.52 -2.06
N SER I 37 14.79 41.78 -1.29
CA SER I 37 15.17 43.16 -0.99
C SER I 37 15.64 43.90 -2.24
N ARG I 38 16.24 43.18 -3.18
CA ARG I 38 16.67 43.77 -4.45
C ARG I 38 15.53 43.95 -5.44
N GLU I 39 14.46 43.18 -5.29
CA GLU I 39 13.29 43.29 -6.15
C GLU I 39 12.33 44.39 -5.70
N LEU I 40 12.20 44.63 -4.39
CA LEU I 40 11.29 45.67 -3.93
C LEU I 40 11.62 47.05 -4.49
N GLU I 41 12.89 47.34 -4.77
CA GLU I 41 13.24 48.63 -5.36
C GLU I 41 12.84 48.77 -6.82
N ARG I 42 12.47 47.68 -7.51
CA ARG I 42 11.84 47.81 -8.82
C ARG I 42 10.44 48.40 -8.71
N PHE I 43 9.65 47.93 -7.75
CA PHE I 43 8.32 48.49 -7.48
C PHE I 43 8.36 49.83 -6.78
N ALA I 44 9.55 50.36 -6.49
CA ALA I 44 9.73 51.59 -5.71
C ALA I 44 9.03 51.50 -4.34
N VAL I 45 9.09 50.32 -3.73
CA VAL I 45 8.68 50.13 -2.34
C VAL I 45 9.91 50.32 -1.46
N ASN I 46 9.72 50.85 -0.27
CA ASN I 46 10.83 51.11 0.64
C ASN I 46 11.35 49.80 1.22
N PRO I 47 12.57 49.38 0.88
CA PRO I 47 13.06 48.08 1.37
C PRO I 47 13.32 48.01 2.87
N GLY I 48 13.35 49.16 3.56
CA GLY I 48 13.56 49.13 5.00
C GLY I 48 12.39 48.60 5.78
N LEU I 49 11.22 48.51 5.17
CA LEU I 49 10.05 47.94 5.83
C LEU I 49 10.18 46.44 6.04
N LEU I 50 11.08 45.77 5.33
CA LEU I 50 11.32 44.34 5.55
C LEU I 50 11.84 44.02 6.94
N GLU I 51 12.25 45.03 7.71
CA GLU I 51 12.91 44.81 8.98
C GLU I 51 11.94 44.65 10.15
N THR I 52 10.65 44.93 9.94
CA THR I 52 9.66 44.85 11.00
C THR I 52 8.45 44.08 10.50
N SER I 53 7.74 43.45 11.44
CA SER I 53 6.53 42.72 11.10
C SER I 53 5.45 43.66 10.58
N GLU I 54 5.38 44.87 11.12
CA GLU I 54 4.44 45.87 10.60
C GLU I 54 4.82 46.28 9.18
N GLY I 55 6.12 46.46 8.91
CA GLY I 55 6.52 46.79 7.55
C GLY I 55 6.22 45.69 6.57
N CYS I 56 6.42 44.43 6.98
CA CYS I 56 6.08 43.31 6.10
C CYS I 56 4.57 43.26 5.83
N ARG I 57 3.76 43.50 6.87
CA ARG I 57 2.32 43.57 6.68
C ARG I 57 1.91 44.69 5.73
N GLN I 58 2.64 45.80 5.76
CA GLN I 58 2.32 46.92 4.89
C GLN I 58 2.70 46.63 3.43
N ILE I 59 3.88 46.04 3.23
CA ILE I 59 4.28 45.65 1.88
C ILE I 59 3.29 44.64 1.31
N LEU I 60 2.90 43.64 2.10
CA LEU I 60 1.90 42.68 1.65
C LEU I 60 0.58 43.35 1.28
N GLY I 61 0.11 44.27 2.12
CA GLY I 61 -1.11 45.00 1.80
C GLY I 61 -1.02 45.84 0.55
N GLN I 62 0.17 46.27 0.18
CA GLN I 62 0.34 47.02 -1.06
C GLN I 62 0.49 46.13 -2.30
N LEU I 63 1.19 45.00 -2.16
CA LEU I 63 1.33 44.04 -3.26
C LEU I 63 0.06 43.25 -3.55
N GLN I 64 -0.78 43.00 -2.55
CA GLN I 64 -1.91 42.08 -2.69
C GLN I 64 -2.83 42.32 -3.88
N PRO I 65 -3.30 43.55 -4.17
CA PRO I 65 -4.21 43.72 -5.33
C PRO I 65 -3.59 43.41 -6.68
N SER I 66 -2.27 43.34 -6.80
CA SER I 66 -1.61 43.00 -8.06
C SER I 66 -1.43 41.49 -8.26
N LEU I 67 -1.84 40.66 -7.29
CA LEU I 67 -1.58 39.22 -7.39
C LEU I 67 -2.44 38.56 -8.45
N GLN I 68 -3.69 38.99 -8.59
CA GLN I 68 -4.65 38.29 -9.46
C GLN I 68 -4.11 38.15 -10.87
N THR I 69 -3.41 39.18 -11.37
CA THR I 69 -2.78 39.15 -12.68
C THR I 69 -1.26 39.14 -12.59
N GLY I 70 -0.72 38.92 -11.39
CA GLY I 70 0.70 39.11 -11.17
C GLY I 70 1.58 38.06 -11.81
N SER I 71 2.75 38.50 -12.26
CA SER I 71 3.77 37.65 -12.85
C SER I 71 4.40 36.73 -11.79
N GLU I 72 5.16 35.75 -12.29
CA GLU I 72 5.90 34.84 -11.42
C GLU I 72 6.78 35.57 -10.40
N GLU I 73 7.38 36.69 -10.80
CA GLU I 73 8.24 37.44 -9.89
C GLU I 73 7.45 38.10 -8.78
N LEU I 74 6.28 38.63 -9.10
CA LEU I 74 5.44 39.23 -8.07
C LEU I 74 4.88 38.18 -7.11
N ARG I 75 4.44 37.04 -7.64
CA ARG I 75 3.97 35.97 -6.75
C ARG I 75 5.09 35.43 -5.86
N SER I 76 6.30 35.28 -6.41
CA SER I 76 7.44 34.84 -5.60
C SER I 76 7.79 35.85 -4.51
N LEU I 77 7.76 37.14 -4.84
CA LEU I 77 8.05 38.17 -3.86
C LEU I 77 6.98 38.21 -2.78
N TYR I 78 5.70 38.11 -3.16
CA TYR I 78 4.63 38.11 -2.18
C TYR I 78 4.76 36.93 -1.22
N ASN I 79 5.04 35.73 -1.75
CA ASN I 79 5.16 34.56 -0.87
C ASN I 79 6.38 34.66 0.04
N THR I 80 7.50 35.18 -0.48
CA THR I 80 8.69 35.36 0.34
C THR I 80 8.45 36.35 1.48
N ILE I 81 7.78 37.46 1.18
CA ILE I 81 7.49 38.44 2.23
C ILE I 81 6.45 37.93 3.21
N ALA I 82 5.52 37.07 2.76
CA ALA I 82 4.61 36.42 3.71
C ALA I 82 5.37 35.54 4.68
N VAL I 83 6.31 34.75 4.18
CA VAL I 83 7.09 33.88 5.07
C VAL I 83 7.95 34.71 6.02
N LEU I 84 8.54 35.80 5.52
CA LEU I 84 9.35 36.67 6.37
C LEU I 84 8.51 37.37 7.44
N TYR I 85 7.28 37.73 7.10
CA TYR I 85 6.33 38.21 8.13
C TYR I 85 6.08 37.16 9.20
N CYS I 86 5.86 35.91 8.79
CA CYS I 86 5.65 34.86 9.79
C CYS I 86 6.88 34.62 10.66
N VAL I 87 8.08 34.68 10.07
CA VAL I 87 9.31 34.60 10.85
C VAL I 87 9.44 35.75 11.84
N HIS I 88 9.10 36.97 11.43
CA HIS I 88 9.13 38.09 12.38
C HIS I 88 8.04 37.99 13.44
N GLN I 89 6.88 37.44 13.11
CA GLN I 89 5.93 37.11 14.16
C GLN I 89 6.39 35.90 14.99
N ARG I 90 7.47 35.24 14.56
CA ARG I 90 7.97 34.01 15.19
C ARG I 90 6.90 32.93 15.28
N ILE I 91 6.05 32.86 14.27
CA ILE I 91 5.11 31.75 14.12
C ILE I 91 5.88 30.58 13.53
N ASP I 92 5.71 29.40 14.12
CA ASP I 92 6.49 28.23 13.71
C ASP I 92 5.89 27.54 12.49
N VAL I 93 5.71 28.34 11.43
CA VAL I 93 5.23 27.81 10.17
C VAL I 93 6.31 26.93 9.53
N LYS I 94 5.88 25.89 8.83
CA LYS I 94 6.80 24.97 8.19
C LYS I 94 6.90 25.13 6.68
N ASP I 95 5.94 25.80 6.03
CA ASP I 95 5.98 25.96 4.59
C ASP I 95 5.23 27.23 4.19
N THR I 96 5.36 27.59 2.91
CA THR I 96 4.70 28.77 2.38
C THR I 96 3.18 28.70 2.48
N LYS I 97 2.61 27.50 2.37
CA LYS I 97 1.16 27.43 2.44
C LYS I 97 0.66 27.63 3.86
N GLU I 98 1.41 27.12 4.83
CA GLU I 98 1.16 27.44 6.23
C GLU I 98 1.27 28.94 6.48
N ALA I 99 2.34 29.57 5.99
CA ALA I 99 2.50 31.02 6.13
C ALA I 99 1.32 31.79 5.55
N LEU I 100 0.88 31.41 4.35
CA LEU I 100 -0.26 32.08 3.72
C LEU I 100 -1.55 31.86 4.49
N ASP I 101 -1.78 30.64 5.00
CA ASP I 101 -2.98 30.40 5.80
C ASP I 101 -2.93 31.21 7.10
N LYS I 102 -1.77 31.26 7.74
CA LYS I 102 -1.61 32.06 8.95
C LYS I 102 -1.96 33.53 8.70
N ILE I 103 -1.52 34.06 7.56
CA ILE I 103 -1.83 35.46 7.26
C ILE I 103 -3.30 35.63 6.88
N GLU I 104 -3.86 34.67 6.13
CA GLU I 104 -5.26 34.77 5.73
C GLU I 104 -6.19 34.71 6.94
N GLU I 105 -5.81 33.95 7.98
CA GLU I 105 -6.63 33.88 9.19
C GLU I 105 -6.81 35.25 9.83
N GLU I 106 -5.85 36.15 9.66
CA GLU I 106 -5.98 37.49 10.23
C GLU I 106 -7.05 38.31 9.53
N GLN I 107 -7.38 38.00 8.28
CA GLN I 107 -8.35 38.80 7.53
C GLN I 107 -9.76 38.58 8.07
N LYS J 10 19.19 33.66 -11.68
CA LYS J 10 18.50 34.88 -11.30
C LYS J 10 18.43 35.03 -9.79
N GLY J 11 17.68 34.13 -9.14
CA GLY J 11 17.66 34.12 -7.69
C GLY J 11 16.30 33.94 -7.06
N ARG J 12 15.24 34.07 -7.84
CA ARG J 12 13.90 33.99 -7.28
C ARG J 12 13.59 32.55 -6.85
N PRO J 13 12.91 32.39 -5.71
CA PRO J 13 12.49 31.06 -5.28
C PRO J 13 11.29 30.50 -6.03
N GLY J 14 11.21 29.17 -6.06
CA GLY J 14 10.07 28.46 -6.57
C GLY J 14 8.90 28.40 -5.60
N ASN J 15 8.50 29.57 -5.08
CA ASN J 15 7.54 29.60 -3.97
C ASN J 15 6.17 29.09 -4.39
N PHE J 16 5.76 29.33 -5.62
CA PHE J 16 4.34 29.29 -5.97
C PHE J 16 4.06 28.07 -6.82
N ALA K 4 4.26 30.35 -31.74
CA ALA K 4 3.49 30.47 -30.51
C ALA K 4 2.76 31.81 -30.46
N SER K 5 2.18 32.22 -31.58
CA SER K 5 1.41 33.45 -31.61
C SER K 5 0.20 33.35 -30.71
N VAL K 6 -0.27 34.50 -30.23
CA VAL K 6 -1.47 34.54 -29.40
C VAL K 6 -2.70 34.13 -30.20
N LEU K 7 -2.82 34.63 -31.42
CA LEU K 7 -3.95 34.35 -32.29
C LEU K 7 -3.75 33.09 -33.13
N SER K 8 -4.86 32.46 -33.51
CA SER K 8 -4.86 31.48 -34.58
C SER K 8 -4.69 32.18 -35.93
N GLY K 9 -4.42 31.41 -36.97
CA GLY K 9 -4.35 32.00 -38.31
C GLY K 9 -5.64 32.65 -38.80
N GLY K 10 -6.79 32.11 -38.38
CA GLY K 10 -8.06 32.73 -38.74
C GLY K 10 -8.33 34.02 -37.98
N GLU K 11 -8.03 34.04 -36.68
CA GLU K 11 -8.23 35.27 -35.94
C GLU K 11 -7.17 36.30 -36.31
N LEU K 12 -5.96 35.86 -36.68
CA LEU K 12 -4.97 36.77 -37.22
C LEU K 12 -5.42 37.38 -38.55
N ASP K 13 -6.08 36.57 -39.40
CA ASP K 13 -6.65 37.09 -40.63
C ASP K 13 -7.82 38.04 -40.41
N LYS K 14 -8.48 37.94 -39.25
CA LYS K 14 -9.39 39.01 -38.83
C LYS K 14 -8.61 40.23 -38.36
N TRP K 15 -7.64 40.02 -37.48
CA TRP K 15 -6.86 41.08 -36.85
C TRP K 15 -6.20 42.02 -37.85
N GLU K 16 -5.47 41.46 -38.83
CA GLU K 16 -4.78 42.28 -39.81
C GLU K 16 -5.71 43.20 -40.60
N LYS K 17 -6.99 42.84 -40.75
CA LYS K 17 -7.93 43.75 -41.41
C LYS K 17 -8.26 44.99 -40.59
N ILE K 18 -8.25 44.90 -39.25
CA ILE K 18 -8.71 46.01 -38.44
C ILE K 18 -7.76 47.20 -38.59
N ARG K 19 -8.33 48.39 -38.73
CA ARG K 19 -7.57 49.62 -38.91
C ARG K 19 -7.42 50.41 -37.62
N LEU K 20 -6.27 51.06 -37.47
CA LEU K 20 -5.90 51.72 -36.22
C LEU K 20 -6.84 52.87 -35.87
N ARG K 21 -7.17 53.72 -36.85
CA ARG K 21 -8.05 54.85 -36.62
C ARG K 21 -9.31 54.76 -37.47
N PRO K 22 -10.44 55.26 -36.96
CA PRO K 22 -11.73 54.95 -37.58
C PRO K 22 -11.81 55.31 -39.06
N GLY K 23 -11.17 56.39 -39.47
CA GLY K 23 -11.11 56.76 -40.87
C GLY K 23 -9.80 56.47 -41.56
N GLY K 24 -8.87 55.78 -40.88
CA GLY K 24 -7.51 55.72 -41.36
C GLY K 24 -7.28 54.66 -42.41
N LYS K 25 -6.10 54.73 -43.03
CA LYS K 25 -5.61 53.73 -43.97
C LYS K 25 -4.77 52.63 -43.33
N LYS K 26 -4.18 52.91 -42.16
CA LYS K 26 -3.24 51.99 -41.53
C LYS K 26 -3.94 50.82 -40.84
N GLN K 27 -3.53 49.61 -41.19
CA GLN K 27 -4.02 48.38 -40.59
C GLN K 27 -3.20 48.04 -39.33
N TYR K 28 -3.80 47.23 -38.46
CA TYR K 28 -3.05 46.46 -37.47
C TYR K 28 -2.14 45.41 -38.10
N LYS K 29 -1.09 45.05 -37.34
CA LYS K 29 -0.13 44.05 -37.76
C LYS K 29 0.20 43.15 -36.58
N LEU K 30 0.82 42.01 -36.88
CA LEU K 30 1.24 41.06 -35.84
C LEU K 30 2.25 41.67 -34.88
N LYS K 31 3.16 42.52 -35.40
CA LYS K 31 4.16 43.14 -34.54
C LYS K 31 3.54 43.97 -33.43
N HIS K 32 2.32 44.48 -33.61
CA HIS K 32 1.66 45.21 -32.54
C HIS K 32 1.26 44.28 -31.39
N ILE K 33 0.92 43.03 -31.69
CA ILE K 33 0.68 42.05 -30.64
C ILE K 33 1.99 41.67 -29.97
N VAL K 34 3.05 41.53 -30.77
CA VAL K 34 4.35 41.19 -30.20
C VAL K 34 4.82 42.28 -29.24
N TRP K 35 4.74 43.55 -29.68
CA TRP K 35 5.06 44.69 -28.83
C TRP K 35 4.21 44.72 -27.56
N ALA K 36 2.90 44.50 -27.68
CA ALA K 36 2.06 44.48 -26.47
C ALA K 36 2.49 43.40 -25.49
N SER K 37 2.80 42.20 -25.99
CA SER K 37 3.25 41.13 -25.12
C SER K 37 4.61 41.44 -24.50
N ARG K 38 5.45 42.18 -25.20
CA ARG K 38 6.75 42.60 -24.68
C ARG K 38 6.65 43.79 -23.72
N GLU K 39 5.58 44.58 -23.82
CA GLU K 39 5.35 45.71 -22.94
C GLU K 39 4.69 45.31 -21.62
N LEU K 40 3.82 44.31 -21.64
CA LEU K 40 3.15 43.90 -20.40
C LEU K 40 4.14 43.47 -19.31
N GLU K 41 5.30 42.92 -19.68
CA GLU K 41 6.29 42.54 -18.67
C GLU K 41 7.01 43.73 -18.05
N ARG K 42 6.89 44.93 -18.61
CA ARG K 42 7.36 46.13 -17.89
C ARG K 42 6.46 46.43 -16.70
N PHE K 43 5.15 46.35 -16.86
CA PHE K 43 4.19 46.53 -15.78
C PHE K 43 4.13 45.33 -14.84
N ALA K 44 4.93 44.29 -15.08
CA ALA K 44 4.87 43.03 -14.33
C ALA K 44 3.47 42.42 -14.32
N VAL K 45 2.78 42.54 -15.45
CA VAL K 45 1.53 41.81 -15.68
C VAL K 45 1.88 40.49 -16.36
N ASN K 46 1.10 39.46 -16.06
CA ASN K 46 1.35 38.14 -16.63
C ASN K 46 0.97 38.11 -18.10
N PRO K 47 1.94 37.97 -19.02
CA PRO K 47 1.60 38.03 -20.46
C PRO K 47 0.79 36.84 -20.96
N GLY K 48 0.66 35.77 -20.17
CA GLY K 48 -0.14 34.63 -20.60
C GLY K 48 -1.62 34.88 -20.60
N LEU K 49 -2.07 35.94 -19.92
CA LEU K 49 -3.48 36.31 -19.92
C LEU K 49 -3.95 36.83 -21.28
N LEU K 50 -3.04 37.24 -22.16
CA LEU K 50 -3.41 37.67 -23.50
C LEU K 50 -4.05 36.55 -24.32
N GLU K 51 -3.98 35.31 -23.88
CA GLU K 51 -4.41 34.18 -24.67
C GLU K 51 -5.90 33.87 -24.54
N THR K 52 -6.59 34.51 -23.60
CA THR K 52 -8.00 34.26 -23.36
C THR K 52 -8.74 35.59 -23.25
N SER K 53 -10.03 35.56 -23.60
CA SER K 53 -10.86 36.75 -23.49
C SER K 53 -11.02 37.19 -22.04
N GLU K 54 -11.08 36.23 -21.12
CA GLU K 54 -11.11 36.58 -19.70
C GLU K 54 -9.81 37.21 -19.25
N GLY K 55 -8.67 36.71 -19.73
CA GLY K 55 -7.40 37.33 -19.39
C GLY K 55 -7.28 38.73 -19.93
N CYS K 56 -7.76 38.96 -21.16
CA CYS K 56 -7.73 40.30 -21.72
C CYS K 56 -8.63 41.24 -20.91
N ARG K 57 -9.81 40.77 -20.50
CA ARG K 57 -10.68 41.57 -19.66
C ARG K 57 -10.03 41.90 -18.33
N GLN K 58 -9.23 40.98 -17.79
CA GLN K 58 -8.57 41.23 -16.51
C GLN K 58 -7.44 42.24 -16.65
N ILE K 59 -6.64 42.10 -17.71
CA ILE K 59 -5.58 43.08 -17.96
C ILE K 59 -6.17 44.47 -18.16
N LEU K 60 -7.25 44.57 -18.94
CA LEU K 60 -7.91 45.85 -19.12
C LEU K 60 -8.42 46.43 -17.80
N GLY K 61 -9.05 45.60 -16.96
CA GLY K 61 -9.49 46.05 -15.67
C GLY K 61 -8.37 46.51 -14.74
N GLN K 62 -7.17 45.98 -14.94
CA GLN K 62 -6.02 46.44 -14.15
C GLN K 62 -5.35 47.70 -14.71
N LEU K 63 -5.27 47.82 -16.03
CA LEU K 63 -4.72 49.02 -16.67
C LEU K 63 -5.65 50.24 -16.59
N GLN K 64 -6.97 50.04 -16.57
CA GLN K 64 -7.92 51.14 -16.70
C GLN K 64 -7.71 52.33 -15.76
N PRO K 65 -7.51 52.16 -14.46
CA PRO K 65 -7.34 53.35 -13.60
C PRO K 65 -6.10 54.19 -13.89
N SER K 66 -5.11 53.67 -14.62
CA SER K 66 -3.93 54.43 -14.99
C SER K 66 -4.09 55.23 -16.27
N LEU K 67 -5.24 55.13 -16.95
CA LEU K 67 -5.40 55.78 -18.25
C LEU K 67 -5.48 57.30 -18.12
N GLN K 68 -6.16 57.80 -17.09
CA GLN K 68 -6.45 59.22 -16.97
C GLN K 68 -5.18 60.06 -17.07
N THR K 69 -4.09 59.58 -16.49
CA THR K 69 -2.79 60.24 -16.56
C THR K 69 -1.79 59.45 -17.40
N GLY K 70 -2.25 58.43 -18.12
CA GLY K 70 -1.35 57.48 -18.74
C GLY K 70 -0.60 58.04 -19.94
N SER K 71 0.63 57.58 -20.08
CA SER K 71 1.50 57.93 -21.21
C SER K 71 0.98 57.32 -22.52
N GLU K 72 1.59 57.78 -23.62
CA GLU K 72 1.28 57.24 -24.95
C GLU K 72 1.43 55.73 -25.01
N GLU K 73 2.43 55.17 -24.32
CA GLU K 73 2.64 53.73 -24.35
C GLU K 73 1.54 52.99 -23.62
N LEU K 74 1.07 53.53 -22.49
CA LEU K 74 -0.02 52.88 -21.78
C LEU K 74 -1.33 52.98 -22.55
N ARG K 75 -1.62 54.13 -23.16
CA ARG K 75 -2.83 54.24 -23.98
C ARG K 75 -2.78 53.32 -25.20
N SER K 76 -1.61 53.20 -25.84
CA SER K 76 -1.47 52.29 -26.97
C SER K 76 -1.65 50.84 -26.55
N LEU K 77 -1.10 50.46 -25.40
CA LEU K 77 -1.26 49.11 -24.91
C LEU K 77 -2.70 48.81 -24.53
N TYR K 78 -3.36 49.75 -23.87
CA TYR K 78 -4.77 49.55 -23.52
C TYR K 78 -5.63 49.38 -24.77
N ASN K 79 -5.43 50.21 -25.78
CA ASN K 79 -6.24 50.10 -26.99
C ASN K 79 -5.96 48.80 -27.75
N THR K 80 -4.69 48.39 -27.80
CA THR K 80 -4.34 47.12 -28.44
C THR K 80 -4.98 45.93 -27.74
N ILE K 81 -4.94 45.92 -26.41
CA ILE K 81 -5.56 44.82 -25.66
C ILE K 81 -7.08 44.87 -25.75
N ALA K 82 -7.67 46.06 -25.87
CA ALA K 82 -9.11 46.13 -26.14
C ALA K 82 -9.47 45.48 -27.48
N VAL K 83 -8.70 45.79 -28.52
CA VAL K 83 -8.98 45.19 -29.82
C VAL K 83 -8.76 43.68 -29.78
N LEU K 84 -7.71 43.22 -29.09
CA LEU K 84 -7.47 41.78 -28.98
C LEU K 84 -8.56 41.08 -28.18
N TYR K 85 -9.10 41.73 -27.16
CA TYR K 85 -10.30 41.22 -26.49
C TYR K 85 -11.48 41.08 -27.45
N CYS K 86 -11.71 42.08 -28.28
CA CYS K 86 -12.80 41.98 -29.26
C CYS K 86 -12.58 40.87 -30.28
N VAL K 87 -11.34 40.69 -30.74
CA VAL K 87 -11.01 39.57 -31.61
C VAL K 87 -11.25 38.22 -30.93
N HIS K 88 -10.87 38.09 -29.66
CA HIS K 88 -11.16 36.83 -28.95
C HIS K 88 -12.65 36.63 -28.69
N GLN K 89 -13.41 37.71 -28.46
CA GLN K 89 -14.86 37.57 -28.46
C GLN K 89 -15.40 37.35 -29.87
N ARG K 90 -14.55 37.46 -30.89
CA ARG K 90 -14.96 37.36 -32.29
C ARG K 90 -16.06 38.35 -32.65
N ILE K 91 -16.01 39.53 -32.04
CA ILE K 91 -16.89 40.62 -32.44
C ILE K 91 -16.30 41.27 -33.68
N ASP K 92 -17.13 41.50 -34.69
CA ASP K 92 -16.63 41.99 -35.99
C ASP K 92 -16.45 43.50 -35.97
N VAL K 93 -15.67 43.97 -35.01
CA VAL K 93 -15.32 45.38 -34.92
C VAL K 93 -14.39 45.75 -36.08
N LYS K 94 -14.52 46.98 -36.57
CA LYS K 94 -13.71 47.45 -37.68
C LYS K 94 -12.60 48.42 -37.28
N ASP K 95 -12.66 49.02 -36.09
CA ASP K 95 -11.65 49.97 -35.67
C ASP K 95 -11.56 50.00 -34.15
N THR K 96 -10.52 50.69 -33.65
CA THR K 96 -10.31 50.80 -32.22
C THR K 96 -11.46 51.49 -31.50
N LYS K 97 -12.12 52.45 -32.16
CA LYS K 97 -13.21 53.14 -31.48
C LYS K 97 -14.43 52.24 -31.35
N GLU K 98 -14.68 51.42 -32.38
CA GLU K 98 -15.69 50.37 -32.27
C GLU K 98 -15.36 49.40 -31.14
N ALA K 99 -14.11 48.94 -31.08
CA ALA K 99 -13.69 48.05 -30.00
C ALA K 99 -13.92 48.66 -28.62
N LEU K 100 -13.56 49.93 -28.45
CA LEU K 100 -13.75 50.60 -27.17
C LEU K 100 -15.22 50.78 -26.84
N ASP K 101 -16.05 51.12 -27.83
CA ASP K 101 -17.49 51.23 -27.57
C ASP K 101 -18.08 49.87 -27.20
N LYS K 102 -17.67 48.81 -27.90
CA LYS K 102 -18.13 47.47 -27.57
C LYS K 102 -17.80 47.10 -26.14
N ILE K 103 -16.60 47.46 -25.68
CA ILE K 103 -16.23 47.14 -24.30
C ILE K 103 -16.96 48.04 -23.30
N GLU K 104 -17.13 49.32 -23.65
CA GLU K 104 -17.84 50.24 -22.75
C GLU K 104 -19.29 49.84 -22.57
N GLU K 105 -19.91 49.28 -23.60
CA GLU K 105 -21.30 48.83 -23.48
C GLU K 105 -21.47 47.78 -22.40
N GLU K 106 -20.43 46.99 -22.12
CA GLU K 106 -20.51 45.99 -21.08
C GLU K 106 -20.59 46.61 -19.68
N GLN K 107 -20.08 47.83 -19.51
CA GLN K 107 -20.06 48.45 -18.19
C GLN K 107 -21.46 48.84 -17.75
N LYS L 10 10.44 51.60 -32.82
CA LYS L 10 10.05 51.07 -31.53
C LYS L 10 9.05 49.93 -31.70
N GLY L 11 7.85 50.25 -32.18
CA GLY L 11 6.88 49.22 -32.49
C GLY L 11 5.46 49.51 -32.05
N ARG L 12 5.27 50.53 -31.21
CA ARG L 12 3.93 50.81 -30.70
C ARG L 12 3.03 51.35 -31.80
N PRO L 13 1.76 50.94 -31.83
CA PRO L 13 0.81 51.47 -32.81
C PRO L 13 0.31 52.87 -32.47
N GLY L 14 -0.09 53.58 -33.53
CA GLY L 14 -0.76 54.86 -33.41
C GLY L 14 -2.23 54.74 -33.05
N ASN L 15 -2.54 53.99 -31.99
CA ASN L 15 -3.93 53.63 -31.69
C ASN L 15 -4.75 54.84 -31.29
N PHE L 16 -4.16 55.82 -30.63
CA PHE L 16 -4.94 56.78 -29.85
C PHE L 16 -4.91 58.13 -30.53
N ALA M 4 -11.19 -9.65 -48.12
CA ALA M 4 -12.54 -10.04 -47.78
C ALA M 4 -12.69 -10.28 -46.28
N SER M 5 -12.09 -9.40 -45.48
CA SER M 5 -12.21 -9.52 -44.04
C SER M 5 -13.66 -9.34 -43.60
N VAL M 6 -14.00 -9.92 -42.46
CA VAL M 6 -15.34 -9.77 -41.91
C VAL M 6 -15.60 -8.32 -41.49
N LEU M 7 -14.62 -7.70 -40.84
CA LEU M 7 -14.74 -6.33 -40.36
C LEU M 7 -14.30 -5.31 -41.40
N SER M 8 -14.85 -4.10 -41.30
CA SER M 8 -14.31 -2.93 -41.97
C SER M 8 -13.01 -2.51 -41.27
N GLY M 9 -12.26 -1.61 -41.92
CA GLY M 9 -11.06 -1.08 -41.28
C GLY M 9 -11.32 -0.31 -39.99
N GLY M 10 -12.47 0.36 -39.89
CA GLY M 10 -12.82 1.04 -38.65
C GLY M 10 -13.21 0.09 -37.54
N GLU M 11 -14.00 -0.92 -37.86
CA GLU M 11 -14.36 -1.88 -36.82
C GLU M 11 -13.18 -2.76 -36.47
N LEU M 12 -12.28 -3.02 -37.42
CA LEU M 12 -11.02 -3.71 -37.10
C LEU M 12 -10.15 -2.88 -36.18
N ASP M 13 -10.12 -1.55 -36.38
CA ASP M 13 -9.40 -0.66 -35.48
C ASP M 13 -10.04 -0.57 -34.11
N LYS M 14 -11.33 -0.86 -34.00
CA LYS M 14 -11.92 -1.11 -32.68
C LYS M 14 -11.49 -2.47 -32.12
N TRP M 15 -11.61 -3.52 -32.95
CA TRP M 15 -11.34 -4.90 -32.55
C TRP M 15 -9.94 -5.10 -31.98
N GLU M 16 -8.92 -4.62 -32.69
CA GLU M 16 -7.54 -4.79 -32.24
C GLU M 16 -7.28 -4.17 -30.86
N LYS M 17 -8.04 -3.14 -30.47
CA LYS M 17 -7.87 -2.59 -29.12
C LYS M 17 -8.39 -3.52 -28.03
N ILE M 18 -9.40 -4.35 -28.29
CA ILE M 18 -10.00 -5.14 -27.22
C ILE M 18 -9.00 -6.18 -26.70
N ARG M 19 -8.93 -6.32 -25.38
CA ARG M 19 -8.01 -7.24 -24.73
C ARG M 19 -8.69 -8.54 -24.32
N LEU M 20 -7.93 -9.63 -24.40
CA LEU M 20 -8.48 -10.98 -24.22
C LEU M 20 -9.01 -11.20 -22.82
N ARG M 21 -8.26 -10.78 -21.80
CA ARG M 21 -8.68 -10.95 -20.42
C ARG M 21 -8.82 -9.61 -19.70
N PRO M 22 -9.76 -9.50 -18.76
CA PRO M 22 -10.17 -8.18 -18.26
C PRO M 22 -9.01 -7.36 -17.71
N GLY M 23 -8.03 -7.99 -17.08
CA GLY M 23 -6.85 -7.30 -16.60
C GLY M 23 -5.62 -7.50 -17.44
N GLY M 24 -5.73 -8.15 -18.60
CA GLY M 24 -4.56 -8.62 -19.31
C GLY M 24 -3.91 -7.57 -20.18
N LYS M 25 -2.70 -7.91 -20.65
CA LYS M 25 -1.97 -7.10 -21.61
C LYS M 25 -2.21 -7.50 -23.07
N LYS M 26 -2.66 -8.73 -23.32
CA LYS M 26 -2.80 -9.26 -24.67
C LYS M 26 -4.05 -8.73 -25.37
N GLN M 27 -3.84 -8.16 -26.56
CA GLN M 27 -4.92 -7.67 -27.42
C GLN M 27 -5.44 -8.80 -28.30
N TYR M 28 -6.68 -8.62 -28.78
CA TYR M 28 -7.16 -9.35 -29.96
C TYR M 28 -6.42 -8.97 -31.23
N LYS M 29 -6.43 -9.90 -32.19
CA LYS M 29 -5.79 -9.73 -33.48
C LYS M 29 -6.71 -10.25 -34.58
N LEU M 30 -6.40 -9.87 -35.82
CA LEU M 30 -7.18 -10.34 -36.98
C LEU M 30 -7.12 -11.86 -37.13
N LYS M 31 -5.97 -12.47 -36.83
CA LYS M 31 -5.83 -13.91 -36.96
C LYS M 31 -6.83 -14.66 -36.08
N HIS M 32 -7.31 -14.06 -34.99
CA HIS M 32 -8.33 -14.72 -34.19
C HIS M 32 -9.66 -14.78 -34.91
N ILE M 33 -9.97 -13.77 -35.74
CA ILE M 33 -11.17 -13.85 -36.58
C ILE M 33 -10.96 -14.88 -37.67
N VAL M 34 -9.76 -14.92 -38.24
CA VAL M 34 -9.48 -15.90 -39.30
C VAL M 34 -9.63 -17.32 -38.75
N TRP M 35 -9.04 -17.59 -37.60
CA TRP M 35 -9.18 -18.88 -36.93
C TRP M 35 -10.64 -19.21 -36.63
N ALA M 36 -11.41 -18.25 -36.11
CA ALA M 36 -12.82 -18.52 -35.84
C ALA M 36 -13.58 -18.89 -37.11
N SER M 37 -13.32 -18.18 -38.21
CA SER M 37 -13.98 -18.49 -39.47
C SER M 37 -13.54 -19.85 -40.02
N ARG M 38 -12.30 -20.26 -39.73
CA ARG M 38 -11.80 -21.56 -40.14
C ARG M 38 -12.27 -22.69 -39.23
N GLU M 39 -12.64 -22.37 -37.99
CA GLU M 39 -13.15 -23.36 -37.04
C GLU M 39 -14.65 -23.62 -37.21
N LEU M 40 -15.43 -22.61 -37.59
CA LEU M 40 -16.86 -22.82 -37.76
C LEU M 40 -17.19 -23.90 -38.78
N GLU M 41 -16.35 -24.09 -39.80
CA GLU M 41 -16.61 -25.14 -40.78
C GLU M 41 -16.33 -26.55 -40.25
N ARG M 42 -15.67 -26.69 -39.10
CA ARG M 42 -15.61 -28.00 -38.45
C ARG M 42 -16.97 -28.40 -37.88
N PHE M 43 -17.67 -27.46 -37.24
CA PHE M 43 -19.02 -27.68 -36.74
C PHE M 43 -20.07 -27.69 -37.84
N ALA M 44 -19.68 -27.49 -39.10
CA ALA M 44 -20.60 -27.35 -40.22
C ALA M 44 -21.62 -26.22 -40.00
N VAL M 45 -21.16 -25.14 -39.38
CA VAL M 45 -21.93 -23.90 -39.30
C VAL M 45 -21.56 -23.04 -40.49
N ASN M 46 -22.51 -22.27 -40.99
CA ASN M 46 -22.28 -21.42 -42.16
C ASN M 46 -21.41 -20.23 -41.77
N PRO M 47 -20.17 -20.14 -42.27
CA PRO M 47 -19.29 -19.04 -41.85
C PRO M 47 -19.71 -17.67 -42.34
N GLY M 48 -20.65 -17.58 -43.28
CA GLY M 48 -21.11 -16.29 -43.76
C GLY M 48 -21.96 -15.53 -42.76
N LEU M 49 -22.46 -16.21 -41.74
CA LEU M 49 -23.22 -15.55 -40.68
C LEU M 49 -22.36 -14.64 -39.81
N LEU M 50 -21.03 -14.81 -39.83
CA LEU M 50 -20.14 -13.93 -39.08
C LEU M 50 -20.20 -12.49 -39.57
N GLU M 51 -20.82 -12.21 -40.70
CA GLU M 51 -20.77 -10.90 -41.31
C GLU M 51 -21.86 -9.96 -40.80
N THR M 52 -22.82 -10.46 -40.04
CA THR M 52 -23.92 -9.67 -39.53
C THR M 52 -24.11 -9.93 -38.05
N SER M 53 -24.64 -8.93 -37.35
CA SER M 53 -24.91 -9.08 -35.93
C SER M 53 -25.99 -10.13 -35.67
N GLU M 54 -26.97 -10.23 -36.57
CA GLU M 54 -27.96 -11.29 -36.46
C GLU M 54 -27.33 -12.66 -36.68
N GLY M 55 -26.42 -12.79 -37.64
CA GLY M 55 -25.75 -14.06 -37.83
C GLY M 55 -24.89 -14.45 -36.64
N CYS M 56 -24.21 -13.48 -36.04
CA CYS M 56 -23.43 -13.78 -34.84
C CYS M 56 -24.33 -14.22 -33.69
N ARG M 57 -25.48 -13.55 -33.52
CA ARG M 57 -26.44 -13.97 -32.51
C ARG M 57 -26.95 -15.39 -32.75
N GLN M 58 -27.11 -15.76 -34.02
CA GLN M 58 -27.61 -17.10 -34.34
C GLN M 58 -26.54 -18.16 -34.08
N ILE M 59 -25.30 -17.89 -34.46
CA ILE M 59 -24.22 -18.83 -34.17
C ILE M 59 -24.08 -19.01 -32.66
N LEU M 60 -24.10 -17.90 -31.90
CA LEU M 60 -24.05 -18.02 -30.44
C LEU M 60 -25.19 -18.85 -29.89
N GLY M 61 -26.42 -18.61 -30.37
CA GLY M 61 -27.55 -19.42 -29.93
C GLY M 61 -27.44 -20.90 -30.27
N GLN M 62 -26.69 -21.22 -31.31
CA GLN M 62 -26.49 -22.63 -31.65
C GLN M 62 -25.34 -23.27 -30.86
N LEU M 63 -24.25 -22.53 -30.63
CA LEU M 63 -23.13 -23.02 -29.82
C LEU M 63 -23.43 -23.10 -28.32
N GLN M 64 -24.31 -22.23 -27.80
CA GLN M 64 -24.50 -22.11 -26.35
C GLN M 64 -24.77 -23.41 -25.60
N PRO M 65 -25.67 -24.31 -26.02
CA PRO M 65 -25.91 -25.53 -25.24
C PRO M 65 -24.71 -26.48 -25.15
N SER M 66 -23.71 -26.35 -26.01
CA SER M 66 -22.51 -27.18 -25.93
C SER M 66 -21.44 -26.63 -25.01
N LEU M 67 -21.65 -25.47 -24.38
CA LEU M 67 -20.61 -24.84 -23.57
C LEU M 67 -20.36 -25.60 -22.28
N GLN M 68 -21.42 -26.11 -21.65
CA GLN M 68 -21.31 -26.69 -20.32
C GLN M 68 -20.25 -27.79 -20.26
N THR M 69 -20.14 -28.58 -21.33
CA THR M 69 -19.13 -29.62 -21.45
C THR M 69 -18.10 -29.29 -22.52
N GLY M 70 -18.11 -28.07 -23.04
CA GLY M 70 -17.33 -27.74 -24.22
C GLY M 70 -15.84 -27.68 -23.98
N SER M 71 -15.10 -28.09 -25.00
CA SER M 71 -13.64 -28.05 -25.01
C SER M 71 -13.12 -26.61 -25.07
N GLU M 72 -11.81 -26.47 -24.84
CA GLU M 72 -11.15 -25.18 -24.94
C GLU M 72 -11.40 -24.49 -26.28
N GLU M 73 -11.45 -25.27 -27.36
CA GLU M 73 -11.67 -24.69 -28.68
C GLU M 73 -13.08 -24.14 -28.83
N LEU M 74 -14.07 -24.85 -28.29
CA LEU M 74 -15.44 -24.36 -28.35
C LEU M 74 -15.63 -23.14 -27.48
N ARG M 75 -15.05 -23.12 -26.27
CA ARG M 75 -15.15 -21.92 -25.43
C ARG M 75 -14.44 -20.72 -26.06
N SER M 76 -13.28 -20.94 -26.68
CA SER M 76 -12.57 -19.86 -27.37
C SER M 76 -13.38 -19.33 -28.55
N LEU M 77 -14.00 -20.21 -29.32
CA LEU M 77 -14.81 -19.79 -30.44
C LEU M 77 -16.05 -19.03 -29.97
N TYR M 78 -16.71 -19.52 -28.93
CA TYR M 78 -17.88 -18.82 -28.40
C TYR M 78 -17.51 -17.42 -27.92
N ASN M 79 -16.40 -17.29 -27.18
CA ASN M 79 -16.03 -15.96 -26.69
C ASN M 79 -15.61 -15.02 -27.81
N THR M 80 -14.92 -15.54 -28.83
CA THR M 80 -14.55 -14.72 -29.98
C THR M 80 -15.77 -14.23 -30.75
N ILE M 81 -16.76 -15.10 -30.95
CA ILE M 81 -17.98 -14.69 -31.65
C ILE M 81 -18.83 -13.76 -30.80
N ALA M 82 -18.78 -13.89 -29.47
CA ALA M 82 -19.44 -12.91 -28.61
C ALA M 82 -18.82 -11.53 -28.78
N VAL M 83 -17.49 -11.45 -28.79
CA VAL M 83 -16.84 -10.16 -28.96
C VAL M 83 -17.13 -9.58 -30.35
N LEU M 84 -17.12 -10.43 -31.38
CA LEU M 84 -17.44 -9.96 -32.74
C LEU M 84 -18.88 -9.48 -32.86
N TYR M 85 -19.81 -10.14 -32.17
CA TYR M 85 -21.17 -9.61 -32.06
C TYR M 85 -21.20 -8.23 -31.42
N CYS M 86 -20.46 -8.04 -30.34
CA CYS M 86 -20.42 -6.71 -29.71
C CYS M 86 -19.80 -5.65 -30.61
N VAL M 87 -18.76 -6.00 -31.35
CA VAL M 87 -18.18 -5.09 -32.35
C VAL M 87 -19.19 -4.74 -33.45
N HIS M 88 -19.95 -5.73 -33.94
CA HIS M 88 -20.98 -5.40 -34.92
C HIS M 88 -22.14 -4.60 -34.35
N GLN M 89 -22.50 -4.82 -33.08
CA GLN M 89 -23.40 -3.89 -32.44
C GLN M 89 -22.74 -2.55 -32.14
N ARG M 90 -21.43 -2.45 -32.35
CA ARG M 90 -20.64 -1.25 -32.03
C ARG M 90 -20.80 -0.83 -30.57
N ILE M 91 -20.92 -1.82 -29.69
CA ILE M 91 -20.87 -1.58 -28.25
C ILE M 91 -19.40 -1.44 -27.86
N ASP M 92 -19.09 -0.41 -27.08
CA ASP M 92 -17.70 -0.09 -26.75
C ASP M 92 -17.20 -0.93 -25.57
N VAL M 93 -17.33 -2.25 -25.74
CA VAL M 93 -16.82 -3.19 -24.75
C VAL M 93 -15.29 -3.16 -24.78
N LYS M 94 -14.68 -3.36 -23.61
CA LYS M 94 -13.23 -3.35 -23.48
C LYS M 94 -12.61 -4.73 -23.32
N ASP M 95 -13.39 -5.75 -22.94
CA ASP M 95 -12.84 -7.08 -22.74
C ASP M 95 -13.92 -8.13 -22.97
N THR M 96 -13.48 -9.41 -23.01
CA THR M 96 -14.41 -10.51 -23.22
C THR M 96 -15.45 -10.63 -22.13
N LYS M 97 -15.12 -10.25 -20.89
CA LYS M 97 -16.11 -10.39 -19.83
C LYS M 97 -17.18 -9.31 -19.96
N GLU M 98 -16.78 -8.10 -20.37
CA GLU M 98 -17.75 -7.08 -20.74
C GLU M 98 -18.64 -7.54 -21.88
N ALA M 99 -18.05 -8.09 -22.94
CA ALA M 99 -18.83 -8.62 -24.06
C ALA M 99 -19.85 -9.66 -23.62
N LEU M 100 -19.42 -10.60 -22.76
CA LEU M 100 -20.32 -11.64 -22.28
C LEU M 100 -21.43 -11.06 -21.40
N ASP M 101 -21.10 -10.09 -20.54
CA ASP M 101 -22.13 -9.46 -19.73
C ASP M 101 -23.14 -8.70 -20.60
N LYS M 102 -22.63 -7.98 -21.60
CA LYS M 102 -23.50 -7.27 -22.54
C LYS M 102 -24.48 -8.22 -23.22
N ILE M 103 -24.00 -9.40 -23.62
CA ILE M 103 -24.89 -10.36 -24.28
C ILE M 103 -25.85 -11.00 -23.26
N GLU M 104 -25.36 -11.29 -22.06
CA GLU M 104 -26.22 -11.89 -21.03
C GLU M 104 -27.35 -10.96 -20.63
N GLU M 105 -27.10 -9.65 -20.64
CA GLU M 105 -28.14 -8.69 -20.29
C GLU M 105 -29.33 -8.79 -21.24
N GLU M 106 -29.11 -9.19 -22.48
CA GLU M 106 -30.22 -9.35 -23.42
C GLU M 106 -31.14 -10.50 -23.06
N GLN M 107 -30.65 -11.50 -22.33
CA GLN M 107 -31.46 -12.67 -22.00
C GLN M 107 -32.55 -12.31 -20.99
N LYS N 10 -1.11 -22.81 -33.42
CA LYS N 10 -2.47 -23.15 -33.84
C LYS N 10 -3.24 -21.91 -34.24
N GLY N 11 -3.52 -21.04 -33.27
CA GLY N 11 -4.15 -19.78 -33.59
C GLY N 11 -5.27 -19.35 -32.65
N ARG N 12 -5.75 -20.27 -31.81
CA ARG N 12 -6.88 -19.93 -30.95
C ARG N 12 -6.45 -18.95 -29.86
N PRO N 13 -7.30 -17.99 -29.53
CA PRO N 13 -7.02 -17.05 -28.44
C PRO N 13 -7.21 -17.63 -27.06
N GLY N 14 -6.48 -17.06 -26.10
CA GLY N 14 -6.64 -17.34 -24.69
C GLY N 14 -7.84 -16.66 -24.07
N ASN N 15 -9.02 -16.80 -24.69
CA ASN N 15 -10.18 -16.00 -24.30
C ASN N 15 -10.67 -16.34 -22.90
N PHE N 16 -10.55 -17.59 -22.49
CA PHE N 16 -11.36 -18.10 -21.38
C PHE N 16 -10.48 -18.32 -20.16
N ALA O 4 -1.12 -41.06 -15.98
CA ALA O 4 -2.26 -40.16 -15.79
C ALA O 4 -3.56 -40.85 -16.19
N SER O 5 -3.72 -42.11 -15.79
CA SER O 5 -4.95 -42.83 -16.09
C SER O 5 -6.12 -42.17 -15.37
N VAL O 6 -7.32 -42.37 -15.92
CA VAL O 6 -8.53 -41.84 -15.30
C VAL O 6 -8.81 -42.53 -13.97
N LEU O 7 -8.65 -43.86 -13.94
CA LEU O 7 -8.91 -44.66 -12.76
C LEU O 7 -7.67 -44.78 -11.87
N SER O 8 -7.92 -44.99 -10.57
CA SER O 8 -6.89 -45.48 -9.66
C SER O 8 -6.61 -46.95 -9.93
N GLY O 9 -5.51 -47.47 -9.37
CA GLY O 9 -5.24 -48.89 -9.50
C GLY O 9 -6.30 -49.81 -8.92
N GLY O 10 -6.96 -49.38 -7.84
CA GLY O 10 -8.05 -50.17 -7.29
C GLY O 10 -9.31 -50.15 -8.14
N GLU O 11 -9.67 -48.98 -8.66
CA GLU O 11 -10.83 -48.92 -9.53
C GLU O 11 -10.54 -49.56 -10.88
N LEU O 12 -9.29 -49.50 -11.34
CA LEU O 12 -8.90 -50.24 -12.53
C LEU O 12 -8.99 -51.75 -12.31
N ASP O 13 -8.62 -52.22 -11.11
CA ASP O 13 -8.78 -53.63 -10.77
C ASP O 13 -10.23 -54.04 -10.64
N LYS O 14 -11.14 -53.10 -10.37
CA LYS O 14 -12.56 -53.36 -10.55
C LYS O 14 -12.93 -53.40 -12.04
N TRP O 15 -12.52 -52.38 -12.78
CA TRP O 15 -12.86 -52.19 -14.19
C TRP O 15 -12.52 -53.40 -15.05
N GLU O 16 -11.27 -53.89 -14.95
CA GLU O 16 -10.83 -55.02 -15.76
C GLU O 16 -11.68 -56.28 -15.55
N LYS O 17 -12.29 -56.44 -14.37
CA LYS O 17 -13.18 -57.57 -14.17
C LYS O 17 -14.48 -57.48 -14.96
N ILE O 18 -15.00 -56.27 -15.21
CA ILE O 18 -16.31 -56.15 -15.83
C ILE O 18 -16.27 -56.69 -17.26
N ARG O 19 -17.30 -57.45 -17.63
CA ARG O 19 -17.40 -58.07 -18.96
C ARG O 19 -18.32 -57.27 -19.87
N LEU O 20 -17.95 -57.27 -21.17
CA LEU O 20 -18.62 -56.43 -22.16
C LEU O 20 -20.08 -56.79 -22.34
N ARG O 21 -20.38 -58.09 -22.46
CA ARG O 21 -21.75 -58.54 -22.65
C ARG O 21 -22.20 -59.44 -21.51
N PRO O 22 -23.49 -59.41 -21.18
CA PRO O 22 -23.94 -60.01 -19.91
C PRO O 22 -23.57 -61.47 -19.75
N GLY O 23 -23.58 -62.24 -20.83
CA GLY O 23 -23.15 -63.62 -20.81
C GLY O 23 -21.78 -63.87 -21.38
N GLY O 24 -21.02 -62.83 -21.72
CA GLY O 24 -19.84 -63.01 -22.53
C GLY O 24 -18.61 -63.40 -21.73
N LYS O 25 -17.57 -63.79 -22.47
CA LYS O 25 -16.25 -64.08 -21.91
C LYS O 25 -15.31 -62.87 -21.93
N LYS O 26 -15.56 -61.89 -22.78
CA LYS O 26 -14.65 -60.77 -22.99
C LYS O 26 -14.75 -59.74 -21.86
N GLN O 27 -13.62 -59.42 -21.25
CA GLN O 27 -13.51 -58.40 -20.22
C GLN O 27 -13.28 -57.02 -20.86
N TYR O 28 -13.60 -55.98 -20.10
CA TYR O 28 -13.06 -54.64 -20.34
C TYR O 28 -11.56 -54.57 -20.13
N LYS O 29 -10.95 -53.58 -20.79
CA LYS O 29 -9.51 -53.33 -20.70
C LYS O 29 -9.27 -51.83 -20.61
N LEU O 30 -8.04 -51.47 -20.19
CA LEU O 30 -7.66 -50.07 -20.10
C LEU O 30 -7.72 -49.35 -21.45
N LYS O 31 -7.36 -50.05 -22.53
CA LYS O 31 -7.39 -49.43 -23.85
C LYS O 31 -8.78 -48.95 -24.23
N HIS O 32 -9.84 -49.53 -23.67
CA HIS O 32 -11.18 -49.02 -23.95
C HIS O 32 -11.41 -47.65 -23.32
N ILE O 33 -10.80 -47.40 -22.15
CA ILE O 33 -10.85 -46.06 -21.57
C ILE O 33 -10.01 -45.11 -22.40
N VAL O 34 -8.85 -45.57 -22.87
CA VAL O 34 -7.99 -44.71 -23.69
C VAL O 34 -8.71 -44.31 -24.96
N TRP O 35 -9.31 -45.28 -25.65
CA TRP O 35 -10.10 -45.01 -26.85
C TRP O 35 -11.26 -44.06 -26.57
N ALA O 36 -11.99 -44.26 -25.46
CA ALA O 36 -13.08 -43.34 -25.14
C ALA O 36 -12.58 -41.91 -24.94
N SER O 37 -11.46 -41.75 -24.24
CA SER O 37 -10.90 -40.42 -24.04
C SER O 37 -10.41 -39.81 -25.35
N ARG O 38 -9.94 -40.64 -26.28
CA ARG O 38 -9.51 -40.17 -27.59
C ARG O 38 -10.68 -39.91 -28.55
N GLU O 39 -11.83 -40.52 -28.30
CA GLU O 39 -13.03 -40.30 -29.10
C GLU O 39 -13.82 -39.08 -28.68
N LEU O 40 -13.83 -38.76 -27.38
CA LEU O 40 -14.59 -37.59 -26.93
C LEU O 40 -14.13 -36.30 -27.59
N GLU O 41 -12.84 -36.19 -27.95
CA GLU O 41 -12.37 -34.97 -28.62
C GLU O 41 -12.82 -34.86 -30.07
N ARG O 42 -13.36 -35.93 -30.67
CA ARG O 42 -14.04 -35.78 -31.95
C ARG O 42 -15.35 -35.01 -31.81
N PHE O 43 -16.14 -35.33 -30.80
CA PHE O 43 -17.37 -34.62 -30.49
C PHE O 43 -17.13 -33.24 -29.87
N ALA O 44 -15.87 -32.86 -29.67
CA ALA O 44 -15.50 -31.62 -28.96
C ALA O 44 -16.12 -31.55 -27.57
N VAL O 45 -16.19 -32.70 -26.89
CA VAL O 45 -16.54 -32.75 -25.48
C VAL O 45 -15.24 -32.69 -24.68
N ASN O 46 -15.31 -32.07 -23.51
CA ASN O 46 -14.13 -31.91 -22.67
C ASN O 46 -13.74 -33.25 -22.04
N PRO O 47 -12.60 -33.84 -22.41
CA PRO O 47 -12.24 -35.16 -21.87
C PRO O 47 -11.92 -35.18 -20.39
N GLY O 48 -11.72 -34.02 -19.76
CA GLY O 48 -11.43 -33.99 -18.34
C GLY O 48 -12.60 -34.33 -17.46
N LEU O 49 -13.82 -34.30 -18.01
CA LEU O 49 -15.01 -34.69 -17.27
C LEU O 49 -15.06 -36.19 -16.97
N LEU O 50 -14.28 -37.00 -17.69
CA LEU O 50 -14.22 -38.43 -17.40
C LEU O 50 -13.65 -38.74 -16.02
N GLU O 51 -13.08 -37.76 -15.33
CA GLU O 51 -12.39 -38.00 -14.08
C GLU O 51 -13.30 -37.97 -12.87
N THR O 52 -14.56 -37.55 -13.02
CA THR O 52 -15.50 -37.44 -11.92
C THR O 52 -16.82 -38.08 -12.32
N SER O 53 -17.55 -38.56 -11.31
CA SER O 53 -18.85 -39.16 -11.55
C SER O 53 -19.84 -38.11 -12.07
N GLU O 54 -19.73 -36.88 -11.59
CA GLU O 54 -20.56 -35.80 -12.13
C GLU O 54 -20.21 -35.50 -13.59
N GLY O 55 -18.93 -35.50 -13.93
CA GLY O 55 -18.56 -35.30 -15.32
C GLY O 55 -19.05 -36.41 -16.23
N CYS O 56 -18.98 -37.66 -15.75
CA CYS O 56 -19.51 -38.77 -16.55
C CYS O 56 -21.01 -38.64 -16.74
N ARG O 57 -21.73 -38.24 -15.68
CA ARG O 57 -23.16 -38.00 -15.80
C ARG O 57 -23.48 -36.89 -16.80
N GLN O 58 -22.61 -35.88 -16.87
CA GLN O 58 -22.85 -34.77 -17.79
C GLN O 58 -22.59 -35.19 -19.23
N ILE O 59 -21.50 -35.92 -19.46
CA ILE O 59 -21.23 -36.43 -20.80
C ILE O 59 -22.36 -37.34 -21.28
N LEU O 60 -22.82 -38.24 -20.40
CA LEU O 60 -23.96 -39.09 -20.76
C LEU O 60 -25.19 -38.28 -21.10
N GLY O 61 -25.51 -37.26 -20.29
CA GLY O 61 -26.65 -36.41 -20.59
C GLY O 61 -26.53 -35.64 -21.89
N GLN O 62 -25.30 -35.39 -22.34
CA GLN O 62 -25.12 -34.72 -23.63
C GLN O 62 -25.13 -35.69 -24.81
N LEU O 63 -24.57 -36.89 -24.65
CA LEU O 63 -24.62 -37.92 -25.70
C LEU O 63 -26.00 -38.56 -25.88
N GLN O 64 -26.81 -38.65 -24.83
CA GLN O 64 -28.05 -39.42 -24.87
C GLN O 64 -28.99 -39.12 -26.03
N PRO O 65 -29.32 -37.87 -26.36
CA PRO O 65 -30.26 -37.65 -27.48
C PRO O 65 -29.76 -38.09 -28.85
N SER O 66 -28.46 -38.33 -29.02
CA SER O 66 -27.93 -38.83 -30.29
C SER O 66 -27.94 -40.35 -30.41
N LEU O 67 -28.39 -41.07 -29.38
CA LEU O 67 -28.32 -42.53 -29.41
C LEU O 67 -29.31 -43.13 -30.40
N GLN O 68 -30.51 -42.57 -30.49
CA GLN O 68 -31.59 -43.17 -31.27
C GLN O 68 -31.15 -43.45 -32.71
N THR O 69 -30.35 -42.55 -33.29
CA THR O 69 -29.81 -42.72 -34.62
C THR O 69 -28.30 -42.93 -34.60
N GLY O 70 -27.73 -43.15 -33.43
CA GLY O 70 -26.28 -43.12 -33.27
C GLY O 70 -25.57 -44.31 -33.91
N SER O 71 -24.38 -44.03 -34.42
CA SER O 71 -23.50 -45.04 -35.01
C SER O 71 -22.94 -45.97 -33.94
N GLU O 72 -22.33 -47.06 -34.41
CA GLU O 72 -21.66 -48.02 -33.53
C GLU O 72 -20.65 -47.36 -32.60
N GLU O 73 -19.94 -46.34 -33.09
CA GLU O 73 -18.94 -45.67 -32.26
C GLU O 73 -19.59 -44.86 -31.16
N LEU O 74 -20.70 -44.19 -31.46
CA LEU O 74 -21.40 -43.44 -30.42
C LEU O 74 -22.04 -44.36 -29.38
N ARG O 75 -22.64 -45.47 -29.81
CA ARG O 75 -23.19 -46.42 -28.85
C ARG O 75 -22.09 -47.05 -27.98
N SER O 76 -20.94 -47.38 -28.57
CA SER O 76 -19.83 -47.92 -27.79
C SER O 76 -19.30 -46.91 -26.79
N LEU O 77 -19.19 -45.65 -27.20
CA LEU O 77 -18.73 -44.61 -26.28
C LEU O 77 -19.72 -44.38 -25.15
N TYR O 78 -21.01 -44.33 -25.48
CA TYR O 78 -22.02 -44.16 -24.44
C TYR O 78 -21.99 -45.30 -23.43
N ASN O 79 -21.89 -46.54 -23.90
CA ASN O 79 -21.87 -47.66 -22.97
C ASN O 79 -20.60 -47.68 -22.12
N THR O 80 -19.45 -47.34 -22.72
CA THR O 80 -18.20 -47.26 -21.96
C THR O 80 -18.26 -46.20 -20.88
N ILE O 81 -18.80 -45.03 -21.20
CA ILE O 81 -18.91 -43.96 -20.20
C ILE O 81 -19.96 -44.29 -19.15
N ALA O 82 -21.01 -45.05 -19.50
CA ALA O 82 -21.93 -45.53 -18.48
C ALA O 82 -21.23 -46.45 -17.48
N VAL O 83 -20.43 -47.38 -17.99
CA VAL O 83 -19.72 -48.29 -17.08
C VAL O 83 -18.71 -47.52 -16.24
N LEU O 84 -18.01 -46.55 -16.82
CA LEU O 84 -17.06 -45.74 -16.06
C LEU O 84 -17.75 -44.89 -14.99
N TYR O 85 -18.95 -44.38 -15.28
CA TYR O 85 -19.77 -43.75 -14.26
C TYR O 85 -20.10 -44.70 -13.12
N CYS O 86 -20.48 -45.94 -13.43
CA CYS O 86 -20.77 -46.90 -12.38
C CYS O 86 -19.53 -47.24 -11.55
N VAL O 87 -18.37 -47.38 -12.20
CA VAL O 87 -17.12 -47.57 -11.47
C VAL O 87 -16.80 -46.40 -10.54
N HIS O 88 -17.00 -45.15 -11.01
CA HIS O 88 -16.78 -44.01 -10.13
C HIS O 88 -17.82 -43.92 -9.01
N GLN O 89 -19.06 -44.32 -9.26
CA GLN O 89 -19.98 -44.48 -8.14
C GLN O 89 -19.62 -45.70 -7.28
N ARG O 90 -18.66 -46.51 -7.72
CA ARG O 90 -18.28 -47.75 -7.04
C ARG O 90 -19.47 -48.70 -6.84
N ILE O 91 -20.38 -48.70 -7.82
CA ILE O 91 -21.44 -49.69 -7.85
C ILE O 91 -20.87 -50.97 -8.41
N ASP O 92 -21.15 -52.10 -7.76
CA ASP O 92 -20.53 -53.37 -8.12
C ASP O 92 -21.30 -54.04 -9.27
N VAL O 93 -21.43 -53.29 -10.36
CA VAL O 93 -22.04 -53.81 -11.57
C VAL O 93 -21.11 -54.85 -12.20
N LYS O 94 -21.71 -55.86 -12.83
CA LYS O 94 -20.94 -56.93 -13.46
C LYS O 94 -20.90 -56.85 -14.98
N ASP O 95 -21.80 -56.10 -15.62
CA ASP O 95 -21.83 -56.01 -17.06
C ASP O 95 -22.44 -54.68 -17.50
N THR O 96 -22.33 -54.42 -18.81
CA THR O 96 -22.86 -53.18 -19.36
C THR O 96 -24.37 -53.06 -19.19
N LYS O 97 -25.09 -54.18 -19.21
CA LYS O 97 -26.54 -54.06 -19.07
C LYS O 97 -26.92 -53.73 -17.64
N GLU O 98 -26.19 -54.28 -16.67
CA GLU O 98 -26.33 -53.86 -15.29
C GLU O 98 -26.02 -52.37 -15.13
N ALA O 99 -24.91 -51.92 -15.70
CA ALA O 99 -24.56 -50.49 -15.65
C ALA O 99 -25.66 -49.60 -16.23
N LEU O 100 -26.22 -49.99 -17.37
CA LEU O 100 -27.30 -49.22 -17.98
C LEU O 100 -28.56 -49.23 -17.14
N ASP O 101 -28.91 -50.38 -16.56
CA ASP O 101 -30.08 -50.43 -15.68
C ASP O 101 -29.87 -49.57 -14.44
N LYS O 102 -28.67 -49.63 -13.86
CA LYS O 102 -28.35 -48.79 -12.70
C LYS O 102 -28.52 -47.31 -13.02
N ILE O 103 -28.11 -46.89 -14.22
CA ILE O 103 -28.25 -45.48 -14.58
C ILE O 103 -29.71 -45.16 -14.90
N GLU O 104 -30.42 -46.06 -15.56
CA GLU O 104 -31.82 -45.82 -15.89
C GLU O 104 -32.68 -45.70 -14.65
N GLU O 105 -32.33 -46.44 -13.59
CA GLU O 105 -33.09 -46.35 -12.33
C GLU O 105 -33.07 -44.93 -11.76
N GLU O 106 -32.00 -44.17 -12.02
CA GLU O 106 -31.94 -42.80 -11.53
C GLU O 106 -32.95 -41.88 -12.23
N GLN O 107 -33.38 -42.21 -13.44
CA GLN O 107 -34.28 -41.35 -14.19
C GLN O 107 -35.67 -41.36 -13.57
N LYS P 10 -8.66 -50.88 -34.36
CA LYS P 10 -9.17 -49.56 -34.02
C LYS P 10 -9.13 -49.33 -32.50
N GLY P 11 -9.96 -50.09 -31.77
CA GLY P 11 -9.90 -50.03 -30.33
C GLY P 11 -11.24 -50.00 -29.62
N ARG P 12 -12.32 -49.77 -30.36
CA ARG P 12 -13.63 -49.66 -29.73
C ARG P 12 -14.08 -51.02 -29.20
N PRO P 13 -14.73 -51.05 -28.04
CA PRO P 13 -15.28 -52.29 -27.50
C PRO P 13 -16.58 -52.72 -28.16
N GLY P 14 -16.81 -54.04 -28.12
CA GLY P 14 -18.07 -54.62 -28.53
C GLY P 14 -19.18 -54.48 -27.50
N ASN P 15 -19.41 -53.26 -27.03
CA ASN P 15 -20.29 -53.05 -25.89
C ASN P 15 -21.74 -53.39 -26.20
N PHE P 16 -22.17 -53.16 -27.44
CA PHE P 16 -23.60 -53.04 -27.71
C PHE P 16 -24.08 -54.27 -28.48
N ALA Q 4 -24.94 -53.28 -53.46
CA ALA Q 4 -25.63 -53.00 -52.20
C ALA Q 4 -26.18 -51.59 -52.19
N SER Q 5 -26.76 -51.17 -53.31
CA SER Q 5 -27.38 -49.85 -53.38
C SER Q 5 -28.55 -49.75 -52.42
N VAL Q 6 -28.84 -48.52 -51.98
CA VAL Q 6 -29.97 -48.30 -51.09
C VAL Q 6 -31.29 -48.59 -51.81
N LEU Q 7 -31.42 -48.14 -53.06
CA LEU Q 7 -32.62 -48.31 -53.85
C LEU Q 7 -32.61 -49.63 -54.63
N SER Q 8 -33.81 -50.13 -54.92
CA SER Q 8 -34.00 -51.16 -55.94
C SER Q 8 -33.81 -50.55 -57.32
N GLY Q 9 -33.69 -51.41 -58.34
CA GLY Q 9 -33.63 -50.89 -59.71
C GLY Q 9 -34.85 -50.12 -60.16
N GLY Q 10 -36.04 -50.48 -59.67
CA GLY Q 10 -37.24 -49.72 -59.99
C GLY Q 10 -37.30 -48.38 -59.30
N GLU Q 11 -36.93 -48.33 -58.02
CA GLU Q 11 -36.93 -47.05 -57.34
C GLU Q 11 -35.78 -46.19 -57.82
N LEU Q 12 -34.66 -46.78 -58.21
CA LEU Q 12 -33.59 -46.03 -58.86
C LEU Q 12 -34.04 -45.45 -60.19
N ASP Q 13 -34.84 -46.21 -60.97
CA ASP Q 13 -35.40 -45.68 -62.21
C ASP Q 13 -36.44 -44.59 -61.97
N LYS Q 14 -37.04 -44.55 -60.79
CA LYS Q 14 -37.78 -43.34 -60.39
C LYS Q 14 -36.83 -42.21 -60.02
N TRP Q 15 -35.84 -42.50 -59.18
CA TRP Q 15 -34.92 -41.51 -58.64
C TRP Q 15 -34.19 -40.72 -59.72
N GLU Q 16 -33.60 -41.41 -60.70
CA GLU Q 16 -32.86 -40.73 -61.77
C GLU Q 16 -33.72 -39.75 -62.56
N LYS Q 17 -35.03 -39.95 -62.63
CA LYS Q 17 -35.89 -38.97 -63.29
C LYS Q 17 -36.02 -37.66 -62.52
N ILE Q 18 -35.95 -37.68 -61.19
CA ILE Q 18 -36.22 -36.47 -60.42
C ILE Q 18 -35.14 -35.43 -60.69
N ARG Q 19 -35.57 -34.17 -60.86
CA ARG Q 19 -34.67 -33.07 -61.16
C ARG Q 19 -34.36 -32.23 -59.92
N LEU Q 20 -33.14 -31.73 -59.86
CA LEU Q 20 -32.61 -31.05 -58.67
C LEU Q 20 -33.39 -29.79 -58.33
N ARG Q 21 -33.66 -28.95 -59.34
CA ARG Q 21 -34.38 -27.71 -59.14
C ARG Q 21 -35.68 -27.68 -59.93
N PRO Q 22 -36.72 -27.01 -59.40
CA PRO Q 22 -38.07 -27.19 -59.94
C PRO Q 22 -38.18 -26.91 -61.43
N GLY Q 23 -37.43 -25.93 -61.93
CA GLY Q 23 -37.41 -25.64 -63.35
C GLY Q 23 -36.18 -26.12 -64.07
N GLY Q 24 -35.31 -26.90 -63.41
CA GLY Q 24 -34.00 -27.16 -63.94
C GLY Q 24 -33.95 -28.29 -64.95
N LYS Q 25 -32.80 -28.39 -65.62
CA LYS Q 25 -32.50 -29.50 -66.52
C LYS Q 25 -31.76 -30.66 -65.86
N LYS Q 26 -31.09 -30.40 -64.73
CA LYS Q 26 -30.23 -31.40 -64.10
C LYS Q 26 -31.03 -32.43 -63.32
N GLN Q 27 -30.80 -33.70 -63.62
CA GLN Q 27 -31.40 -34.82 -62.92
C GLN Q 27 -30.56 -35.20 -61.69
N TYR Q 28 -31.21 -35.88 -60.74
CA TYR Q 28 -30.51 -36.69 -59.75
C TYR Q 28 -29.77 -37.88 -60.35
N LYS Q 29 -28.74 -38.33 -59.64
CA LYS Q 29 -27.92 -39.46 -60.04
C LYS Q 29 -27.65 -40.34 -58.82
N LEU Q 30 -27.19 -41.57 -59.09
CA LEU Q 30 -26.84 -42.51 -58.02
C LEU Q 30 -25.70 -41.97 -57.15
N LYS Q 31 -24.73 -41.28 -57.75
CA LYS Q 31 -23.61 -40.74 -56.98
C LYS Q 31 -24.07 -39.79 -55.89
N HIS Q 32 -25.23 -39.14 -56.04
CA HIS Q 32 -25.72 -38.29 -54.98
C HIS Q 32 -26.17 -39.09 -53.76
N ILE Q 33 -26.69 -40.30 -53.98
CA ILE Q 33 -26.99 -41.20 -52.86
C ILE Q 33 -25.70 -41.69 -52.24
N VAL Q 34 -24.71 -42.00 -53.07
CA VAL Q 34 -23.43 -42.48 -52.55
C VAL Q 34 -22.79 -41.41 -51.68
N TRP Q 35 -22.74 -40.17 -52.18
CA TRP Q 35 -22.23 -39.04 -51.41
C TRP Q 35 -22.99 -38.83 -50.11
N ALA Q 36 -24.33 -38.90 -50.15
CA ALA Q 36 -25.09 -38.74 -48.91
C ALA Q 36 -24.75 -39.82 -47.89
N SER Q 37 -24.61 -41.07 -48.34
CA SER Q 37 -24.25 -42.15 -47.42
C SER Q 37 -22.84 -41.98 -46.89
N ARG Q 38 -21.95 -41.39 -47.68
CA ARG Q 38 -20.59 -41.10 -47.24
C ARG Q 38 -20.49 -39.87 -46.35
N GLU Q 39 -21.46 -38.96 -46.44
CA GLU Q 39 -21.49 -37.77 -45.60
C GLU Q 39 -22.12 -38.01 -44.25
N LEU Q 40 -23.12 -38.90 -44.17
CA LEU Q 40 -23.75 -39.16 -42.87
C LEU Q 40 -22.77 -39.64 -41.81
N GLU Q 41 -21.71 -40.35 -42.20
CA GLU Q 41 -20.73 -40.80 -41.22
C GLU Q 41 -19.83 -39.69 -40.70
N ARG Q 42 -19.82 -38.51 -41.32
CA ARG Q 42 -19.19 -37.35 -40.70
C ARG Q 42 -19.96 -36.87 -39.48
N PHE Q 43 -21.29 -36.80 -39.58
CA PHE Q 43 -22.15 -36.45 -38.46
C PHE Q 43 -22.31 -37.58 -37.45
N ALA Q 44 -21.67 -38.73 -37.67
CA ALA Q 44 -21.83 -39.92 -36.85
C ALA Q 44 -23.30 -40.34 -36.74
N VAL Q 45 -24.03 -40.20 -37.84
CA VAL Q 45 -25.37 -40.77 -37.96
C VAL Q 45 -25.22 -42.16 -38.58
N ASN Q 46 -26.10 -43.07 -38.20
CA ASN Q 46 -26.05 -44.45 -38.70
C ASN Q 46 -26.51 -44.50 -40.15
N PRO Q 47 -25.62 -44.80 -41.11
CA PRO Q 47 -26.02 -44.79 -42.52
C PRO Q 47 -27.00 -45.87 -42.91
N GLY Q 48 -27.22 -46.89 -42.07
CA GLY Q 48 -28.17 -47.94 -42.39
C GLY Q 48 -29.62 -47.49 -42.33
N LEU Q 49 -29.88 -46.35 -41.69
CA LEU Q 49 -31.24 -45.81 -41.66
C LEU Q 49 -31.72 -45.31 -43.01
N LEU Q 50 -30.80 -45.06 -43.96
CA LEU Q 50 -31.19 -44.66 -45.30
C LEU Q 50 -32.01 -45.72 -46.03
N GLU Q 51 -32.07 -46.94 -45.51
CA GLU Q 51 -32.69 -48.04 -46.23
C GLU Q 51 -34.19 -48.15 -46.00
N THR Q 52 -34.74 -47.39 -45.06
CA THR Q 52 -36.16 -47.44 -44.75
C THR Q 52 -36.72 -46.03 -44.68
N SER Q 53 -38.02 -45.92 -44.97
CA SER Q 53 -38.69 -44.62 -44.89
C SER Q 53 -38.71 -44.10 -43.46
N GLU Q 54 -38.85 -45.00 -42.49
CA GLU Q 54 -38.77 -44.57 -41.09
C GLU Q 54 -37.36 -44.08 -40.74
N GLY Q 55 -36.33 -44.76 -41.24
CA GLY Q 55 -34.98 -44.28 -40.98
C GLY Q 55 -34.70 -42.93 -41.62
N CYS Q 56 -35.22 -42.71 -42.83
CA CYS Q 56 -35.07 -41.41 -43.47
C CYS Q 56 -35.79 -40.32 -42.68
N ARG Q 57 -36.99 -40.62 -42.19
CA ARG Q 57 -37.71 -39.68 -41.35
C ARG Q 57 -36.95 -39.36 -40.07
N GLN Q 58 -36.24 -40.35 -39.52
CA GLN Q 58 -35.50 -40.12 -38.29
C GLN Q 58 -34.26 -39.28 -38.54
N ILE Q 59 -33.53 -39.56 -39.63
CA ILE Q 59 -32.38 -38.74 -39.98
C ILE Q 59 -32.81 -37.29 -40.23
N LEU Q 60 -33.90 -37.10 -40.97
CA LEU Q 60 -34.41 -35.75 -41.19
C LEU Q 60 -34.77 -35.06 -39.88
N GLY Q 61 -35.45 -35.76 -38.97
CA GLY Q 61 -35.76 -35.18 -37.67
C GLY Q 61 -34.55 -34.82 -36.84
N GLN Q 62 -33.43 -35.51 -37.06
CA GLN Q 62 -32.20 -35.16 -36.35
C GLN Q 62 -31.41 -34.03 -37.01
N LEU Q 63 -31.39 -33.98 -38.34
CA LEU Q 63 -30.73 -32.90 -39.07
C LEU Q 63 -31.49 -31.58 -39.02
N GLN Q 64 -32.82 -31.60 -38.92
CA GLN Q 64 -33.63 -30.39 -39.08
C GLN Q 64 -33.22 -29.20 -38.21
N PRO Q 65 -32.98 -29.32 -36.91
CA PRO Q 65 -32.62 -28.12 -36.13
C PRO Q 65 -31.30 -27.47 -36.53
N SER Q 66 -30.44 -28.14 -37.26
CA SER Q 66 -29.19 -27.55 -37.73
C SER Q 66 -29.31 -26.80 -39.06
N LEU Q 67 -30.50 -26.79 -39.68
CA LEU Q 67 -30.65 -26.19 -40.99
C LEU Q 67 -30.54 -24.66 -40.96
N GLN Q 68 -31.09 -24.04 -39.92
CA GLN Q 68 -31.20 -22.58 -39.87
C GLN Q 68 -29.84 -21.92 -40.08
N THR Q 69 -28.78 -22.51 -39.53
CA THR Q 69 -27.42 -22.02 -39.69
C THR Q 69 -26.57 -22.98 -40.53
N GLY Q 70 -27.19 -23.96 -41.17
CA GLY Q 70 -26.45 -25.05 -41.77
C GLY Q 70 -25.71 -24.64 -43.04
N SER Q 71 -24.56 -25.27 -43.22
CA SER Q 71 -23.71 -25.09 -44.39
C SER Q 71 -24.36 -25.70 -45.64
N GLU Q 72 -23.77 -25.37 -46.80
CA GLU Q 72 -24.21 -25.92 -48.07
C GLU Q 72 -24.26 -27.44 -48.06
N GLU Q 73 -23.30 -28.08 -47.39
CA GLU Q 73 -23.27 -29.54 -47.35
C GLU Q 73 -24.42 -30.10 -46.53
N LEU Q 74 -24.75 -29.46 -45.41
CA LEU Q 74 -25.87 -29.92 -44.60
C LEU Q 74 -27.19 -29.70 -45.33
N ARG Q 75 -27.37 -28.54 -45.98
CA ARG Q 75 -28.60 -28.34 -46.74
C ARG Q 75 -28.73 -29.32 -47.91
N SER Q 76 -27.62 -29.61 -48.60
CA SER Q 76 -27.65 -30.59 -49.69
C SER Q 76 -27.99 -31.98 -49.17
N LEU Q 77 -27.42 -32.37 -48.03
CA LEU Q 77 -27.72 -33.67 -47.46
C LEU Q 77 -29.17 -33.75 -47.00
N TYR Q 78 -29.68 -32.70 -46.35
CA TYR Q 78 -31.08 -32.70 -45.93
C TYR Q 78 -32.02 -32.83 -47.12
N ASN Q 79 -31.76 -32.08 -48.20
CA ASN Q 79 -32.65 -32.16 -49.36
C ASN Q 79 -32.57 -33.51 -50.05
N THR Q 80 -31.37 -34.09 -50.13
CA THR Q 80 -31.21 -35.43 -50.72
C THR Q 80 -31.96 -36.49 -49.92
N ILE Q 81 -31.86 -36.44 -48.60
CA ILE Q 81 -32.56 -37.41 -47.77
C ILE Q 81 -34.07 -37.17 -47.78
N ALA Q 82 -34.52 -35.92 -47.94
CA ALA Q 82 -35.94 -35.68 -48.14
C ALA Q 82 -36.45 -36.35 -49.43
N VAL Q 83 -35.70 -36.20 -50.51
CA VAL Q 83 -36.12 -36.82 -51.77
C VAL Q 83 -36.09 -38.34 -51.65
N LEU Q 84 -35.07 -38.89 -50.99
CA LEU Q 84 -35.00 -40.34 -50.80
C LEU Q 84 -36.13 -40.86 -49.92
N TYR Q 85 -36.54 -40.10 -48.91
CA TYR Q 85 -37.75 -40.42 -48.16
C TYR Q 85 -38.98 -40.46 -49.05
N CYS Q 86 -39.13 -39.47 -49.94
CA CYS Q 86 -40.28 -39.48 -50.84
C CYS Q 86 -40.25 -40.67 -51.81
N VAL Q 87 -39.07 -41.02 -52.31
CA VAL Q 87 -38.92 -42.22 -53.14
C VAL Q 87 -39.29 -43.49 -52.37
N HIS Q 88 -38.88 -43.61 -51.11
CA HIS Q 88 -39.28 -44.78 -50.33
C HIS Q 88 -40.76 -44.77 -49.97
N GLN Q 89 -41.37 -43.60 -49.77
CA GLN Q 89 -42.82 -43.56 -49.70
C GLN Q 89 -43.47 -43.78 -51.07
N ARG Q 90 -42.67 -43.83 -52.13
CA ARG Q 90 -43.15 -43.95 -53.51
C ARG Q 90 -44.15 -42.84 -53.86
N ILE Q 91 -43.92 -41.66 -53.33
CA ILE Q 91 -44.67 -40.48 -53.75
C ILE Q 91 -44.06 -39.98 -55.05
N ASP Q 92 -44.91 -39.69 -56.03
CA ASP Q 92 -44.44 -39.34 -57.37
C ASP Q 92 -44.08 -37.85 -57.46
N VAL Q 93 -43.18 -37.44 -56.55
CA VAL Q 93 -42.66 -36.09 -56.57
C VAL Q 93 -41.76 -35.90 -57.79
N LYS Q 94 -41.76 -34.69 -58.33
CA LYS Q 94 -40.96 -34.38 -59.51
C LYS Q 94 -39.72 -33.54 -59.21
N ASP Q 95 -39.64 -32.88 -58.07
CA ASP Q 95 -38.50 -32.04 -57.74
C ASP Q 95 -38.32 -31.94 -56.23
N THR Q 96 -37.18 -31.37 -55.84
CA THR Q 96 -36.88 -31.22 -54.41
C THR Q 96 -37.89 -30.34 -53.68
N LYS Q 97 -38.48 -29.35 -54.37
CA LYS Q 97 -39.43 -28.50 -53.67
C LYS Q 97 -40.74 -29.22 -53.44
N GLU Q 98 -41.15 -30.05 -54.40
CA GLU Q 98 -42.27 -30.96 -54.19
C GLU Q 98 -42.00 -31.91 -53.02
N ALA Q 99 -40.82 -32.52 -53.00
CA ALA Q 99 -40.45 -33.41 -51.88
C ALA Q 99 -40.53 -32.70 -50.53
N LEU Q 100 -40.00 -31.47 -50.46
CA LEU Q 100 -40.04 -30.73 -49.21
C LEU Q 100 -41.46 -30.34 -48.82
N ASP Q 101 -42.29 -29.95 -49.78
CA ASP Q 101 -43.69 -29.65 -49.47
C ASP Q 101 -44.43 -30.89 -48.99
N LYS Q 102 -44.19 -32.03 -49.64
CA LYS Q 102 -44.79 -33.30 -49.22
C LYS Q 102 -44.42 -33.63 -47.79
N ILE Q 103 -43.17 -33.40 -47.40
CA ILE Q 103 -42.77 -33.70 -46.03
C ILE Q 103 -43.33 -32.65 -45.06
N GLU Q 104 -43.36 -31.39 -45.46
CA GLU Q 104 -43.90 -30.34 -44.59
C GLU Q 104 -45.38 -30.54 -44.31
N GLU Q 105 -46.12 -31.08 -45.29
CA GLU Q 105 -47.54 -31.34 -45.08
C GLU Q 105 -47.78 -32.30 -43.93
N GLU Q 106 -46.84 -33.20 -43.66
CA GLU Q 106 -46.99 -34.13 -42.54
C GLU Q 106 -46.90 -33.44 -41.19
N GLN Q 107 -46.24 -32.29 -41.11
CA GLN Q 107 -46.07 -31.61 -39.83
C GLN Q 107 -47.39 -31.02 -39.34
N LYS R 10 -16.25 -33.06 -56.05
CA LYS R 10 -16.64 -33.48 -54.71
C LYS R 10 -17.79 -34.49 -54.76
N GLY R 11 -18.95 -34.04 -55.20
CA GLY R 11 -20.07 -34.96 -55.40
C GLY R 11 -21.41 -34.47 -54.92
N ARG R 12 -21.42 -33.40 -54.13
CA ARG R 12 -22.69 -32.93 -53.57
C ARG R 12 -23.57 -32.34 -54.67
N PRO R 13 -24.89 -32.58 -54.61
CA PRO R 13 -25.81 -31.98 -55.57
C PRO R 13 -26.12 -30.51 -55.29
N GLY R 14 -26.48 -29.81 -56.36
CA GLY R 14 -26.99 -28.45 -56.29
C GLY R 14 -28.44 -28.37 -55.85
N ASN R 15 -28.77 -29.03 -54.73
CA ASN R 15 -30.17 -29.18 -54.36
C ASN R 15 -30.83 -27.86 -53.99
N PHE R 16 -30.08 -26.94 -53.40
CA PHE R 16 -30.69 -25.85 -52.65
C PHE R 16 -30.54 -24.54 -53.41
N ALA S 4 29.79 4.87 32.12
CA ALA S 4 28.41 4.44 32.28
C ALA S 4 28.07 4.20 33.73
N SER S 5 28.52 5.11 34.61
CA SER S 5 28.20 5.00 36.01
C SER S 5 26.70 5.15 36.24
N VAL S 6 26.22 4.57 37.33
CA VAL S 6 24.81 4.68 37.68
C VAL S 6 24.45 6.12 38.04
N LEU S 7 25.31 6.78 38.81
CA LEU S 7 25.09 8.15 39.26
C LEU S 7 25.63 9.17 38.26
N SER S 8 25.02 10.36 38.27
CA SER S 8 25.62 11.54 37.67
C SER S 8 26.79 12.02 38.53
N GLY S 9 27.62 12.93 37.98
CA GLY S 9 28.68 13.51 38.78
C GLY S 9 28.22 14.28 40.00
N GLY S 10 27.05 14.92 39.93
CA GLY S 10 26.51 15.60 41.10
C GLY S 10 25.99 14.65 42.16
N GLU S 11 25.28 13.61 41.75
CA GLU S 11 24.81 12.64 42.74
C GLU S 11 25.97 11.81 43.27
N LEU S 12 27.00 11.57 42.46
CA LEU S 12 28.22 10.93 42.95
C LEU S 12 28.93 11.81 43.98
N ASP S 13 28.93 13.13 43.76
CA ASP S 13 29.50 14.05 44.74
C ASP S 13 28.67 14.14 46.02
N LYS S 14 27.38 13.79 45.94
CA LYS S 14 26.62 13.54 47.17
C LYS S 14 27.03 12.21 47.80
N TRP S 15 27.04 11.15 46.99
CA TRP S 15 27.29 9.78 47.44
C TRP S 15 28.60 9.63 48.21
N GLU S 16 29.70 10.14 47.63
CA GLU S 16 31.01 10.02 48.29
C GLU S 16 31.06 10.67 49.67
N LYS S 17 30.22 11.67 49.94
CA LYS S 17 30.17 12.23 51.28
C LYS S 17 29.55 11.30 52.31
N ILE S 18 28.61 10.44 51.92
CA ILE S 18 27.89 9.64 52.91
C ILE S 18 28.84 8.65 53.57
N ARG S 19 28.72 8.51 54.89
CA ARG S 19 29.57 7.64 55.69
C ARG S 19 28.88 6.32 56.01
N LEU S 20 29.68 5.25 56.06
CA LEU S 20 29.15 3.89 56.18
C LEU S 20 28.43 3.67 57.50
N ARG S 21 29.02 4.13 58.61
CA ARG S 21 28.42 3.95 59.92
C ARG S 21 28.13 5.30 60.58
N PRO S 22 27.06 5.38 61.39
CA PRO S 22 26.55 6.69 61.81
C PRO S 22 27.59 7.57 62.50
N GLY S 23 28.49 6.97 63.27
CA GLY S 23 29.57 7.71 63.89
C GLY S 23 30.92 7.53 63.24
N GLY S 24 30.99 6.87 62.08
CA GLY S 24 32.26 6.43 61.56
C GLY S 24 33.00 7.50 60.77
N LYS S 25 34.27 7.19 60.48
CA LYS S 25 35.10 8.01 59.61
C LYS S 25 35.08 7.59 58.15
N LYS S 26 34.70 6.34 57.85
CA LYS S 26 34.78 5.80 56.51
C LYS S 26 33.63 6.28 55.63
N GLN S 27 33.97 6.85 54.48
CA GLN S 27 33.02 7.28 53.47
C GLN S 27 32.66 6.13 52.53
N TYR S 28 31.50 6.26 51.88
CA TYR S 28 31.21 5.51 50.66
C TYR S 28 32.12 5.90 49.50
N LYS S 29 32.27 4.95 48.56
CA LYS S 29 33.08 5.13 47.37
C LYS S 29 32.33 4.56 46.16
N LEU S 30 32.80 4.94 44.97
CA LEU S 30 32.22 4.43 43.73
C LEU S 30 32.34 2.92 43.61
N LYS S 31 33.46 2.36 44.07
CA LYS S 31 33.66 0.91 43.99
C LYS S 31 32.57 0.14 44.72
N HIS S 32 31.92 0.74 45.73
CA HIS S 32 30.83 0.05 46.40
C HIS S 32 29.60 -0.07 45.49
N ILE S 33 29.38 0.92 44.62
CA ILE S 33 28.33 0.80 43.61
C ILE S 33 28.72 -0.23 42.58
N VAL S 34 29.99 -0.24 42.19
CA VAL S 34 30.45 -1.21 41.20
C VAL S 34 30.25 -2.64 41.73
N TRP S 35 30.70 -2.88 42.97
CA TRP S 35 30.50 -4.17 43.62
C TRP S 35 29.03 -4.55 43.73
N ALA S 36 28.16 -3.60 44.12
CA ALA S 36 26.73 -3.92 44.19
C ALA S 36 26.18 -4.33 42.83
N SER S 37 26.56 -3.62 41.76
CA SER S 37 26.10 -3.97 40.43
C SER S 37 26.65 -5.32 39.98
N ARG S 38 27.85 -5.67 40.43
CA ARG S 38 28.45 -6.97 40.12
C ARG S 38 27.88 -8.10 40.97
N GLU S 39 27.33 -7.78 42.14
CA GLU S 39 26.72 -8.78 43.02
C GLU S 39 25.28 -9.09 42.65
N LEU S 40 24.53 -8.11 42.15
CA LEU S 40 23.14 -8.37 41.79
C LEU S 40 22.99 -9.47 40.74
N GLU S 41 23.98 -9.64 39.85
CA GLU S 41 23.89 -10.72 38.87
C GLU S 41 24.14 -12.11 39.45
N ARG S 42 24.64 -12.22 40.68
CA ARG S 42 24.63 -13.52 41.36
C ARG S 42 23.22 -13.95 41.73
N PHE S 43 22.41 -13.02 42.26
CA PHE S 43 21.01 -13.29 42.57
C PHE S 43 20.13 -13.35 41.33
N ALA S 44 20.69 -13.14 40.14
CA ALA S 44 19.93 -13.05 38.89
C ALA S 44 18.86 -11.96 38.95
N VAL S 45 19.19 -10.85 39.61
CA VAL S 45 18.38 -9.65 39.57
C VAL S 45 18.89 -8.78 38.43
N ASN S 46 17.99 -8.04 37.78
CA ASN S 46 18.35 -7.21 36.65
C ASN S 46 19.13 -5.98 37.13
N PRO S 47 20.41 -5.85 36.82
CA PRO S 47 21.20 -4.72 37.34
C PRO S 47 20.80 -3.37 36.76
N GLY S 48 19.99 -3.32 35.71
CA GLY S 48 19.58 -2.05 35.15
C GLY S 48 18.58 -1.30 36.01
N LEU S 49 17.95 -1.99 36.96
CA LEU S 49 17.03 -1.35 37.89
C LEU S 49 17.74 -0.40 38.86
N LEU S 50 19.05 -0.54 39.03
CA LEU S 50 19.80 0.39 39.87
C LEU S 50 19.77 1.82 39.37
N GLU S 51 19.30 2.07 38.14
CA GLU S 51 19.39 3.38 37.53
C GLU S 51 18.22 4.27 37.87
N THR S 52 17.17 3.75 38.51
CA THR S 52 15.99 4.52 38.84
C THR S 52 15.59 4.26 40.29
N SER S 53 14.94 5.25 40.88
CA SER S 53 14.47 5.12 42.26
C SER S 53 13.41 4.03 42.38
N GLU S 54 12.57 3.89 41.35
CA GLU S 54 11.60 2.80 41.33
C GLU S 54 12.30 1.44 41.23
N GLY S 55 13.35 1.34 40.41
CA GLY S 55 14.07 0.09 40.33
C GLY S 55 14.77 -0.27 41.64
N CYS S 56 15.33 0.74 42.32
CA CYS S 56 15.94 0.48 43.61
C CYS S 56 14.90 0.02 44.63
N ARG S 57 13.72 0.64 44.62
CA ARG S 57 12.65 0.20 45.50
C ARG S 57 12.22 -1.23 45.21
N GLN S 58 12.25 -1.62 43.94
CA GLN S 58 11.84 -2.97 43.56
C GLN S 58 12.89 -3.99 44.00
N ILE S 59 14.16 -3.68 43.79
CA ILE S 59 15.23 -4.58 44.24
C ILE S 59 15.16 -4.75 45.76
N LEU S 60 14.99 -3.64 46.49
CA LEU S 60 14.85 -3.73 47.94
C LEU S 60 13.65 -4.60 48.34
N GLY S 61 12.51 -4.41 47.69
CA GLY S 61 11.35 -5.25 47.98
C GLY S 61 11.55 -6.72 47.69
N GLN S 62 12.45 -7.04 46.76
CA GLN S 62 12.76 -8.45 46.48
C GLN S 62 13.80 -9.03 47.43
N LEU S 63 14.82 -8.25 47.80
CA LEU S 63 15.82 -8.70 48.77
C LEU S 63 15.31 -8.77 50.21
N GLN S 64 14.35 -7.94 50.59
CA GLN S 64 13.95 -7.80 51.99
C GLN S 64 13.63 -9.10 52.73
N PRO S 65 12.82 -10.03 52.19
CA PRO S 65 12.51 -11.25 52.95
C PRO S 65 13.71 -12.15 53.22
N SER S 66 14.82 -12.00 52.51
CA SER S 66 16.02 -12.78 52.76
C SER S 66 16.94 -12.20 53.83
N LEU S 67 16.60 -11.04 54.40
CA LEU S 67 17.50 -10.36 55.33
C LEU S 67 17.59 -11.11 56.67
N GLN S 68 16.47 -11.64 57.15
CA GLN S 68 16.40 -12.20 58.49
C GLN S 68 17.48 -13.26 58.70
N THR S 69 17.76 -14.06 57.68
CA THR S 69 18.81 -15.07 57.72
C THR S 69 19.97 -14.72 56.79
N GLY S 70 19.99 -13.50 56.26
CA GLY S 70 20.92 -13.15 55.19
C GLY S 70 22.36 -13.05 55.65
N SER S 71 23.26 -13.44 54.75
CA SER S 71 24.70 -13.35 54.94
C SER S 71 25.17 -11.89 54.92
N GLU S 72 26.43 -11.71 55.33
CA GLU S 72 27.07 -10.40 55.31
C GLU S 72 26.99 -9.74 53.94
N GLU S 73 27.11 -10.52 52.88
CA GLU S 73 27.06 -9.96 51.52
C GLU S 73 25.66 -9.46 51.17
N LEU S 74 24.64 -10.20 51.58
CA LEU S 74 23.27 -9.76 51.32
C LEU S 74 22.92 -8.53 52.15
N ARG S 75 23.33 -8.48 53.42
CA ARG S 75 23.08 -7.29 54.21
C ARG S 75 23.82 -6.07 53.67
N SER S 76 25.07 -6.26 53.23
CA SER S 76 25.82 -5.16 52.63
C SER S 76 25.18 -4.66 51.35
N LEU S 77 24.70 -5.58 50.51
CA LEU S 77 24.04 -5.20 49.27
C LEU S 77 22.72 -4.47 49.55
N TYR S 78 21.94 -4.97 50.50
CA TYR S 78 20.69 -4.31 50.85
C TYR S 78 20.93 -2.89 51.35
N ASN S 79 21.92 -2.71 52.23
CA ASN S 79 22.19 -1.37 52.76
C ASN S 79 22.73 -0.43 51.68
N THR S 80 23.57 -0.94 50.78
CA THR S 80 24.07 -0.11 49.68
C THR S 80 22.95 0.33 48.75
N ILE S 81 22.03 -0.58 48.42
CA ILE S 81 20.93 -0.21 47.54
C ILE S 81 19.93 0.69 48.26
N ALA S 82 19.79 0.58 49.58
CA ALA S 82 18.99 1.55 50.32
C ALA S 82 19.57 2.95 50.22
N VAL S 83 20.89 3.06 50.40
CA VAL S 83 21.53 4.38 50.30
C VAL S 83 21.41 4.93 48.88
N LEU S 84 21.59 4.07 47.87
CA LEU S 84 21.45 4.52 46.49
C LEU S 84 20.03 4.94 46.15
N TYR S 85 19.03 4.27 46.71
CA TYR S 85 17.65 4.74 46.62
C TYR S 85 17.49 6.13 47.23
N CYS S 86 18.07 6.36 48.40
CA CYS S 86 17.97 7.69 49.01
C CYS S 86 18.68 8.77 48.17
N VAL S 87 19.84 8.44 47.60
CA VAL S 87 20.50 9.36 46.67
C VAL S 87 19.66 9.67 45.45
N HIS S 88 19.00 8.65 44.87
CA HIS S 88 18.11 8.92 43.74
C HIS S 88 16.86 9.69 44.14
N GLN S 89 16.34 9.48 45.34
CA GLN S 89 15.31 10.39 45.84
C GLN S 89 15.89 11.75 46.21
N ARG S 90 17.21 11.90 46.19
CA ARG S 90 17.90 13.12 46.59
C ARG S 90 17.53 13.55 48.01
N ILE S 91 17.32 12.57 48.89
CA ILE S 91 17.16 12.83 50.30
C ILE S 91 18.55 13.02 50.89
N ASP S 92 18.72 14.07 51.69
CA ASP S 92 20.04 14.43 52.21
C ASP S 92 20.39 13.62 53.46
N VAL S 93 20.33 12.29 53.30
CA VAL S 93 20.73 11.38 54.36
C VAL S 93 22.24 11.47 54.55
N LYS S 94 22.68 11.30 55.80
CA LYS S 94 24.10 11.36 56.12
C LYS S 94 24.74 10.00 56.40
N ASP S 95 23.95 8.96 56.68
CA ASP S 95 24.50 7.65 56.97
C ASP S 95 23.50 6.56 56.61
N THR S 96 23.99 5.31 56.66
CA THR S 96 23.13 4.17 56.33
C THR S 96 21.95 4.03 57.26
N LYS S 97 22.09 4.43 58.53
CA LYS S 97 20.97 4.27 59.43
C LYS S 97 19.89 5.31 59.15
N GLU S 98 20.30 6.53 58.78
CA GLU S 98 19.36 7.52 58.27
C GLU S 98 18.66 7.01 57.02
N ALA S 99 19.41 6.47 56.06
CA ALA S 99 18.81 5.91 54.85
C ALA S 99 17.77 4.83 55.16
N LEU S 100 18.11 3.92 56.07
CA LEU S 100 17.18 2.86 56.45
C LEU S 100 15.94 3.40 57.16
N ASP S 101 16.11 4.39 58.04
CA ASP S 101 14.95 5.00 58.69
C ASP S 101 14.07 5.71 57.67
N LYS S 102 14.68 6.43 56.74
CA LYS S 102 13.93 7.10 55.68
C LYS S 102 13.09 6.11 54.88
N ILE S 103 13.65 4.94 54.57
CA ILE S 103 12.90 3.95 53.82
C ILE S 103 11.83 3.30 54.69
N GLU S 104 12.15 3.03 55.96
CA GLU S 104 11.17 2.41 56.85
C GLU S 104 9.97 3.31 57.08
N GLU S 105 10.18 4.63 57.10
CA GLU S 105 9.07 5.57 57.28
C GLU S 105 8.02 5.41 56.18
N GLU S 106 8.43 4.99 54.98
CA GLU S 106 7.48 4.80 53.90
C GLU S 106 6.55 3.62 54.14
N GLN S 107 6.96 2.65 54.95
CA GLN S 107 6.15 1.45 55.17
C GLN S 107 4.92 1.78 56.02
N LYS T 10 38.12 -7.78 48.29
CA LYS T 10 36.84 -8.18 47.69
C LYS T 10 36.09 -6.96 47.16
N GLY T 11 35.65 -6.10 48.07
CA GLY T 11 35.03 -4.85 47.66
C GLY T 11 33.78 -4.46 48.42
N ARG T 12 33.21 -5.38 49.19
CA ARG T 12 31.97 -5.08 49.89
C ARG T 12 32.21 -4.07 51.00
N PRO T 13 31.28 -3.13 51.19
CA PRO T 13 31.39 -2.17 52.29
C PRO T 13 31.02 -2.75 53.65
N GLY T 14 31.59 -2.14 54.68
CA GLY T 14 31.23 -2.42 56.07
C GLY T 14 29.94 -1.76 56.51
N ASN T 15 28.87 -1.95 55.74
CA ASN T 15 27.64 -1.18 55.95
C ASN T 15 26.97 -1.53 57.27
N PHE T 16 27.06 -2.77 57.72
CA PHE T 16 26.13 -3.29 58.70
C PHE T 16 26.83 -3.47 60.04
N ALA U 4 36.22 -25.84 65.84
CA ALA U 4 35.04 -24.98 65.85
C ALA U 4 33.84 -25.70 65.28
N SER U 5 33.66 -26.96 65.67
CA SER U 5 32.51 -27.72 65.22
C SER U 5 31.22 -27.11 65.76
N VAL U 6 30.13 -27.35 65.04
CA VAL U 6 28.82 -26.85 65.48
C VAL U 6 28.39 -27.55 66.77
N LEU U 7 28.57 -28.86 66.84
CA LEU U 7 28.18 -29.66 67.99
C LEU U 7 29.28 -29.73 69.05
N SER U 8 28.87 -29.93 70.30
CA SER U 8 29.76 -30.37 71.36
C SER U 8 30.14 -31.83 71.14
N GLY U 9 31.15 -32.31 71.87
CA GLY U 9 31.48 -33.73 71.79
C GLY U 9 30.39 -34.67 72.24
N GLY U 10 29.56 -34.26 73.20
CA GLY U 10 28.43 -35.08 73.61
C GLY U 10 27.30 -35.11 72.59
N GLU U 11 26.99 -33.96 72.01
CA GLU U 11 25.95 -33.95 70.98
C GLU U 11 26.46 -34.59 69.70
N LEU U 12 27.75 -34.49 69.42
CA LEU U 12 28.34 -35.24 68.30
C LEU U 12 28.27 -36.74 68.54
N ASP U 13 28.47 -37.18 69.77
CA ASP U 13 28.31 -38.59 70.12
C ASP U 13 26.86 -39.06 70.05
N LYS U 14 25.91 -38.14 70.17
CA LYS U 14 24.54 -38.45 69.80
C LYS U 14 24.38 -38.53 68.28
N TRP U 15 24.86 -37.49 67.59
CA TRP U 15 24.71 -37.34 66.14
C TRP U 15 25.22 -38.55 65.35
N GLU U 16 26.45 -38.98 65.63
CA GLU U 16 27.03 -40.11 64.91
C GLU U 16 26.20 -41.39 65.02
N LYS U 17 25.44 -41.56 66.10
CA LYS U 17 24.57 -42.73 66.20
C LYS U 17 23.38 -42.69 65.23
N ILE U 18 22.87 -41.50 64.89
CA ILE U 18 21.65 -41.43 64.09
C ILE U 18 21.91 -41.98 62.68
N ARG U 19 20.97 -42.77 62.19
CA ARG U 19 21.08 -43.40 60.88
C ARG U 19 20.28 -42.66 59.81
N LEU U 20 20.82 -42.65 58.59
CA LEU U 20 20.28 -41.85 57.50
C LEU U 20 18.87 -42.26 57.12
N ARG U 21 18.62 -43.57 56.98
CA ARG U 21 17.32 -44.07 56.60
C ARG U 21 16.73 -44.98 57.68
N PRO U 22 15.40 -44.99 57.84
CA PRO U 22 14.80 -45.58 59.04
C PRO U 22 15.20 -47.03 59.26
N GLY U 23 15.36 -47.80 58.20
CA GLY U 23 15.82 -49.17 58.31
C GLY U 23 17.27 -49.39 57.95
N GLY U 24 18.04 -48.32 57.70
CA GLY U 24 19.33 -48.46 57.07
C GLY U 24 20.44 -48.82 58.04
N LYS U 25 21.59 -49.17 57.46
CA LYS U 25 22.82 -49.40 58.19
C LYS U 25 23.72 -48.17 58.29
N LYS U 26 23.57 -47.21 57.39
CA LYS U 26 24.46 -46.06 57.31
C LYS U 26 24.16 -45.03 58.39
N GLN U 27 25.19 -44.66 59.15
CA GLN U 27 25.12 -43.63 60.16
C GLN U 27 25.39 -42.26 59.55
N TYR U 28 24.93 -41.21 60.24
CA TYR U 28 25.46 -39.86 60.05
C TYR U 28 26.92 -39.73 60.48
N LYS U 29 27.58 -38.73 59.89
CA LYS U 29 28.98 -38.43 60.17
C LYS U 29 29.16 -36.92 60.29
N LEU U 30 30.29 -36.51 60.85
CA LEU U 30 30.62 -35.09 60.99
C LEU U 30 30.73 -34.39 59.63
N LYS U 31 31.27 -35.10 58.62
CA LYS U 31 31.40 -34.50 57.30
C LYS U 31 30.06 -34.06 56.72
N HIS U 32 28.95 -34.68 57.13
CA HIS U 32 27.65 -34.22 56.66
C HIS U 32 27.29 -32.85 57.23
N ILE U 33 27.71 -32.56 58.47
CA ILE U 33 27.55 -31.22 59.01
C ILE U 33 28.46 -30.24 58.30
N VAL U 34 29.68 -30.68 58.01
CA VAL U 34 30.63 -29.81 57.30
C VAL U 34 30.08 -29.43 55.93
N TRP U 35 29.62 -30.44 55.18
CA TRP U 35 29.00 -30.21 53.88
C TRP U 35 27.78 -29.29 53.99
N ALA U 36 26.91 -29.50 54.97
CA ALA U 36 25.75 -28.61 55.11
C ALA U 36 26.18 -27.17 55.37
N SER U 37 27.18 -26.96 56.21
CA SER U 37 27.67 -25.61 56.48
C SER U 37 28.32 -25.00 55.24
N ARG U 38 28.94 -25.82 54.40
CA ARG U 38 29.53 -25.36 53.15
C ARG U 38 28.50 -25.14 52.04
N GLU U 39 27.35 -25.79 52.13
CA GLU U 39 26.27 -25.62 51.16
C GLU U 39 25.39 -24.41 51.45
N LEU U 40 25.18 -24.09 52.73
CA LEU U 40 24.33 -22.94 53.05
C LEU U 40 24.85 -21.64 52.45
N GLU U 41 26.16 -21.48 52.27
CA GLU U 41 26.68 -20.27 51.65
C GLU U 41 26.43 -20.19 50.15
N ARG U 42 26.02 -21.28 49.50
CA ARG U 42 25.53 -21.17 48.13
C ARG U 42 24.18 -20.44 48.07
N PHE U 43 23.27 -20.78 48.97
CA PHE U 43 21.98 -20.09 49.09
C PHE U 43 22.10 -18.72 49.72
N ALA U 44 23.30 -18.27 50.09
CA ALA U 44 23.53 -17.03 50.83
C ALA U 44 22.70 -16.96 52.11
N VAL U 45 22.59 -18.10 52.79
CA VAL U 45 22.05 -18.16 54.14
C VAL U 45 23.21 -18.04 55.11
N ASN U 46 22.97 -17.41 56.25
CA ASN U 46 24.00 -17.20 57.25
C ASN U 46 24.34 -18.52 57.95
N PRO U 47 25.55 -19.08 57.75
CA PRO U 47 25.86 -20.39 58.35
C PRO U 47 25.98 -20.37 59.87
N GLY U 48 26.05 -19.20 60.50
CA GLY U 48 26.14 -19.14 61.94
C GLY U 48 24.86 -19.52 62.65
N LEU U 49 23.73 -19.53 61.94
CA LEU U 49 22.46 -19.96 62.51
C LEU U 49 22.42 -21.45 62.83
N LEU U 50 23.32 -22.24 62.23
CA LEU U 50 23.39 -23.67 62.55
C LEU U 50 23.75 -23.93 64.01
N GLU U 51 24.19 -22.94 64.75
CA GLU U 51 24.71 -23.13 66.09
C GLU U 51 23.63 -23.13 67.17
N THR U 52 22.40 -22.74 66.82
CA THR U 52 21.31 -22.66 67.78
C THR U 52 20.08 -23.34 67.21
N SER U 53 19.24 -23.84 68.12
CA SER U 53 18.00 -24.47 67.70
C SER U 53 17.05 -23.48 67.03
N GLU U 54 17.06 -22.23 67.50
CA GLU U 54 16.28 -21.19 66.83
C GLU U 54 16.82 -20.90 65.44
N GLY U 55 18.14 -20.86 65.28
CA GLY U 55 18.70 -20.66 63.95
C GLY U 55 18.37 -21.80 63.00
N CYS U 56 18.41 -23.03 63.50
CA CYS U 56 18.04 -24.16 62.67
C CYS U 56 16.57 -24.09 62.26
N ARG U 57 15.70 -23.71 63.19
CA ARG U 57 14.29 -23.52 62.86
C ARG U 57 14.09 -22.43 61.82
N GLN U 58 14.92 -21.39 61.86
CA GLN U 58 14.78 -20.30 60.90
C GLN U 58 15.25 -20.72 59.52
N ILE U 59 16.39 -21.43 59.45
CA ILE U 59 16.86 -21.94 58.17
C ILE U 59 15.83 -22.89 57.56
N LEU U 60 15.28 -23.79 58.37
CA LEU U 60 14.24 -24.69 57.88
C LEU U 60 13.03 -23.92 57.35
N GLY U 61 12.57 -22.91 58.09
CA GLY U 61 11.47 -22.10 57.62
C GLY U 61 11.75 -21.34 56.33
N GLN U 62 13.02 -21.05 56.06
CA GLN U 62 13.36 -20.39 54.79
C GLN U 62 13.54 -21.38 53.63
N LEU U 63 14.11 -22.55 53.90
CA LEU U 63 14.24 -23.59 52.86
C LEU U 63 12.92 -24.27 52.51
N GLN U 64 11.98 -24.39 53.44
CA GLN U 64 10.78 -25.21 53.23
C GLN U 64 10.00 -24.94 51.94
N PRO U 65 9.68 -23.71 51.54
CA PRO U 65 8.91 -23.53 50.31
C PRO U 65 9.61 -23.98 49.03
N SER U 66 10.93 -24.17 49.04
CA SER U 66 11.64 -24.66 47.88
C SER U 66 11.70 -26.18 47.78
N LEU U 67 11.13 -26.91 48.74
CA LEU U 67 11.25 -28.36 48.75
C LEU U 67 10.43 -29.01 47.64
N GLN U 68 9.24 -28.48 47.36
CA GLN U 68 8.30 -29.13 46.45
C GLN U 68 8.95 -29.41 45.10
N THR U 69 9.78 -28.49 44.62
CA THR U 69 10.52 -28.66 43.37
C THR U 69 12.02 -28.81 43.62
N GLY U 70 12.43 -29.00 44.87
CA GLY U 70 13.84 -28.93 45.21
C GLY U 70 14.66 -30.10 44.71
N SER U 71 15.90 -29.79 44.36
CA SER U 71 16.88 -30.77 43.92
C SER U 71 17.32 -31.68 45.07
N GLU U 72 18.03 -32.75 44.70
CA GLU U 72 18.60 -33.67 45.69
C GLU U 72 19.44 -32.96 46.74
N GLU U 73 20.18 -31.94 46.34
CA GLU U 73 21.03 -31.22 47.29
C GLU U 73 20.21 -30.41 48.28
N LEU U 74 19.13 -29.80 47.82
CA LEU U 74 18.27 -29.06 48.73
C LEU U 74 17.52 -29.99 49.68
N ARG U 75 17.02 -31.12 49.19
CA ARG U 75 16.38 -32.07 50.08
C ARG U 75 17.35 -32.66 51.11
N SER U 76 18.58 -32.95 50.68
CA SER U 76 19.60 -33.45 51.61
C SER U 76 19.95 -32.42 52.68
N LEU U 77 20.07 -31.15 52.27
CA LEU U 77 20.37 -30.09 53.22
C LEU U 77 19.22 -29.88 54.19
N TYR U 78 17.98 -29.88 53.70
CA TYR U 78 16.83 -29.73 54.58
C TYR U 78 16.77 -30.84 55.60
N ASN U 79 16.97 -32.09 55.17
CA ASN U 79 16.89 -33.21 56.11
C ASN U 79 18.03 -33.18 57.13
N THR U 80 19.24 -32.79 56.69
CA THR U 80 20.36 -32.67 57.62
C THR U 80 20.12 -31.60 58.66
N ILE U 81 19.59 -30.45 58.25
CA ILE U 81 19.31 -29.38 59.20
C ILE U 81 18.13 -29.73 60.11
N ALA U 82 17.17 -30.52 59.62
CA ALA U 82 16.13 -31.03 60.51
C ALA U 82 16.71 -31.91 61.61
N VAL U 83 17.61 -32.83 61.24
CA VAL U 83 18.21 -33.70 62.24
C VAL U 83 19.06 -32.89 63.22
N LEU U 84 19.81 -31.90 62.72
CA LEU U 84 20.61 -31.05 63.60
C LEU U 84 19.75 -30.21 64.54
N TYR U 85 18.59 -29.75 64.08
CA TYR U 85 17.62 -29.14 64.96
C TYR U 85 17.16 -30.08 66.06
N CYS U 86 16.87 -31.33 65.71
CA CYS U 86 16.46 -32.30 66.73
C CYS U 86 17.59 -32.59 67.73
N VAL U 87 18.83 -32.68 67.26
CA VAL U 87 19.98 -32.83 68.16
C VAL U 87 20.12 -31.63 69.10
N HIS U 88 19.95 -30.41 68.59
CA HIS U 88 19.99 -29.25 69.47
C HIS U 88 18.82 -29.17 70.44
N GLN U 89 17.63 -29.63 70.03
CA GLN U 89 16.57 -29.81 71.01
C GLN U 89 16.83 -31.00 71.92
N ARG U 90 17.87 -31.78 71.64
CA ARG U 90 18.20 -33.00 72.38
C ARG U 90 17.03 -33.98 72.42
N ILE U 91 16.26 -34.03 71.34
CA ILE U 91 15.24 -35.05 71.17
C ILE U 91 15.94 -36.33 70.71
N ASP U 92 15.60 -37.45 71.34
CA ASP U 92 16.30 -38.71 71.08
C ASP U 92 15.73 -39.41 69.85
N VAL U 93 15.73 -38.67 68.74
CA VAL U 93 15.31 -39.24 67.46
C VAL U 93 16.36 -40.25 66.98
N LYS U 94 15.88 -41.28 66.30
CA LYS U 94 16.77 -42.33 65.79
C LYS U 94 17.01 -42.28 64.30
N ASP U 95 16.18 -41.56 63.53
CA ASP U 95 16.37 -41.49 62.08
C ASP U 95 15.79 -40.19 61.55
N THR U 96 16.07 -39.92 60.26
CA THR U 96 15.58 -38.71 59.63
C THR U 96 14.06 -38.64 59.58
N LYS U 97 13.38 -39.79 59.48
CA LYS U 97 11.93 -39.72 59.41
C LYS U 97 11.33 -39.38 60.77
N GLU U 98 11.94 -39.90 61.84
CA GLU U 98 11.59 -39.47 63.19
C GLU U 98 11.83 -37.97 63.36
N ALA U 99 12.99 -37.48 62.94
CA ALA U 99 13.28 -36.05 63.02
C ALA U 99 12.24 -35.20 62.28
N LEU U 100 11.87 -35.62 61.07
CA LEU U 100 10.87 -34.88 60.30
C LEU U 100 9.50 -34.94 60.96
N ASP U 101 9.10 -36.09 61.50
CA ASP U 101 7.83 -36.17 62.21
C ASP U 101 7.83 -35.29 63.46
N LYS U 102 8.93 -35.30 64.20
CA LYS U 102 9.06 -34.44 65.37
C LYS U 102 8.89 -32.98 65.01
N ILE U 103 9.47 -32.55 63.89
CA ILE U 103 9.32 -31.15 63.49
C ILE U 103 7.92 -30.88 62.96
N GLU U 104 7.34 -31.82 62.21
CA GLU U 104 5.99 -31.62 61.69
C GLU U 104 4.96 -31.52 62.80
N GLU U 105 5.17 -32.23 63.91
CA GLU U 105 4.25 -32.16 65.03
C GLU U 105 4.14 -30.73 65.59
N GLU U 106 5.21 -29.94 65.46
CA GLU U 106 5.16 -28.57 65.93
C GLU U 106 4.24 -27.69 65.10
N GLN U 107 4.00 -28.04 63.84
CA GLN U 107 3.17 -27.22 62.97
C GLN U 107 1.71 -27.27 63.37
N LYS V 10 31.68 -36.10 46.74
CA LYS V 10 31.07 -34.80 46.98
C LYS V 10 30.89 -34.55 48.48
N GLY V 11 29.99 -35.33 49.10
CA GLY V 11 29.85 -35.25 50.55
C GLY V 11 28.41 -35.26 51.05
N ARG V 12 27.45 -35.07 50.16
CA ARG V 12 26.07 -35.00 50.60
C ARG V 12 25.58 -36.37 51.08
N PRO V 13 24.79 -36.40 52.15
CA PRO V 13 24.20 -37.66 52.62
C PRO V 13 23.03 -38.15 51.79
N GLY V 14 22.83 -39.46 51.82
CA GLY V 14 21.66 -40.10 51.24
C GLY V 14 20.41 -39.98 52.10
N ASN V 15 20.08 -38.75 52.53
CA ASN V 15 19.03 -38.57 53.53
C ASN V 15 17.66 -38.96 53.01
N PHE V 16 17.39 -38.76 51.74
CA PHE V 16 16.02 -38.70 51.25
C PHE V 16 15.69 -39.94 50.44
N ALA W 4 18.32 -39.26 25.58
CA ALA W 4 17.47 -38.99 26.72
C ALA W 4 16.87 -37.59 26.63
N SER W 5 16.43 -37.20 25.44
CA SER W 5 15.80 -35.91 25.27
C SER W 5 14.50 -35.84 26.05
N VAL W 6 14.11 -34.62 26.42
CA VAL W 6 12.85 -34.43 27.13
C VAL W 6 11.66 -34.76 26.25
N LEU W 7 11.69 -34.33 24.99
CA LEU W 7 10.62 -34.56 24.04
C LEU W 7 10.78 -35.88 23.29
N SER W 8 9.65 -36.43 22.84
CA SER W 8 9.64 -37.47 21.83
C SER W 8 10.00 -36.86 20.47
N GLY W 9 10.29 -37.73 19.49
CA GLY W 9 10.54 -37.23 18.13
C GLY W 9 9.36 -36.50 17.50
N GLY W 10 8.14 -36.90 17.83
CA GLY W 10 6.96 -36.18 17.33
C GLY W 10 6.76 -34.83 17.98
N GLU W 11 6.94 -34.76 19.30
CA GLU W 11 6.80 -33.48 19.95
C GLU W 11 7.99 -32.58 19.63
N LEU W 12 9.17 -33.15 19.40
CA LEU W 12 10.29 -32.36 18.90
C LEU W 12 10.03 -31.81 17.51
N ASP W 13 9.37 -32.60 16.65
CA ASP W 13 8.97 -32.11 15.33
C ASP W 13 7.88 -31.04 15.40
N LYS W 14 7.11 -31.01 16.49
CA LYS W 14 6.29 -29.83 16.76
C LYS W 14 7.14 -28.66 17.24
N TRP W 15 7.99 -28.91 18.22
CA TRP W 15 8.82 -27.88 18.87
C TRP W 15 9.65 -27.08 17.89
N GLU W 16 10.40 -27.76 17.01
CA GLU W 16 11.26 -27.08 16.05
C GLU W 16 10.49 -26.13 15.12
N LYS W 17 9.21 -26.38 14.88
CA LYS W 17 8.42 -25.43 14.08
C LYS W 17 8.14 -24.11 14.81
N ILE W 18 8.03 -24.11 16.14
CA ILE W 18 7.61 -22.91 16.84
C ILE W 18 8.68 -21.84 16.72
N ARG W 19 8.25 -20.60 16.46
CA ARG W 19 9.13 -19.46 16.27
C ARG W 19 9.24 -18.61 17.54
N LEU W 20 10.44 -18.05 17.76
CA LEU W 20 10.76 -17.36 19.00
C LEU W 20 9.90 -16.11 19.20
N ARG W 21 9.76 -15.30 18.15
CA ARG W 21 8.96 -14.08 18.24
C ARG W 21 7.79 -14.10 17.27
N PRO W 22 6.68 -13.46 17.64
CA PRO W 22 5.41 -13.70 16.92
C PRO W 22 5.50 -13.43 15.43
N GLY W 23 6.28 -12.43 15.02
CA GLY W 23 6.50 -12.16 13.61
C GLY W 23 7.83 -12.61 13.08
N GLY W 24 8.62 -13.34 13.86
CA GLY W 24 10.02 -13.56 13.53
C GLY W 24 10.24 -14.71 12.56
N LYS W 25 11.46 -14.78 12.05
CA LYS W 25 11.93 -15.88 11.22
C LYS W 25 12.60 -17.01 12.00
N LYS W 26 13.10 -16.72 13.20
CA LYS W 26 13.90 -17.68 13.96
C LYS W 26 13.02 -18.73 14.65
N GLN W 27 13.34 -20.00 14.40
CA GLN W 27 12.68 -21.13 15.03
C GLN W 27 13.35 -21.47 16.36
N TYR W 28 12.60 -22.16 17.21
CA TYR W 28 13.18 -22.93 18.32
C TYR W 28 14.03 -24.10 17.84
N LYS W 29 14.96 -24.50 18.70
CA LYS W 29 15.86 -25.61 18.43
C LYS W 29 16.00 -26.47 19.69
N LEU W 30 16.52 -27.69 19.51
CA LEU W 30 16.75 -28.59 20.63
C LEU W 30 17.73 -28.01 21.65
N LYS W 31 18.76 -27.30 21.17
CA LYS W 31 19.74 -26.72 22.08
C LYS W 31 19.11 -25.77 23.09
N HIS W 32 17.96 -25.16 22.76
CA HIS W 32 17.29 -24.31 23.73
C HIS W 32 16.70 -25.12 24.88
N ILE W 33 16.25 -26.35 24.61
CA ILE W 33 15.83 -27.24 25.69
C ILE W 33 17.04 -27.69 26.50
N VAL W 34 18.14 -27.97 25.82
CA VAL W 34 19.35 -28.40 26.52
C VAL W 34 19.83 -27.30 27.46
N TRP W 35 19.91 -26.06 26.95
CA TRP W 35 20.27 -24.91 27.77
C TRP W 35 19.33 -24.72 28.95
N ALA W 36 18.01 -24.83 28.71
CA ALA W 36 17.07 -24.68 29.83
C ALA W 36 17.30 -25.73 30.91
N SER W 37 17.54 -26.98 30.50
CA SER W 37 17.80 -28.04 31.47
C SER W 37 19.12 -27.82 32.21
N ARG W 38 20.09 -27.20 31.54
CA ARG W 38 21.37 -26.87 32.16
C ARG W 38 21.31 -25.63 33.04
N GLU W 39 20.33 -24.75 32.80
CA GLU W 39 20.14 -23.55 33.59
C GLU W 39 19.33 -23.80 34.86
N LEU W 40 18.36 -24.71 34.81
CA LEU W 40 17.56 -24.99 36.01
C LEU W 40 18.40 -25.43 37.21
N GLU W 41 19.52 -26.11 36.97
CA GLU W 41 20.37 -26.52 38.09
C GLU W 41 21.16 -25.36 38.72
N ARG W 42 21.21 -24.19 38.09
CA ARG W 42 21.71 -23.00 38.77
C ARG W 42 20.75 -22.54 39.86
N PHE W 43 19.46 -22.51 39.58
CA PHE W 43 18.44 -22.18 40.56
C PHE W 43 18.17 -23.29 41.56
N ALA W 44 18.88 -24.42 41.44
CA ALA W 44 18.63 -25.62 42.25
C ALA W 44 17.18 -26.09 42.16
N VAL W 45 16.62 -25.99 40.97
CA VAL W 45 15.32 -26.60 40.66
C VAL W 45 15.59 -27.99 40.09
N ASN W 46 14.70 -28.93 40.36
CA ASN W 46 14.87 -30.30 39.90
C ASN W 46 14.63 -30.38 38.40
N PRO W 47 15.64 -30.68 37.58
CA PRO W 47 15.44 -30.68 36.12
C PRO W 47 14.56 -31.81 35.61
N GLY W 48 14.27 -32.82 36.44
CA GLY W 48 13.40 -33.90 36.00
C GLY W 48 11.96 -33.51 35.85
N LEU W 49 11.55 -32.37 36.43
CA LEU W 49 10.20 -31.87 36.27
C LEU W 49 9.90 -31.41 34.85
N LEU W 50 10.92 -31.13 34.04
CA LEU W 50 10.71 -30.76 32.64
C LEU W 50 10.05 -31.86 31.82
N GLU W 51 9.95 -33.07 32.35
CA GLU W 51 9.48 -34.21 31.57
C GLU W 51 7.97 -34.36 31.58
N THR W 52 7.25 -33.60 32.42
CA THR W 52 5.81 -33.71 32.53
C THR W 52 5.20 -32.31 32.51
N SER W 53 3.96 -32.24 32.04
CA SER W 53 3.24 -30.98 32.00
C SER W 53 3.00 -30.43 33.40
N GLU W 54 2.75 -31.33 34.36
CA GLU W 54 2.63 -30.88 35.75
C GLU W 54 3.95 -30.34 36.28
N GLY W 55 5.06 -30.99 35.95
CA GLY W 55 6.36 -30.46 36.38
C GLY W 55 6.67 -29.11 35.77
N CYS W 56 6.31 -28.93 34.49
CA CYS W 56 6.52 -27.62 33.86
C CYS W 56 5.67 -26.56 34.52
N ARG W 57 4.41 -26.89 34.84
CA ARG W 57 3.54 -25.95 35.56
C ARG W 57 4.11 -25.60 36.93
N GLN W 58 4.77 -26.56 37.59
CA GLN W 58 5.33 -26.29 38.91
C GLN W 58 6.56 -25.41 38.82
N ILE W 59 7.43 -25.68 37.85
CA ILE W 59 8.60 -24.83 37.65
C ILE W 59 8.17 -23.41 37.32
N LEU W 60 7.18 -23.25 36.43
CA LEU W 60 6.67 -21.93 36.12
C LEU W 60 6.11 -21.23 37.36
N GLY W 61 5.33 -21.95 38.18
CA GLY W 61 4.81 -21.36 39.41
C GLY W 61 5.89 -20.95 40.40
N GLN W 62 7.05 -21.60 40.35
CA GLN W 62 8.16 -21.21 41.22
C GLN W 62 8.98 -20.06 40.66
N LEU W 63 9.21 -20.03 39.34
CA LEU W 63 9.92 -18.92 38.70
C LEU W 63 9.12 -17.63 38.62
N GLN W 64 7.80 -17.69 38.52
CA GLN W 64 6.97 -16.52 38.24
C GLN W 64 7.21 -15.30 39.13
N PRO W 65 7.27 -15.40 40.46
CA PRO W 65 7.49 -14.18 41.26
C PRO W 65 8.82 -13.49 41.05
N SER W 66 9.81 -14.13 40.45
CA SER W 66 11.09 -13.51 40.15
C SER W 66 11.13 -12.79 38.81
N LEU W 67 10.04 -12.81 38.03
CA LEU W 67 10.06 -12.24 36.69
C LEU W 67 10.12 -10.72 36.73
N GLN W 68 9.40 -10.09 37.67
CA GLN W 68 9.24 -8.65 37.67
C GLN W 68 10.60 -7.93 37.65
N THR W 69 11.58 -8.47 38.37
CA THR W 69 12.94 -7.95 38.38
C THR W 69 13.93 -8.88 37.68
N GLY W 70 13.43 -9.89 36.99
CA GLY W 70 14.28 -10.96 36.50
C GLY W 70 15.18 -10.54 35.35
N SER W 71 16.38 -11.13 35.34
CA SER W 71 17.37 -10.94 34.29
C SER W 71 16.92 -11.58 32.97
N GLU W 72 17.66 -11.25 31.91
CA GLU W 72 17.42 -11.83 30.59
C GLU W 72 17.42 -13.35 30.62
N GLU W 73 18.29 -13.95 31.43
CA GLU W 73 18.36 -15.41 31.50
C GLU W 73 17.14 -16.00 32.16
N LEU W 74 16.63 -15.36 33.21
CA LEU W 74 15.42 -15.84 33.85
C LEU W 74 14.20 -15.67 32.95
N ARG W 75 14.08 -14.54 32.26
CA ARG W 75 12.96 -14.37 31.33
C ARG W 75 13.03 -15.37 30.17
N SER W 76 14.24 -15.64 29.65
CA SER W 76 14.39 -16.63 28.58
C SER W 76 14.02 -18.02 29.06
N LEU W 77 14.44 -18.38 30.28
CA LEU W 77 14.10 -19.68 30.83
C LEU W 77 12.61 -19.82 31.08
N TYR W 78 11.98 -18.78 31.63
CA TYR W 78 10.54 -18.81 31.85
C TYR W 78 9.78 -18.98 30.54
N ASN W 79 10.16 -18.25 29.50
CA ASN W 79 9.44 -18.36 28.24
C ASN W 79 9.67 -19.72 27.57
N THR W 80 10.88 -20.26 27.67
CA THR W 80 11.16 -21.59 27.13
C THR W 80 10.35 -22.67 27.83
N ILE W 81 10.26 -22.60 29.16
CA ILE W 81 9.48 -23.59 29.90
C ILE W 81 7.98 -23.41 29.67
N ALA W 82 7.52 -22.17 29.43
CA ALA W 82 6.13 -21.98 29.02
C ALA W 82 5.83 -22.67 27.70
N VAL W 83 6.72 -22.51 26.72
CA VAL W 83 6.50 -23.16 25.43
C VAL W 83 6.56 -24.68 25.57
N LEU W 84 7.49 -25.19 26.38
CA LEU W 84 7.58 -26.64 26.60
C LEU W 84 6.36 -27.19 27.32
N TYR W 85 5.79 -26.42 28.24
CA TYR W 85 4.50 -26.77 28.83
C TYR W 85 3.40 -26.87 27.78
N CYS W 86 3.35 -25.89 26.87
CA CYS W 86 2.34 -25.94 25.80
C CYS W 86 2.54 -27.14 24.87
N VAL W 87 3.79 -27.46 24.54
CA VAL W 87 4.09 -28.67 23.76
C VAL W 87 3.65 -29.93 24.48
N HIS W 88 3.90 -30.03 25.79
CA HIS W 88 3.43 -31.20 26.53
C HIS W 88 1.91 -31.25 26.67
N GLN W 89 1.24 -30.09 26.77
CA GLN W 89 -0.20 -30.10 26.64
C GLN W 89 -0.64 -30.36 25.20
N ARG W 90 0.30 -30.39 24.25
CA ARG W 90 0.02 -30.55 22.83
C ARG W 90 -0.96 -29.47 22.31
N ILE W 91 -0.85 -28.27 22.86
CA ILE W 91 -1.57 -27.13 22.33
C ILE W 91 -0.80 -26.62 21.12
N ASP W 92 -1.51 -26.37 20.01
CA ASP W 92 -0.86 -26.02 18.76
C ASP W 92 -0.53 -24.53 18.69
N VAL W 93 0.20 -24.08 19.70
CA VAL W 93 0.68 -22.70 19.75
C VAL W 93 1.74 -22.50 18.67
N LYS W 94 1.78 -21.29 18.10
CA LYS W 94 2.72 -20.97 17.05
C LYS W 94 3.89 -20.09 17.49
N ASP W 95 3.78 -19.41 18.64
CA ASP W 95 4.83 -18.53 19.10
C ASP W 95 4.80 -18.42 20.62
N THR W 96 5.85 -17.80 21.18
CA THR W 96 5.94 -17.62 22.62
C THR W 96 4.81 -16.77 23.18
N LYS W 97 4.30 -15.81 22.40
CA LYS W 97 3.23 -14.98 22.95
C LYS W 97 1.92 -15.74 23.00
N GLU W 98 1.68 -16.60 22.01
CA GLU W 98 0.57 -17.54 22.08
C GLU W 98 0.70 -18.46 23.28
N ALA W 99 1.89 -19.04 23.49
CA ALA W 99 2.12 -19.90 24.65
C ALA W 99 1.84 -19.19 25.96
N LEU W 100 2.30 -17.94 26.10
CA LEU W 100 2.06 -17.17 27.32
C LEU W 100 0.60 -16.84 27.50
N ASP W 101 -0.11 -16.48 26.42
CA ASP W 101 -1.54 -16.23 26.53
C ASP W 101 -2.30 -17.49 26.92
N LYS W 102 -1.94 -18.63 26.32
CA LYS W 102 -2.55 -19.91 26.68
C LYS W 102 -2.39 -20.21 28.15
N ILE W 103 -1.20 -19.94 28.71
CA ILE W 103 -0.99 -20.20 30.13
C ILE W 103 -1.71 -19.18 30.99
N GLU W 104 -1.73 -17.90 30.57
CA GLU W 104 -2.41 -16.87 31.34
C GLU W 104 -3.91 -17.12 31.42
N GLU W 105 -4.49 -17.69 30.35
CA GLU W 105 -5.92 -17.99 30.36
C GLU W 105 -6.29 -18.95 31.49
N GLU W 106 -5.36 -19.82 31.89
CA GLU W 106 -5.64 -20.74 32.99
C GLU W 106 -5.77 -20.03 34.33
N GLN W 107 -5.16 -18.86 34.49
CA GLN W 107 -5.19 -18.16 35.77
C GLN W 107 -6.58 -17.61 36.06
N LYS X 10 26.64 -18.79 23.92
CA LYS X 10 26.08 -19.21 25.21
C LYS X 10 25.00 -20.25 25.00
N GLY X 11 23.88 -19.85 24.40
CA GLY X 11 22.85 -20.80 24.05
C GLY X 11 21.43 -20.36 24.34
N ARG X 12 21.26 -19.28 25.10
CA ARG X 12 19.92 -18.84 25.47
C ARG X 12 19.18 -18.28 24.25
N PRO X 13 17.88 -18.58 24.13
CA PRO X 13 17.08 -18.02 23.04
C PRO X 13 16.70 -16.56 23.25
N GLY X 14 16.47 -15.88 22.13
CA GLY X 14 15.91 -14.55 22.11
C GLY X 14 14.41 -14.50 22.34
N ASN X 15 13.94 -15.16 23.40
CA ASN X 15 12.51 -15.36 23.58
C ASN X 15 11.77 -14.06 23.84
N PHE X 16 12.39 -13.10 24.51
CA PHE X 16 11.65 -12.03 25.16
C PHE X 16 11.86 -10.73 24.40
#